data_5C9G
#
_entry.id   5C9G
#
_cell.length_a   63.479
_cell.length_b   128.120
_cell.length_c   209.646
_cell.angle_alpha   90.000
_cell.angle_beta   90.000
_cell.angle_gamma   90.000
#
_symmetry.space_group_name_H-M   'P 21 21 21'
#
loop_
_entity.id
_entity.type
_entity.pdbx_description
1 polymer 'Enoyl-CoA hydratase/isomerase family protein'
2 non-polymer 'TETRAETHYLENE GLYCOL'
3 non-polymer D-MALATE
4 water water
#
_entity_poly.entity_id   1
_entity_poly.type   'polypeptide(L)'
_entity_poly.pdbx_seq_one_letter_code
;(MSE)HHHHHHSSGVDLGTENLYFQS(MSE)TLPIRLDIAAPLAEIVLNKPERRNALSVD(MSE)WAAIPGLVAEANANP
DVKLILIHGGDAGAFAAGADISEFETIYATEDAAKASGQRIAQALDAIENSEKPVIAAIEGACVGGGVSLA(MSE)AADL
RVAGEGAKFGVTPGKLGLVYPAGDTRRLLAAVGPGATKDILFTGRIFTAGEAKSLGLIDRLVEKGTALEAARVWAGEIAA
ISQWSVRATKR(MSE)IRGLQTGWTDETPEAQSLFLNGFANEDFKEGYRAFLDKRPAKFTYR
;
_entity_poly.pdbx_strand_id   A,B,C,D,E,F
#
loop_
_chem_comp.id
_chem_comp.type
_chem_comp.name
_chem_comp.formula
MLT non-polymer D-MALATE 'C4 H6 O5'
PG4 non-polymer 'TETRAETHYLENE GLYCOL' 'C8 H18 O5'
#
# COMPACT_ATOMS: atom_id res chain seq x y z
N GLY A 10 48.74 -50.04 -0.04
CA GLY A 10 47.48 -50.85 -0.04
C GLY A 10 46.82 -51.01 1.33
N VAL A 11 45.59 -50.53 1.38
CA VAL A 11 44.72 -50.70 2.53
C VAL A 11 44.43 -52.21 2.82
N ASP A 12 44.40 -52.59 4.10
CA ASP A 12 44.08 -53.97 4.53
C ASP A 12 42.79 -54.53 3.86
N LEU A 13 42.87 -55.72 3.27
CA LEU A 13 41.72 -56.33 2.58
C LEU A 13 40.63 -56.94 3.50
N GLY A 14 40.91 -57.06 4.78
CA GLY A 14 39.89 -57.42 5.72
C GLY A 14 39.46 -58.89 5.64
N THR A 15 38.24 -59.10 6.10
CA THR A 15 37.68 -60.42 6.34
C THR A 15 36.40 -60.61 5.56
N GLU A 16 36.06 -61.87 5.32
CA GLU A 16 34.83 -62.20 4.65
C GLU A 16 33.62 -61.62 5.38
N ASN A 17 33.58 -61.73 6.70
CA ASN A 17 32.44 -61.24 7.45
C ASN A 17 32.20 -59.75 7.27
N LEU A 18 33.27 -58.96 7.27
CA LEU A 18 33.14 -57.52 6.97
C LEU A 18 32.64 -57.25 5.57
N TYR A 19 33.19 -58.01 4.61
CA TYR A 19 32.78 -57.86 3.23
C TYR A 19 31.28 -58.15 3.12
N PHE A 20 30.84 -59.30 3.66
CA PHE A 20 29.42 -59.68 3.58
C PHE A 20 28.50 -58.68 4.25
N GLN A 21 28.90 -58.22 5.42
CA GLN A 21 28.20 -57.10 6.06
C GLN A 21 28.01 -55.86 5.18
N SER A 22 29.06 -55.44 4.47
CA SER A 22 28.99 -54.24 3.61
C SER A 22 28.05 -54.44 2.41
N MSE A 23 27.99 -55.67 1.88
CA MSE A 23 27.11 -55.98 0.72
C MSE A 23 25.67 -56.14 1.09
O MSE A 23 24.74 -55.90 0.28
CB MSE A 23 27.54 -57.31 0.07
CG MSE A 23 28.96 -57.30 -0.49
SE MSE A 23 29.14 -55.97 -1.93
CE MSE A 23 30.21 -54.62 -0.95
N THR A 24 25.45 -56.63 2.31
CA THR A 24 24.13 -56.89 2.78
C THR A 24 23.56 -55.68 3.48
N LEU A 25 24.25 -54.54 3.59
CA LEU A 25 23.62 -53.33 4.09
C LEU A 25 22.30 -53.04 3.32
N PRO A 26 21.21 -52.77 4.05
CA PRO A 26 19.87 -52.75 3.40
C PRO A 26 19.64 -51.51 2.54
N ILE A 27 20.59 -50.60 2.62
CA ILE A 27 20.70 -49.47 1.71
C ILE A 27 22.19 -49.11 1.58
N ARG A 28 22.60 -48.68 0.40
CA ARG A 28 24.00 -48.35 0.17
C ARG A 28 24.19 -47.20 -0.81
N LEU A 29 25.41 -46.69 -0.86
CA LEU A 29 25.78 -45.66 -1.83
C LEU A 29 26.81 -46.20 -2.82
N ASP A 30 26.42 -46.26 -4.10
CA ASP A 30 27.35 -46.60 -5.19
C ASP A 30 27.84 -45.32 -5.82
N ILE A 31 29.15 -45.25 -6.06
CA ILE A 31 29.77 -44.10 -6.71
C ILE A 31 30.17 -44.52 -8.12
N ALA A 32 29.71 -43.78 -9.11
CA ALA A 32 30.11 -43.95 -10.50
C ALA A 32 30.09 -42.58 -11.15
N ALA A 33 31.18 -41.85 -10.95
CA ALA A 33 31.27 -40.43 -11.33
C ALA A 33 30.76 -40.20 -12.77
N PRO A 34 29.93 -39.17 -13.03
CA PRO A 34 29.56 -38.11 -12.08
C PRO A 34 28.33 -38.40 -11.20
N LEU A 35 27.91 -39.66 -11.10
CA LEU A 35 26.77 -40.05 -10.28
C LEU A 35 27.15 -40.72 -8.96
N ALA A 36 26.29 -40.50 -7.97
CA ALA A 36 26.19 -41.38 -6.80
C ALA A 36 24.79 -41.92 -6.75
N GLU A 37 24.64 -43.18 -6.37
CA GLU A 37 23.34 -43.84 -6.39
C GLU A 37 23.06 -44.40 -5.01
N ILE A 38 21.99 -43.91 -4.41
CA ILE A 38 21.47 -44.50 -3.16
C ILE A 38 20.59 -45.67 -3.59
N VAL A 39 21.04 -46.87 -3.27
CA VAL A 39 20.38 -48.07 -3.74
C VAL A 39 19.71 -48.76 -2.56
N LEU A 40 18.40 -48.87 -2.61
CA LEU A 40 17.65 -49.61 -1.62
C LEU A 40 17.89 -51.09 -1.94
N ASN A 41 18.21 -51.82 -0.88
CA ASN A 41 18.82 -53.13 -1.00
C ASN A 41 18.30 -54.09 0.06
N LYS A 42 16.96 -54.18 0.20
CA LYS A 42 16.31 -55.36 0.85
C LYS A 42 15.38 -56.01 -0.18
N PRO A 43 15.98 -56.55 -1.26
CA PRO A 43 15.12 -57.12 -2.33
C PRO A 43 14.14 -58.21 -1.90
N GLU A 44 14.54 -59.01 -0.93
CA GLU A 44 13.69 -60.08 -0.38
C GLU A 44 12.42 -59.59 0.36
N ARG A 45 12.37 -58.30 0.68
CA ARG A 45 11.17 -57.66 1.26
C ARG A 45 10.61 -56.54 0.36
N ARG A 46 11.01 -56.56 -0.89
CA ARG A 46 10.63 -55.52 -1.86
C ARG A 46 10.92 -54.09 -1.40
N ASN A 47 12.09 -53.98 -0.75
CA ASN A 47 12.60 -52.72 -0.22
C ASN A 47 11.69 -52.01 0.78
N ALA A 48 10.87 -52.78 1.49
CA ALA A 48 10.05 -52.24 2.58
C ALA A 48 10.97 -51.57 3.57
N LEU A 49 10.64 -50.35 3.97
CA LEU A 49 11.58 -49.50 4.67
C LEU A 49 11.64 -49.86 6.16
N SER A 50 12.84 -50.10 6.61
CA SER A 50 13.12 -50.44 7.99
C SER A 50 13.88 -49.31 8.70
N VAL A 51 13.97 -49.44 10.01
CA VAL A 51 14.70 -48.51 10.87
C VAL A 51 16.11 -48.23 10.33
N ASP A 52 16.86 -49.31 10.07
CA ASP A 52 18.27 -49.17 9.70
C ASP A 52 18.43 -48.50 8.35
N MSE A 53 17.45 -48.66 7.47
CA MSE A 53 17.46 -47.95 6.17
C MSE A 53 17.29 -46.46 6.36
O MSE A 53 18.13 -45.65 5.95
CB MSE A 53 16.38 -48.51 5.27
CG MSE A 53 16.82 -49.86 4.73
SE MSE A 53 15.28 -50.96 4.09
CE MSE A 53 15.23 -50.23 2.28
N TRP A 54 16.25 -46.09 7.08
CA TRP A 54 16.02 -44.68 7.40
C TRP A 54 17.24 -44.03 8.10
N ALA A 55 17.81 -44.77 9.06
CA ALA A 55 18.92 -44.25 9.91
C ALA A 55 20.19 -43.97 9.11
N ALA A 56 20.38 -44.75 8.07
CA ALA A 56 21.58 -44.62 7.22
C ALA A 56 21.54 -43.46 6.23
N ILE A 57 20.34 -42.97 5.89
CA ILE A 57 20.18 -42.09 4.71
C ILE A 57 20.95 -40.78 4.88
N PRO A 58 20.85 -40.11 6.04
CA PRO A 58 21.57 -38.83 6.15
C PRO A 58 23.09 -38.96 5.92
N GLY A 59 23.67 -40.08 6.38
CA GLY A 59 25.09 -40.37 6.12
C GLY A 59 25.45 -40.61 4.66
N LEU A 60 24.59 -41.33 3.97
CA LEU A 60 24.80 -41.55 2.54
C LEU A 60 24.73 -40.26 1.73
N VAL A 61 23.74 -39.43 2.05
CA VAL A 61 23.56 -38.14 1.39
C VAL A 61 24.78 -37.24 1.65
N ALA A 62 25.22 -37.20 2.91
CA ALA A 62 26.44 -36.45 3.28
C ALA A 62 27.68 -36.93 2.54
N GLU A 63 27.82 -38.24 2.40
CA GLU A 63 28.95 -38.82 1.67
C GLU A 63 28.96 -38.36 0.19
N ALA A 64 27.81 -38.48 -0.47
CA ALA A 64 27.66 -38.07 -1.87
C ALA A 64 27.99 -36.57 -2.06
N ASN A 65 27.49 -35.76 -1.13
CA ASN A 65 27.71 -34.32 -1.20
C ASN A 65 29.17 -33.91 -0.92
N ALA A 66 29.89 -34.70 -0.13
CA ALA A 66 31.30 -34.42 0.19
C ALA A 66 32.28 -34.89 -0.87
N ASN A 67 31.84 -35.80 -1.72
CA ASN A 67 32.70 -36.35 -2.79
C ASN A 67 32.67 -35.45 -4.03
N PRO A 68 33.80 -34.80 -4.38
CA PRO A 68 33.80 -33.83 -5.49
C PRO A 68 33.59 -34.43 -6.88
N ASP A 69 33.80 -35.73 -7.03
CA ASP A 69 33.53 -36.41 -8.31
C ASP A 69 32.06 -36.63 -8.54
N VAL A 70 31.24 -36.50 -7.51
CA VAL A 70 29.80 -36.69 -7.60
C VAL A 70 29.13 -35.35 -7.90
N LYS A 71 28.35 -35.32 -8.96
CA LYS A 71 27.53 -34.14 -9.32
C LYS A 71 26.05 -34.31 -9.02
N LEU A 72 25.53 -35.50 -9.30
CA LEU A 72 24.13 -35.84 -9.07
C LEU A 72 23.96 -37.14 -8.30
N ILE A 73 22.88 -37.18 -7.54
CA ILE A 73 22.52 -38.32 -6.72
C ILE A 73 21.26 -38.91 -7.32
N LEU A 74 21.26 -40.23 -7.49
CA LEU A 74 20.07 -40.99 -7.86
C LEU A 74 19.60 -41.81 -6.66
N ILE A 75 18.30 -42.07 -6.59
CA ILE A 75 17.75 -42.99 -5.59
C ILE A 75 16.86 -43.99 -6.29
N HIS A 76 17.15 -45.27 -6.09
CA HIS A 76 16.38 -46.33 -6.76
C HIS A 76 16.37 -47.64 -5.99
N GLY A 77 15.54 -48.56 -6.45
CA GLY A 77 15.34 -49.85 -5.77
C GLY A 77 16.25 -51.01 -6.16
N GLY A 78 17.32 -50.73 -6.87
CA GLY A 78 18.19 -51.74 -7.44
C GLY A 78 17.45 -52.78 -8.28
N ASP A 79 17.67 -54.05 -7.96
CA ASP A 79 17.04 -55.19 -8.68
C ASP A 79 15.99 -55.89 -7.85
N ALA A 80 15.43 -55.19 -6.88
CA ALA A 80 14.34 -55.74 -6.06
C ALA A 80 13.01 -55.89 -6.81
N GLY A 81 12.89 -55.26 -7.97
CA GLY A 81 11.59 -55.16 -8.67
C GLY A 81 10.57 -54.22 -8.01
N ALA A 82 11.02 -53.43 -7.04
CA ALA A 82 10.21 -52.43 -6.39
C ALA A 82 11.10 -51.28 -5.93
N PHE A 83 10.52 -50.09 -5.86
CA PHE A 83 11.20 -48.96 -5.29
C PHE A 83 11.20 -49.14 -3.76
N ALA A 84 10.01 -49.14 -3.18
CA ALA A 84 9.84 -49.42 -1.75
C ALA A 84 8.39 -49.80 -1.50
N ALA A 85 8.20 -50.98 -0.96
CA ALA A 85 6.88 -51.57 -0.72
C ALA A 85 6.32 -51.20 0.64
N GLY A 86 6.28 -49.90 0.95
CA GLY A 86 5.75 -49.46 2.22
C GLY A 86 6.67 -49.82 3.36
N ALA A 87 6.11 -49.74 4.56
CA ALA A 87 6.85 -50.02 5.79
C ALA A 87 6.95 -51.53 6.05
N ASP A 88 8.02 -51.90 6.72
CA ASP A 88 8.23 -53.28 7.08
C ASP A 88 7.32 -53.63 8.28
N ILE A 89 6.32 -54.49 8.05
CA ILE A 89 5.35 -54.88 9.12
C ILE A 89 6.04 -55.67 10.28
N SER A 90 7.14 -56.37 10.01
CA SER A 90 7.88 -57.09 11.07
C SER A 90 8.48 -56.19 12.16
N GLU A 91 8.68 -54.91 11.88
CA GLU A 91 9.20 -53.93 12.85
C GLU A 91 8.12 -53.13 13.59
N PHE A 92 6.89 -53.24 13.13
CA PHE A 92 5.72 -52.56 13.75
C PHE A 92 5.72 -52.68 15.26
N GLU A 93 5.93 -53.91 15.73
CA GLU A 93 5.88 -54.23 17.19
C GLU A 93 6.96 -53.49 17.98
N THR A 94 8.13 -53.31 17.37
CA THR A 94 9.24 -52.56 17.98
C THR A 94 9.02 -51.04 17.94
N ILE A 95 8.85 -50.50 16.72
CA ILE A 95 8.70 -49.02 16.54
C ILE A 95 7.50 -48.42 17.26
N TYR A 96 6.42 -49.19 17.42
CA TYR A 96 5.19 -48.71 18.09
C TYR A 96 4.93 -49.32 19.47
N ALA A 97 5.93 -50.00 20.03
CA ALA A 97 5.83 -50.58 21.37
C ALA A 97 5.53 -49.53 22.42
N THR A 98 6.16 -48.37 22.28
CA THR A 98 5.96 -47.23 23.18
C THR A 98 5.77 -45.92 22.42
N GLU A 99 5.29 -44.91 23.13
CA GLU A 99 5.16 -43.56 22.57
C GLU A 99 6.54 -42.99 22.20
N ASP A 100 7.53 -43.29 23.03
CA ASP A 100 8.90 -42.88 22.79
C ASP A 100 9.51 -43.48 21.52
N ALA A 101 9.34 -44.79 21.33
CA ALA A 101 9.84 -45.48 20.14
C ALA A 101 9.19 -44.92 18.85
N ALA A 102 7.88 -44.69 18.93
CA ALA A 102 7.11 -44.12 17.83
C ALA A 102 7.58 -42.70 17.47
N LYS A 103 7.80 -41.89 18.49
CA LYS A 103 8.34 -40.55 18.30
C LYS A 103 9.73 -40.57 17.65
N ALA A 104 10.58 -41.47 18.12
CA ALA A 104 11.93 -41.63 17.57
C ALA A 104 11.89 -42.08 16.10
N SER A 105 10.93 -42.93 15.77
CA SER A 105 10.70 -43.37 14.40
C SER A 105 10.38 -42.18 13.49
N GLY A 106 9.43 -41.36 13.94
CA GLY A 106 9.10 -40.12 13.23
C GLY A 106 10.30 -39.23 12.99
N GLN A 107 11.14 -39.06 14.00
CA GLN A 107 12.31 -38.14 13.92
C GLN A 107 13.35 -38.67 12.96
N ARG A 108 13.58 -39.97 13.05
CA ARG A 108 14.52 -40.68 12.20
C ARG A 108 14.12 -40.56 10.71
N ILE A 109 12.83 -40.74 10.44
CA ILE A 109 12.30 -40.60 9.08
C ILE A 109 12.38 -39.16 8.57
N ALA A 110 11.97 -38.22 9.40
CA ALA A 110 12.07 -36.78 9.05
C ALA A 110 13.50 -36.36 8.73
N GLN A 111 14.44 -36.81 9.54
CA GLN A 111 15.87 -36.55 9.28
C GLN A 111 16.36 -37.09 7.93
N ALA A 112 15.96 -38.33 7.61
CA ALA A 112 16.30 -38.93 6.32
C ALA A 112 15.74 -38.13 5.13
N LEU A 113 14.45 -37.83 5.23
CA LEU A 113 13.76 -37.09 4.15
C LEU A 113 14.27 -35.67 3.98
N ASP A 114 14.46 -34.97 5.10
CA ASP A 114 15.04 -33.61 5.07
C ASP A 114 16.46 -33.60 4.51
N ALA A 115 17.24 -34.63 4.84
CA ALA A 115 18.59 -34.73 4.30
C ALA A 115 18.58 -34.86 2.77
N ILE A 116 17.67 -35.68 2.25
CA ILE A 116 17.52 -35.83 0.80
C ILE A 116 17.09 -34.49 0.19
N GLU A 117 16.02 -33.93 0.75
CA GLU A 117 15.44 -32.69 0.23
C GLU A 117 16.46 -31.55 0.18
N ASN A 118 17.22 -31.40 1.24
CA ASN A 118 18.21 -30.34 1.37
C ASN A 118 19.58 -30.63 0.78
N SER A 119 19.75 -31.80 0.20
CA SER A 119 20.99 -32.14 -0.50
C SER A 119 21.43 -31.01 -1.42
N GLU A 120 22.67 -30.55 -1.25
CA GLU A 120 23.28 -29.49 -2.11
C GLU A 120 23.18 -29.91 -3.56
N LYS A 121 23.53 -31.17 -3.79
CA LYS A 121 23.48 -31.73 -5.11
C LYS A 121 22.09 -32.27 -5.41
N PRO A 122 21.62 -32.13 -6.66
CA PRO A 122 20.27 -32.61 -6.97
C PRO A 122 20.13 -34.11 -6.86
N VAL A 123 18.91 -34.54 -6.55
CA VAL A 123 18.54 -35.93 -6.35
C VAL A 123 17.42 -36.30 -7.32
N ILE A 124 17.64 -37.34 -8.09
CA ILE A 124 16.64 -37.89 -8.99
C ILE A 124 16.22 -39.28 -8.52
N ALA A 125 14.92 -39.48 -8.33
CA ALA A 125 14.38 -40.79 -8.00
C ALA A 125 14.00 -41.52 -9.28
N ALA A 126 14.47 -42.76 -9.39
CA ALA A 126 14.12 -43.66 -10.49
C ALA A 126 13.27 -44.80 -9.93
N ILE A 127 12.02 -44.83 -10.36
CA ILE A 127 10.96 -45.64 -9.73
C ILE A 127 10.45 -46.73 -10.67
N GLU A 128 10.56 -47.98 -10.23
CA GLU A 128 9.91 -49.15 -10.87
C GLU A 128 9.08 -49.90 -9.82
N GLY A 129 7.97 -50.50 -10.26
CA GLY A 129 7.15 -51.31 -9.36
C GLY A 129 6.56 -50.53 -8.19
N ALA A 130 6.45 -51.20 -7.06
CA ALA A 130 5.79 -50.61 -5.91
C ALA A 130 6.54 -49.41 -5.32
N CYS A 131 5.81 -48.31 -5.16
CA CYS A 131 6.29 -47.09 -4.52
C CYS A 131 5.20 -46.60 -3.57
N VAL A 132 5.22 -47.13 -2.35
CA VAL A 132 4.09 -47.00 -1.44
C VAL A 132 4.56 -46.51 -0.08
N GLY A 133 3.80 -45.56 0.46
CA GLY A 133 3.98 -45.08 1.83
C GLY A 133 5.26 -44.28 1.97
N GLY A 134 6.19 -44.82 2.78
CA GLY A 134 7.55 -44.31 2.82
C GLY A 134 8.21 -44.15 1.46
N GLY A 135 7.87 -45.03 0.53
CA GLY A 135 8.35 -44.94 -0.85
C GLY A 135 7.99 -43.64 -1.55
N VAL A 136 6.74 -43.23 -1.41
CA VAL A 136 6.31 -41.94 -1.93
C VAL A 136 7.04 -40.81 -1.22
N SER A 137 7.15 -40.91 0.10
CA SER A 137 7.84 -39.87 0.88
C SER A 137 9.28 -39.71 0.38
N LEU A 138 9.97 -40.83 0.17
CA LEU A 138 11.33 -40.80 -0.39
C LEU A 138 11.37 -40.11 -1.73
N ALA A 139 10.47 -40.54 -2.61
CA ALA A 139 10.40 -40.00 -3.97
C ALA A 139 10.15 -38.51 -3.98
N MSE A 140 9.25 -38.04 -3.11
CA MSE A 140 8.91 -36.62 -3.07
C MSE A 140 10.00 -35.75 -2.46
O MSE A 140 10.03 -34.53 -2.67
CB MSE A 140 7.61 -36.35 -2.30
CG MSE A 140 6.36 -37.05 -2.85
SE MSE A 140 6.24 -36.95 -4.81
CE MSE A 140 6.08 -35.00 -4.90
N ALA A 141 10.88 -36.36 -1.66
CA ALA A 141 12.04 -35.66 -1.09
C ALA A 141 13.06 -35.39 -2.17
N ALA A 142 13.13 -36.27 -3.16
CA ALA A 142 13.98 -36.03 -4.32
C ALA A 142 13.53 -34.79 -5.10
N ASP A 143 14.44 -34.22 -5.86
CA ASP A 143 14.10 -33.07 -6.73
C ASP A 143 13.24 -33.45 -7.94
N LEU A 144 13.57 -34.59 -8.53
CA LEU A 144 12.99 -35.04 -9.78
C LEU A 144 12.66 -36.51 -9.71
N ARG A 145 11.61 -36.90 -10.41
CA ARG A 145 11.10 -38.27 -10.38
C ARG A 145 10.82 -38.79 -11.77
N VAL A 146 11.41 -39.93 -12.08
CA VAL A 146 11.07 -40.66 -13.29
C VAL A 146 10.62 -42.06 -12.89
N ALA A 147 9.52 -42.51 -13.48
CA ALA A 147 8.97 -43.83 -13.20
C ALA A 147 8.71 -44.62 -14.47
N GLY A 148 8.90 -45.93 -14.36
CA GLY A 148 8.54 -46.87 -15.40
C GLY A 148 7.05 -47.19 -15.36
N GLU A 149 6.49 -47.47 -16.53
CA GLU A 149 5.10 -47.94 -16.57
C GLU A 149 5.01 -49.20 -15.74
N GLY A 150 3.84 -49.42 -15.17
CA GLY A 150 3.66 -50.51 -14.22
C GLY A 150 4.02 -50.20 -12.78
N ALA A 151 4.70 -49.08 -12.52
CA ALA A 151 4.92 -48.66 -11.17
C ALA A 151 3.58 -48.30 -10.52
N LYS A 152 3.50 -48.52 -9.21
CA LYS A 152 2.28 -48.29 -8.43
C LYS A 152 2.58 -47.39 -7.25
N PHE A 153 1.65 -46.49 -6.97
CA PHE A 153 1.85 -45.43 -5.97
C PHE A 153 0.71 -45.40 -5.00
N GLY A 154 1.04 -45.12 -3.77
CA GLY A 154 0.02 -44.92 -2.74
C GLY A 154 0.59 -44.33 -1.48
N VAL A 155 -0.24 -43.57 -0.76
CA VAL A 155 0.12 -43.04 0.57
C VAL A 155 -1.00 -43.38 1.55
N THR A 156 -0.66 -44.23 2.53
CA THR A 156 -1.67 -45.00 3.26
C THR A 156 -1.77 -44.82 4.79
N PRO A 157 -1.23 -43.71 5.36
CA PRO A 157 -1.39 -43.58 6.82
C PRO A 157 -2.84 -43.64 7.27
N GLY A 158 -3.76 -43.16 6.43
CA GLY A 158 -5.18 -43.25 6.70
C GLY A 158 -5.74 -44.64 6.88
N LYS A 159 -5.11 -45.63 6.25
CA LYS A 159 -5.48 -47.05 6.47
C LYS A 159 -4.99 -47.66 7.79
N LEU A 160 -4.13 -46.91 8.49
CA LEU A 160 -3.49 -47.32 9.74
C LEU A 160 -4.01 -46.50 10.97
N GLY A 161 -4.67 -45.34 10.76
CA GLY A 161 -5.07 -44.45 11.86
C GLY A 161 -4.03 -43.39 12.15
N LEU A 162 -3.07 -43.24 11.23
CA LEU A 162 -1.99 -42.28 11.38
C LEU A 162 -2.28 -41.05 10.55
N VAL A 163 -1.39 -40.07 10.65
CA VAL A 163 -1.44 -38.88 9.80
C VAL A 163 -0.08 -38.65 9.13
N TYR A 164 -0.12 -38.30 7.86
CA TYR A 164 1.07 -38.02 7.08
C TYR A 164 1.73 -36.73 7.65
N PRO A 165 3.06 -36.76 7.88
CA PRO A 165 3.68 -35.60 8.55
C PRO A 165 3.65 -34.33 7.72
N ALA A 166 3.97 -33.24 8.39
CA ALA A 166 3.96 -31.90 7.82
C ALA A 166 4.89 -31.76 6.63
N GLY A 167 6.12 -32.22 6.77
CA GLY A 167 7.08 -32.17 5.67
C GLY A 167 6.65 -32.97 4.44
N ASP A 168 6.24 -34.22 4.67
CA ASP A 168 5.82 -35.11 3.59
C ASP A 168 4.61 -34.51 2.86
N THR A 169 3.67 -33.99 3.65
CA THR A 169 2.43 -33.41 3.14
C THR A 169 2.75 -32.17 2.31
N ARG A 170 3.65 -31.34 2.82
CA ARG A 170 4.12 -30.13 2.12
C ARG A 170 4.68 -30.44 0.74
N ARG A 171 5.57 -31.41 0.72
CA ARG A 171 6.22 -31.84 -0.53
C ARG A 171 5.19 -32.38 -1.53
N LEU A 172 4.21 -33.12 -1.03
CA LEU A 172 3.18 -33.71 -1.89
C LEU A 172 2.29 -32.61 -2.46
N LEU A 173 1.82 -31.73 -1.59
CA LEU A 173 1.01 -30.55 -1.97
C LEU A 173 1.64 -29.70 -3.05
N ALA A 174 2.92 -29.40 -2.88
CA ALA A 174 3.65 -28.58 -3.83
C ALA A 174 3.71 -29.19 -5.24
N ALA A 175 3.70 -30.53 -5.32
CA ALA A 175 3.73 -31.21 -6.62
C ALA A 175 2.35 -31.37 -7.25
N VAL A 176 1.33 -31.72 -6.45
CA VAL A 176 0.04 -32.15 -7.03
C VAL A 176 -1.14 -31.26 -6.71
N GLY A 177 -0.99 -30.33 -5.76
CA GLY A 177 -2.07 -29.41 -5.38
C GLY A 177 -3.00 -29.98 -4.30
N PRO A 178 -3.88 -29.15 -3.73
CA PRO A 178 -4.72 -29.55 -2.58
C PRO A 178 -5.74 -30.63 -2.87
N GLY A 179 -6.44 -30.53 -3.99
CA GLY A 179 -7.44 -31.56 -4.36
C GLY A 179 -6.87 -32.98 -4.48
N ALA A 180 -5.83 -33.10 -5.30
CA ALA A 180 -5.16 -34.37 -5.55
C ALA A 180 -4.50 -34.93 -4.28
N THR A 181 -3.93 -34.05 -3.46
CA THR A 181 -3.33 -34.44 -2.18
C THR A 181 -4.42 -35.04 -1.26
N LYS A 182 -5.57 -34.38 -1.22
CA LYS A 182 -6.71 -34.86 -0.42
C LYS A 182 -7.26 -36.19 -0.92
N ASP A 183 -7.35 -36.33 -2.23
CA ASP A 183 -7.77 -37.61 -2.82
C ASP A 183 -6.83 -38.75 -2.37
N ILE A 184 -5.55 -38.55 -2.61
CA ILE A 184 -4.49 -39.52 -2.26
C ILE A 184 -4.55 -39.93 -0.78
N LEU A 185 -4.59 -38.93 0.10
CA LEU A 185 -4.52 -39.17 1.53
C LEU A 185 -5.85 -39.60 2.15
N PHE A 186 -6.96 -39.04 1.67
CA PHE A 186 -8.28 -39.40 2.17
C PHE A 186 -8.69 -40.82 1.79
N THR A 187 -8.23 -41.33 0.67
CA THR A 187 -8.57 -42.69 0.23
C THR A 187 -7.50 -43.74 0.55
N GLY A 188 -6.25 -43.32 0.56
CA GLY A 188 -5.14 -44.24 0.66
C GLY A 188 -5.04 -45.18 -0.53
N ARG A 189 -5.63 -44.80 -1.66
CA ARG A 189 -5.75 -45.71 -2.79
C ARG A 189 -4.42 -45.86 -3.51
N ILE A 190 -4.23 -47.05 -4.11
CA ILE A 190 -3.08 -47.34 -4.95
C ILE A 190 -3.41 -46.97 -6.40
N PHE A 191 -2.53 -46.19 -7.02
CA PHE A 191 -2.77 -45.70 -8.38
C PHE A 191 -1.58 -45.97 -9.28
N THR A 192 -1.83 -45.88 -10.57
CA THR A 192 -0.84 -46.24 -11.58
C THR A 192 0.13 -45.11 -11.85
N ALA A 193 1.24 -45.49 -12.47
CA ALA A 193 2.25 -44.54 -12.93
C ALA A 193 1.66 -43.52 -13.90
N GLY A 194 0.77 -44.00 -14.77
CA GLY A 194 0.05 -43.11 -15.69
C GLY A 194 -0.74 -42.02 -14.98
N GLU A 195 -1.45 -42.38 -13.92
CA GLU A 195 -2.17 -41.38 -13.13
C GLU A 195 -1.20 -40.47 -12.36
N ALA A 196 -0.14 -41.06 -11.81
CA ALA A 196 0.89 -40.27 -11.11
C ALA A 196 1.48 -39.19 -11.99
N LYS A 197 1.75 -39.56 -13.24
CA LYS A 197 2.26 -38.60 -14.23
C LYS A 197 1.25 -37.49 -14.46
N SER A 198 0.02 -37.91 -14.67
CA SER A 198 -1.09 -37.01 -14.92
C SER A 198 -1.32 -36.01 -13.76
N LEU A 199 -1.19 -36.50 -12.53
CA LEU A 199 -1.34 -35.65 -11.33
C LEU A 199 -0.17 -34.71 -11.08
N GLY A 200 0.97 -34.97 -11.71
CA GLY A 200 2.20 -34.21 -11.46
C GLY A 200 3.07 -34.77 -10.33
N LEU A 201 2.72 -35.95 -9.85
CA LEU A 201 3.46 -36.58 -8.76
C LEU A 201 4.85 -36.99 -9.23
N ILE A 202 4.90 -37.55 -10.44
CA ILE A 202 6.16 -37.83 -11.12
C ILE A 202 6.30 -36.87 -12.30
N ASP A 203 7.55 -36.66 -12.69
CA ASP A 203 7.89 -35.68 -13.71
C ASP A 203 8.02 -36.31 -15.08
N ARG A 204 8.45 -37.57 -15.11
CA ARG A 204 8.57 -38.33 -16.35
C ARG A 204 8.13 -39.75 -16.24
N LEU A 205 7.45 -40.19 -17.31
CA LEU A 205 6.93 -41.52 -17.40
C LEU A 205 7.61 -42.16 -18.59
N VAL A 206 8.22 -43.30 -18.35
CA VAL A 206 8.96 -44.00 -19.38
C VAL A 206 8.54 -45.46 -19.41
N GLU A 207 9.01 -46.14 -20.44
CA GLU A 207 8.78 -47.55 -20.64
C GLU A 207 9.24 -48.38 -19.43
N LYS A 208 8.44 -49.38 -19.09
CA LYS A 208 8.69 -50.26 -17.95
C LYS A 208 10.12 -50.80 -17.98
N GLY A 209 10.78 -50.82 -16.84
CA GLY A 209 12.16 -51.27 -16.77
C GLY A 209 13.23 -50.32 -17.27
N THR A 210 12.86 -49.12 -17.73
CA THR A 210 13.86 -48.15 -18.24
C THR A 210 14.06 -46.91 -17.39
N ALA A 211 13.44 -46.86 -16.21
CA ALA A 211 13.49 -45.64 -15.37
C ALA A 211 14.90 -45.30 -14.92
N LEU A 212 15.67 -46.33 -14.53
CA LEU A 212 17.03 -46.12 -14.07
C LEU A 212 17.92 -45.52 -15.19
N GLU A 213 17.84 -46.12 -16.38
CA GLU A 213 18.57 -45.60 -17.56
C GLU A 213 18.15 -44.16 -17.89
N ALA A 214 16.85 -43.90 -17.84
CA ALA A 214 16.34 -42.57 -18.10
C ALA A 214 16.85 -41.58 -17.08
N ALA A 215 16.89 -41.99 -15.82
CA ALA A 215 17.40 -41.12 -14.74
C ALA A 215 18.88 -40.79 -14.93
N ARG A 216 19.65 -41.81 -15.33
CA ARG A 216 21.08 -41.65 -15.60
C ARG A 216 21.36 -40.70 -16.75
N VAL A 217 20.64 -40.84 -17.85
CA VAL A 217 20.75 -39.92 -18.98
C VAL A 217 20.34 -38.49 -18.63
N TRP A 218 19.23 -38.35 -17.91
CA TRP A 218 18.76 -37.05 -17.42
C TRP A 218 19.82 -36.39 -16.52
N ALA A 219 20.33 -37.18 -15.58
CA ALA A 219 21.43 -36.75 -14.70
C ALA A 219 22.66 -36.32 -15.52
N GLY A 220 22.97 -37.09 -16.56
CA GLY A 220 24.06 -36.75 -17.51
C GLY A 220 23.91 -35.37 -18.12
N GLU A 221 22.69 -35.04 -18.54
CA GLU A 221 22.43 -33.71 -19.10
C GLU A 221 22.70 -32.59 -18.09
N ILE A 222 22.28 -32.81 -16.85
CA ILE A 222 22.44 -31.80 -15.79
C ILE A 222 23.93 -31.68 -15.42
N ALA A 223 24.59 -32.83 -15.32
CA ALA A 223 26.03 -32.91 -15.07
C ALA A 223 26.90 -32.11 -16.08
N ALA A 224 26.43 -32.02 -17.33
CA ALA A 224 27.16 -31.33 -18.41
C ALA A 224 27.18 -29.82 -18.30
N ILE A 225 26.27 -29.23 -17.53
CA ILE A 225 26.23 -27.77 -17.40
C ILE A 225 26.98 -27.32 -16.14
N SER A 226 26.88 -26.04 -15.79
CA SER A 226 27.57 -25.52 -14.59
C SER A 226 26.97 -26.07 -13.31
N GLN A 227 27.78 -26.74 -12.51
CA GLN A 227 27.30 -27.27 -11.23
C GLN A 227 27.15 -26.17 -10.21
N TRP A 228 27.92 -25.10 -10.37
CA TRP A 228 27.67 -23.91 -9.55
C TRP A 228 26.20 -23.46 -9.74
N SER A 229 25.79 -23.35 -11.00
CA SER A 229 24.42 -22.92 -11.34
C SER A 229 23.35 -23.88 -10.84
N VAL A 230 23.59 -25.17 -11.05
CA VAL A 230 22.65 -26.20 -10.65
C VAL A 230 22.35 -26.10 -9.13
N ARG A 231 23.41 -25.99 -8.35
CA ARG A 231 23.27 -25.94 -6.89
C ARG A 231 22.69 -24.65 -6.40
N ALA A 232 23.10 -23.56 -7.03
CA ALA A 232 22.55 -22.23 -6.72
C ALA A 232 21.05 -22.18 -7.03
N THR A 233 20.68 -22.80 -8.15
CA THR A 233 19.27 -22.86 -8.57
C THR A 233 18.43 -23.56 -7.51
N LYS A 234 18.93 -24.70 -7.05
CA LYS A 234 18.25 -25.46 -6.01
C LYS A 234 18.08 -24.66 -4.73
N ARG A 235 19.15 -23.99 -4.28
CA ARG A 235 19.07 -23.07 -3.11
C ARG A 235 18.06 -21.95 -3.31
N MSE A 236 18.08 -21.33 -4.50
CA MSE A 236 17.11 -20.25 -4.81
C MSE A 236 15.67 -20.73 -4.69
O MSE A 236 14.82 -20.05 -4.11
CB MSE A 236 17.35 -19.66 -6.21
CG MSE A 236 16.47 -18.47 -6.52
SE MSE A 236 17.08 -16.88 -5.51
CE MSE A 236 18.57 -16.39 -6.69
N ILE A 237 15.41 -21.91 -5.28
CA ILE A 237 14.05 -22.47 -5.27
C ILE A 237 13.59 -22.81 -3.85
N ARG A 238 14.43 -23.55 -3.11
CA ARG A 238 14.15 -23.90 -1.70
C ARG A 238 13.95 -22.63 -0.88
N GLY A 239 14.81 -21.65 -1.10
CA GLY A 239 14.66 -20.34 -0.46
C GLY A 239 13.28 -19.71 -0.69
N LEU A 240 12.88 -19.66 -1.97
CA LEU A 240 11.57 -19.07 -2.34
C LEU A 240 10.39 -19.83 -1.74
N GLN A 241 10.52 -21.15 -1.65
CA GLN A 241 9.48 -22.01 -1.05
C GLN A 241 9.37 -21.80 0.46
N THR A 242 10.49 -21.50 1.12
CA THR A 242 10.52 -21.20 2.55
C THR A 242 10.50 -19.71 2.92
N GLY A 243 9.87 -18.87 2.09
CA GLY A 243 9.60 -17.47 2.45
C GLY A 243 10.49 -16.35 1.92
N TRP A 244 11.58 -16.66 1.21
CA TRP A 244 12.38 -15.60 0.57
C TRP A 244 11.53 -14.75 -0.36
N THR A 245 11.78 -13.46 -0.37
CA THR A 245 11.26 -12.56 -1.39
C THR A 245 12.41 -12.05 -2.24
N ASP A 246 12.05 -11.26 -3.26
CA ASP A 246 13.04 -10.65 -4.15
C ASP A 246 14.01 -9.74 -3.35
N GLU A 247 13.52 -9.15 -2.25
CA GLU A 247 14.30 -8.28 -1.37
C GLU A 247 15.21 -9.04 -0.37
N THR A 248 14.92 -10.31 -0.08
CA THR A 248 15.71 -11.10 0.89
C THR A 248 17.20 -11.03 0.58
N PRO A 249 18.04 -10.56 1.52
CA PRO A 249 19.48 -10.44 1.28
C PRO A 249 20.17 -11.67 0.70
N GLU A 250 19.82 -12.84 1.22
CA GLU A 250 20.36 -14.11 0.71
C GLU A 250 20.10 -14.29 -0.78
N ALA A 251 18.88 -13.96 -1.18
CA ALA A 251 18.44 -14.11 -2.56
C ALA A 251 19.21 -13.17 -3.46
N GLN A 252 19.42 -11.94 -2.98
CA GLN A 252 20.21 -10.95 -3.71
C GLN A 252 21.66 -11.36 -3.83
N SER A 253 22.26 -11.80 -2.73
CA SER A 253 23.69 -12.17 -2.76
C SER A 253 23.91 -13.44 -3.58
N LEU A 254 22.97 -14.36 -3.52
CA LEU A 254 23.06 -15.56 -4.35
C LEU A 254 23.10 -15.18 -5.82
N PHE A 255 22.21 -14.29 -6.22
CA PHE A 255 22.20 -13.77 -7.61
C PHE A 255 23.54 -13.12 -8.01
N LEU A 256 24.05 -12.25 -7.14
CA LEU A 256 25.30 -11.52 -7.42
C LEU A 256 26.49 -12.46 -7.45
N ASN A 257 26.48 -13.51 -6.64
CA ASN A 257 27.51 -14.56 -6.73
C ASN A 257 27.54 -15.29 -8.05
N GLY A 258 26.43 -15.26 -8.77
CA GLY A 258 26.37 -15.67 -10.17
C GLY A 258 27.45 -15.07 -11.07
N PHE A 259 27.80 -13.81 -10.83
CA PHE A 259 28.84 -13.13 -11.62
C PHE A 259 30.26 -13.29 -11.09
N ALA A 260 30.40 -13.84 -9.89
CA ALA A 260 31.70 -13.91 -9.21
C ALA A 260 32.27 -15.29 -8.99
N ASN A 261 31.67 -16.33 -9.57
CA ASN A 261 32.06 -17.72 -9.26
C ASN A 261 32.97 -18.25 -10.37
N GLU A 262 33.69 -19.32 -10.09
CA GLU A 262 34.68 -19.85 -11.04
C GLU A 262 34.06 -20.36 -12.34
N ASP A 263 32.83 -20.89 -12.28
CA ASP A 263 32.15 -21.35 -13.50
C ASP A 263 31.80 -20.18 -14.43
N PHE A 264 31.22 -19.12 -13.89
CA PHE A 264 30.91 -17.94 -14.73
C PHE A 264 32.18 -17.31 -15.33
N LYS A 265 33.23 -17.20 -14.52
CA LYS A 265 34.57 -16.77 -14.99
C LYS A 265 34.97 -17.54 -16.26
N GLU A 266 34.80 -18.86 -16.22
CA GLU A 266 35.08 -19.75 -17.35
C GLU A 266 34.07 -19.59 -18.48
N GLY A 267 32.79 -19.49 -18.11
CA GLY A 267 31.71 -19.31 -19.10
C GLY A 267 31.91 -18.04 -19.93
N TYR A 268 32.23 -16.95 -19.22
CA TYR A 268 32.55 -15.64 -19.81
C TYR A 268 33.79 -15.72 -20.74
N ARG A 269 34.87 -16.33 -20.26
CA ARG A 269 36.11 -16.58 -21.07
C ARG A 269 35.81 -17.43 -22.33
N ALA A 270 35.02 -18.50 -22.18
CA ALA A 270 34.64 -19.41 -23.28
C ALA A 270 33.83 -18.69 -24.37
N PHE A 271 32.90 -17.83 -23.94
CA PHE A 271 32.13 -16.98 -24.87
C PHE A 271 33.01 -16.01 -25.70
N LEU A 272 33.99 -15.39 -25.04
CA LEU A 272 34.97 -14.49 -25.71
C LEU A 272 35.97 -15.25 -26.61
N ASP A 273 36.52 -16.38 -26.13
CA ASP A 273 37.42 -17.24 -26.92
C ASP A 273 36.73 -18.07 -28.02
N LYS A 274 35.39 -18.09 -28.02
CA LYS A 274 34.56 -18.81 -29.02
C LYS A 274 34.84 -20.33 -29.03
N ARG A 275 34.79 -20.90 -27.82
CA ARG A 275 34.95 -22.34 -27.59
C ARG A 275 33.92 -22.84 -26.58
N PRO A 276 33.72 -24.18 -26.49
CA PRO A 276 32.83 -24.68 -25.44
C PRO A 276 33.35 -24.36 -24.02
N ALA A 277 32.43 -24.04 -23.12
CA ALA A 277 32.76 -23.92 -21.70
C ALA A 277 33.16 -25.29 -21.12
N LYS A 278 34.20 -25.30 -20.29
CA LYS A 278 34.62 -26.50 -19.54
C LYS A 278 34.58 -26.15 -18.04
N PHE A 279 33.42 -26.40 -17.42
CA PHE A 279 33.16 -25.94 -16.06
C PHE A 279 33.90 -26.78 -15.04
N THR A 280 34.47 -26.10 -14.06
CA THR A 280 35.37 -26.72 -13.06
C THR A 280 34.83 -26.78 -11.63
N TYR A 281 33.81 -26.00 -11.30
CA TYR A 281 33.29 -25.98 -9.93
C TYR A 281 32.81 -27.36 -9.47
N ARG A 282 33.34 -27.86 -8.36
CA ARG A 282 33.02 -29.19 -7.81
C ARG A 282 32.53 -29.14 -6.36
N SER B 22 -39.75 -30.79 4.30
CA SER B 22 -38.33 -30.72 3.84
C SER B 22 -38.17 -30.42 2.33
N MSE B 23 -39.16 -30.77 1.51
CA MSE B 23 -39.11 -30.58 0.04
C MSE B 23 -39.41 -29.18 -0.45
O MSE B 23 -38.97 -28.78 -1.49
CB MSE B 23 -40.07 -31.55 -0.65
CG MSE B 23 -39.78 -33.03 -0.36
SE MSE B 23 -37.97 -33.56 -0.96
CE MSE B 23 -37.80 -32.81 -2.79
N THR B 24 -40.18 -28.40 0.28
CA THR B 24 -40.28 -26.96 -0.06
C THR B 24 -39.00 -26.12 0.25
N LEU B 25 -38.19 -26.59 1.20
CA LEU B 25 -36.98 -25.86 1.62
C LEU B 25 -36.04 -25.64 0.43
N PRO B 26 -35.54 -24.40 0.23
CA PRO B 26 -34.67 -24.17 -0.93
C PRO B 26 -33.29 -24.80 -0.80
N ILE B 27 -32.90 -25.20 0.42
CA ILE B 27 -31.68 -25.94 0.68
C ILE B 27 -31.95 -26.81 1.90
N ARG B 28 -31.43 -28.03 1.89
CA ARG B 28 -31.63 -28.91 3.04
C ARG B 28 -30.47 -29.86 3.27
N LEU B 29 -30.52 -30.54 4.41
CA LEU B 29 -29.56 -31.59 4.75
C LEU B 29 -30.24 -32.93 4.82
N ASP B 30 -29.86 -33.84 3.93
CA ASP B 30 -30.30 -35.23 3.97
C ASP B 30 -29.25 -36.04 4.66
N ILE B 31 -29.67 -36.91 5.58
CA ILE B 31 -28.78 -37.81 6.29
C ILE B 31 -29.02 -39.20 5.74
N ALA B 32 -27.96 -39.84 5.30
CA ALA B 32 -27.98 -41.25 4.93
C ALA B 32 -26.61 -41.85 5.26
N ALA B 33 -26.45 -42.22 6.53
CA ALA B 33 -25.16 -42.63 7.09
C ALA B 33 -24.43 -43.62 6.16
N PRO B 34 -23.13 -43.45 5.90
CA PRO B 34 -22.25 -42.46 6.52
C PRO B 34 -22.18 -41.08 5.85
N LEU B 35 -23.16 -40.77 5.00
CA LEU B 35 -23.18 -39.48 4.30
C LEU B 35 -24.20 -38.51 4.87
N ALA B 36 -23.87 -37.24 4.73
CA ALA B 36 -24.86 -36.17 4.80
C ALA B 36 -24.77 -35.42 3.49
N GLU B 37 -25.91 -35.00 2.96
CA GLU B 37 -25.95 -34.32 1.67
C GLU B 37 -26.62 -32.98 1.80
N ILE B 38 -25.90 -31.92 1.50
CA ILE B 38 -26.48 -30.59 1.40
C ILE B 38 -27.06 -30.48 0.00
N VAL B 39 -28.38 -30.41 -0.09
CA VAL B 39 -29.06 -30.45 -1.39
C VAL B 39 -29.69 -29.11 -1.71
N LEU B 40 -29.25 -28.48 -2.79
CA LEU B 40 -29.80 -27.21 -3.23
C LEU B 40 -31.09 -27.55 -3.95
N ASN B 41 -32.12 -26.78 -3.69
CA ASN B 41 -33.47 -27.18 -4.12
C ASN B 41 -34.40 -26.04 -4.47
N LYS B 42 -33.95 -25.23 -5.40
CA LYS B 42 -34.74 -24.21 -6.01
C LYS B 42 -34.78 -24.43 -7.50
N PRO B 43 -35.40 -25.53 -7.93
CA PRO B 43 -35.26 -25.95 -9.32
C PRO B 43 -35.83 -24.94 -10.32
N GLU B 44 -36.87 -24.22 -9.91
CA GLU B 44 -37.49 -23.17 -10.72
C GLU B 44 -36.60 -21.94 -11.01
N ARG B 45 -35.50 -21.79 -10.27
CA ARG B 45 -34.48 -20.77 -10.57
C ARG B 45 -33.11 -21.44 -10.84
N ARG B 46 -33.11 -22.73 -11.16
CA ARG B 46 -31.88 -23.53 -11.40
C ARG B 46 -30.87 -23.34 -10.26
N ASN B 47 -31.40 -23.37 -9.05
CA ASN B 47 -30.63 -23.28 -7.81
C ASN B 47 -29.83 -22.01 -7.64
N ALA B 48 -30.30 -20.95 -8.27
CA ALA B 48 -29.72 -19.63 -8.08
C ALA B 48 -29.75 -19.32 -6.61
N LEU B 49 -28.64 -18.82 -6.10
CA LEU B 49 -28.46 -18.71 -4.66
C LEU B 49 -29.11 -17.44 -4.09
N SER B 50 -29.94 -17.64 -3.07
CA SER B 50 -30.65 -16.57 -2.38
C SER B 50 -30.15 -16.39 -0.96
N VAL B 51 -30.55 -15.28 -0.35
CA VAL B 51 -30.17 -14.91 1.01
C VAL B 51 -30.42 -16.05 1.97
N ASP B 52 -31.64 -16.60 1.93
CA ASP B 52 -32.03 -17.67 2.86
C ASP B 52 -31.25 -18.98 2.64
N MSE B 53 -30.80 -19.25 1.42
CA MSE B 53 -29.91 -20.41 1.16
C MSE B 53 -28.56 -20.19 1.83
O MSE B 53 -28.08 -21.03 2.58
CB MSE B 53 -29.78 -20.66 -0.34
CG MSE B 53 -31.06 -21.30 -0.89
SE MSE B 53 -31.27 -21.03 -2.81
CE MSE B 53 -30.17 -22.59 -3.42
N TRP B 54 -27.93 -19.07 1.52
CA TRP B 54 -26.64 -18.73 2.12
C TRP B 54 -26.71 -18.77 3.65
N ALA B 55 -27.79 -18.19 4.19
CA ALA B 55 -27.97 -18.04 5.65
C ALA B 55 -28.07 -19.39 6.35
N ALA B 56 -28.63 -20.36 5.66
CA ALA B 56 -28.85 -21.70 6.21
C ALA B 56 -27.60 -22.58 6.25
N ILE B 57 -26.62 -22.29 5.42
CA ILE B 57 -25.50 -23.21 5.18
C ILE B 57 -24.67 -23.49 6.44
N PRO B 58 -24.26 -22.45 7.18
CA PRO B 58 -23.48 -22.77 8.39
C PRO B 58 -24.19 -23.75 9.34
N GLY B 59 -25.50 -23.61 9.49
CA GLY B 59 -26.30 -24.51 10.34
C GLY B 59 -26.36 -25.94 9.84
N LEU B 60 -26.48 -26.10 8.53
CA LEU B 60 -26.46 -27.43 7.91
C LEU B 60 -25.11 -28.11 8.08
N VAL B 61 -24.05 -27.35 7.86
CA VAL B 61 -22.68 -27.87 8.04
C VAL B 61 -22.47 -28.29 9.51
N ALA B 62 -22.88 -27.43 10.43
CA ALA B 62 -22.77 -27.72 11.86
C ALA B 62 -23.53 -29.00 12.21
N GLU B 63 -24.73 -29.14 11.65
CA GLU B 63 -25.55 -30.31 11.95
C GLU B 63 -24.83 -31.60 11.53
N ALA B 64 -24.33 -31.59 10.29
CA ALA B 64 -23.60 -32.74 9.74
C ALA B 64 -22.37 -33.09 10.58
N ASN B 65 -21.64 -32.06 11.00
CA ASN B 65 -20.42 -32.26 11.83
C ASN B 65 -20.71 -32.73 13.26
N ALA B 66 -21.88 -32.39 13.80
CA ALA B 66 -22.26 -32.85 15.13
C ALA B 66 -22.85 -34.25 15.16
N ASN B 67 -23.32 -34.75 14.02
CA ASN B 67 -23.94 -36.06 13.95
C ASN B 67 -22.87 -37.15 13.77
N PRO B 68 -22.67 -38.01 14.80
CA PRO B 68 -21.60 -39.01 14.73
C PRO B 68 -21.75 -40.08 13.66
N ASP B 69 -22.96 -40.28 13.14
CA ASP B 69 -23.16 -41.24 12.05
C ASP B 69 -22.67 -40.72 10.71
N VAL B 70 -22.45 -39.41 10.62
CA VAL B 70 -22.01 -38.76 9.40
C VAL B 70 -20.51 -38.72 9.37
N LYS B 71 -19.94 -39.24 8.30
CA LYS B 71 -18.48 -39.16 8.07
C LYS B 71 -18.10 -38.13 7.00
N LEU B 72 -18.89 -38.07 5.95
CA LEU B 72 -18.65 -37.17 4.84
C LEU B 72 -19.88 -36.40 4.47
N ILE B 73 -19.63 -35.19 3.97
CA ILE B 73 -20.65 -34.29 3.51
C ILE B 73 -20.53 -34.15 2.00
N LEU B 74 -21.68 -34.24 1.32
CA LEU B 74 -21.77 -33.93 -0.12
C LEU B 74 -22.56 -32.64 -0.32
N ILE B 75 -22.23 -31.90 -1.38
CA ILE B 75 -23.02 -30.74 -1.82
C ILE B 75 -23.40 -30.99 -3.24
N HIS B 76 -24.70 -30.92 -3.53
CA HIS B 76 -25.17 -31.04 -4.93
C HIS B 76 -26.52 -30.39 -5.20
N GLY B 77 -26.87 -30.31 -6.49
CA GLY B 77 -28.06 -29.59 -6.96
C GLY B 77 -29.36 -30.38 -7.05
N GLY B 78 -29.39 -31.54 -6.42
CA GLY B 78 -30.54 -32.45 -6.47
C GLY B 78 -30.97 -32.81 -7.89
N ASP B 79 -32.25 -32.60 -8.18
CA ASP B 79 -32.81 -32.84 -9.52
C ASP B 79 -33.18 -31.54 -10.27
N ALA B 80 -32.56 -30.42 -9.90
CA ALA B 80 -32.76 -29.13 -10.60
C ALA B 80 -32.14 -29.07 -11.99
N GLY B 81 -31.25 -30.02 -12.30
CA GLY B 81 -30.49 -29.99 -13.56
C GLY B 81 -29.38 -28.95 -13.57
N ALA B 82 -29.11 -28.35 -12.42
CA ALA B 82 -28.03 -27.38 -12.27
C ALA B 82 -27.50 -27.42 -10.85
N PHE B 83 -26.22 -27.12 -10.69
CA PHE B 83 -25.61 -27.05 -9.35
C PHE B 83 -26.05 -25.72 -8.70
N ALA B 84 -25.69 -24.61 -9.33
CA ALA B 84 -26.21 -23.31 -8.97
C ALA B 84 -26.00 -22.33 -10.10
N ALA B 85 -27.09 -21.76 -10.59
CA ALA B 85 -27.09 -20.85 -11.76
C ALA B 85 -26.85 -19.38 -11.33
N GLY B 86 -25.77 -19.13 -10.60
CA GLY B 86 -25.43 -17.79 -10.17
C GLY B 86 -26.29 -17.28 -9.03
N ALA B 87 -26.28 -15.97 -8.86
CA ALA B 87 -27.14 -15.28 -7.90
C ALA B 87 -28.59 -15.09 -8.41
N ASP B 88 -29.54 -15.09 -7.47
CA ASP B 88 -30.94 -14.87 -7.78
C ASP B 88 -31.18 -13.41 -8.13
N ILE B 89 -31.53 -13.18 -9.38
CA ILE B 89 -31.71 -11.83 -9.91
C ILE B 89 -32.79 -11.02 -9.21
N SER B 90 -33.82 -11.73 -8.73
CA SER B 90 -34.95 -11.10 -8.03
C SER B 90 -34.56 -10.44 -6.69
N GLU B 91 -33.43 -10.85 -6.11
CA GLU B 91 -32.90 -10.26 -4.86
C GLU B 91 -31.81 -9.21 -5.04
N PHE B 92 -31.29 -9.10 -6.26
CA PHE B 92 -30.27 -8.10 -6.63
C PHE B 92 -30.60 -6.70 -6.11
N GLU B 93 -31.84 -6.28 -6.35
CA GLU B 93 -32.32 -4.96 -5.96
C GLU B 93 -32.25 -4.72 -4.47
N THR B 94 -32.59 -5.76 -3.71
CA THR B 94 -32.61 -5.71 -2.24
C THR B 94 -31.18 -5.70 -1.71
N ILE B 95 -30.41 -6.73 -2.06
CA ILE B 95 -29.03 -6.91 -1.59
C ILE B 95 -28.09 -5.75 -1.86
N TYR B 96 -28.29 -5.11 -3.01
CA TYR B 96 -27.43 -3.98 -3.44
C TYR B 96 -28.10 -2.61 -3.38
N ALA B 97 -29.25 -2.53 -2.72
CA ALA B 97 -29.96 -1.25 -2.54
C ALA B 97 -29.08 -0.24 -1.79
N THR B 98 -28.38 -0.71 -0.77
CA THR B 98 -27.50 0.13 0.06
C THR B 98 -26.15 -0.51 0.29
N GLU B 99 -25.20 0.30 0.74
CA GLU B 99 -23.87 -0.19 1.12
C GLU B 99 -23.97 -1.21 2.25
N ASP B 100 -24.88 -0.94 3.19
CA ASP B 100 -25.11 -1.82 4.33
C ASP B 100 -25.64 -3.19 3.95
N ALA B 101 -26.63 -3.21 3.10
CA ALA B 101 -27.20 -4.45 2.62
C ALA B 101 -26.15 -5.30 1.87
N ALA B 102 -25.36 -4.64 1.05
CA ALA B 102 -24.31 -5.27 0.26
C ALA B 102 -23.24 -5.86 1.18
N LYS B 103 -22.84 -5.09 2.18
CA LYS B 103 -21.89 -5.56 3.19
C LYS B 103 -22.41 -6.80 3.94
N ALA B 104 -23.67 -6.75 4.35
CA ALA B 104 -24.30 -7.89 5.03
C ALA B 104 -24.38 -9.13 4.14
N SER B 105 -24.63 -8.92 2.87
CA SER B 105 -24.63 -10.01 1.89
C SER B 105 -23.27 -10.68 1.81
N GLY B 106 -22.23 -9.87 1.68
CA GLY B 106 -20.86 -10.34 1.70
C GLY B 106 -20.50 -11.15 2.93
N GLN B 107 -20.91 -10.69 4.12
CA GLN B 107 -20.63 -11.37 5.39
C GLN B 107 -21.35 -12.71 5.47
N ARG B 108 -22.60 -12.70 5.08
CA ARG B 108 -23.42 -13.90 5.04
C ARG B 108 -22.82 -14.99 4.13
N ILE B 109 -22.40 -14.58 2.94
CA ILE B 109 -21.80 -15.49 1.96
C ILE B 109 -20.45 -16.02 2.47
N ALA B 110 -19.60 -15.13 2.98
CA ALA B 110 -18.32 -15.52 3.57
C ALA B 110 -18.49 -16.54 4.70
N GLN B 111 -19.46 -16.30 5.58
CA GLN B 111 -19.77 -17.24 6.66
C GLN B 111 -20.15 -18.62 6.17
N ALA B 112 -21.00 -18.65 5.13
CA ALA B 112 -21.39 -19.94 4.50
C ALA B 112 -20.18 -20.68 3.93
N LEU B 113 -19.40 -19.96 3.14
CA LEU B 113 -18.25 -20.57 2.45
C LEU B 113 -17.16 -21.00 3.41
N ASP B 114 -16.86 -20.15 4.38
CA ASP B 114 -15.88 -20.52 5.43
C ASP B 114 -16.35 -21.72 6.26
N ALA B 115 -17.65 -21.80 6.53
CA ALA B 115 -18.20 -22.94 7.26
C ALA B 115 -17.96 -24.24 6.49
N ILE B 116 -18.22 -24.21 5.19
CA ILE B 116 -17.97 -25.38 4.35
C ILE B 116 -16.47 -25.71 4.36
N GLU B 117 -15.63 -24.70 4.06
CA GLU B 117 -14.18 -24.89 3.97
C GLU B 117 -13.59 -25.49 5.23
N ASN B 118 -13.99 -24.95 6.36
CA ASN B 118 -13.48 -25.37 7.67
C ASN B 118 -14.18 -26.56 8.30
N SER B 119 -15.18 -27.12 7.62
CA SER B 119 -15.85 -28.33 8.08
C SER B 119 -14.80 -29.36 8.52
N GLU B 120 -14.93 -29.83 9.75
CA GLU B 120 -14.08 -30.89 10.26
C GLU B 120 -14.14 -32.13 9.36
N LYS B 121 -15.35 -32.47 8.95
CA LYS B 121 -15.56 -33.59 8.04
C LYS B 121 -15.38 -33.12 6.60
N PRO B 122 -14.80 -33.97 5.75
CA PRO B 122 -14.61 -33.54 4.36
C PRO B 122 -15.90 -33.33 3.61
N VAL B 123 -15.82 -32.42 2.62
CA VAL B 123 -16.94 -32.04 1.79
C VAL B 123 -16.60 -32.29 0.34
N ILE B 124 -17.48 -33.01 -0.34
CA ILE B 124 -17.36 -33.25 -1.77
C ILE B 124 -18.50 -32.58 -2.53
N ALA B 125 -18.17 -31.76 -3.51
CA ALA B 125 -19.17 -31.19 -4.40
C ALA B 125 -19.38 -32.07 -5.63
N ALA B 126 -20.65 -32.34 -5.92
CA ALA B 126 -21.05 -33.13 -7.11
C ALA B 126 -21.82 -32.20 -8.01
N ILE B 127 -21.23 -31.94 -9.18
CA ILE B 127 -21.63 -30.85 -10.06
C ILE B 127 -22.17 -31.38 -11.39
N GLU B 128 -23.41 -31.01 -11.69
CA GLU B 128 -24.04 -31.21 -13.01
C GLU B 128 -24.56 -29.86 -13.50
N GLY B 129 -24.53 -29.66 -14.80
CA GLY B 129 -25.11 -28.44 -15.40
C GLY B 129 -24.44 -27.15 -14.93
N ALA B 130 -25.23 -26.10 -14.82
CA ALA B 130 -24.69 -24.76 -14.53
C ALA B 130 -24.07 -24.68 -13.11
N CYS B 131 -22.82 -24.21 -13.08
CA CYS B 131 -22.11 -23.93 -11.86
C CYS B 131 -21.43 -22.57 -12.01
N VAL B 132 -22.17 -21.53 -11.68
CA VAL B 132 -21.81 -20.16 -12.06
C VAL B 132 -21.84 -19.28 -10.83
N GLY B 133 -20.81 -18.45 -10.69
CA GLY B 133 -20.79 -17.36 -9.74
C GLY B 133 -20.68 -17.91 -8.35
N GLY B 134 -21.73 -17.71 -7.56
CA GLY B 134 -21.85 -18.35 -6.24
C GLY B 134 -21.66 -19.85 -6.27
N GLY B 135 -22.06 -20.46 -7.39
CA GLY B 135 -21.88 -21.90 -7.60
C GLY B 135 -20.43 -22.33 -7.58
N VAL B 136 -19.59 -21.56 -8.27
CA VAL B 136 -18.15 -21.84 -8.27
C VAL B 136 -17.62 -21.62 -6.85
N SER B 137 -18.05 -20.53 -6.21
CA SER B 137 -17.62 -20.26 -4.84
C SER B 137 -17.94 -21.46 -3.90
N LEU B 138 -19.16 -21.96 -3.98
CA LEU B 138 -19.58 -23.13 -3.20
C LEU B 138 -18.70 -24.31 -3.46
N ALA B 139 -18.53 -24.60 -4.74
CA ALA B 139 -17.70 -25.74 -5.19
C ALA B 139 -16.26 -25.65 -4.66
N MSE B 140 -15.69 -24.45 -4.69
CA MSE B 140 -14.27 -24.28 -4.30
C MSE B 140 -14.09 -24.33 -2.80
O MSE B 140 -12.98 -24.58 -2.32
CB MSE B 140 -13.69 -22.96 -4.82
CG MSE B 140 -13.66 -22.77 -6.33
SE MSE B 140 -13.05 -24.40 -7.27
CE MSE B 140 -11.27 -24.46 -6.53
N ALA B 141 -15.16 -24.06 -2.07
CA ALA B 141 -15.14 -24.20 -0.61
C ALA B 141 -15.08 -25.66 -0.19
N ALA B 142 -15.67 -26.53 -1.00
CA ALA B 142 -15.57 -27.98 -0.77
C ALA B 142 -14.10 -28.45 -0.87
N ASP B 143 -13.81 -29.60 -0.27
CA ASP B 143 -12.47 -30.21 -0.37
C ASP B 143 -12.21 -30.85 -1.76
N LEU B 144 -13.23 -31.48 -2.31
CA LEU B 144 -13.12 -32.23 -3.54
C LEU B 144 -14.30 -31.93 -4.45
N ARG B 145 -14.05 -31.99 -5.76
CA ARG B 145 -15.05 -31.66 -6.76
C ARG B 145 -15.09 -32.69 -7.86
N VAL B 146 -16.28 -33.25 -8.08
CA VAL B 146 -16.52 -34.09 -9.24
C VAL B 146 -17.64 -33.45 -10.06
N ALA B 147 -17.44 -33.41 -11.37
CA ALA B 147 -18.43 -32.87 -12.28
C ALA B 147 -18.73 -33.81 -13.41
N GLY B 148 -19.98 -33.78 -13.83
CA GLY B 148 -20.42 -34.48 -15.04
C GLY B 148 -20.02 -33.68 -16.27
N GLU B 149 -19.80 -34.39 -17.37
CA GLU B 149 -19.68 -33.72 -18.65
C GLU B 149 -20.95 -32.90 -18.91
N GLY B 150 -20.80 -31.81 -19.65
CA GLY B 150 -21.91 -30.91 -19.88
C GLY B 150 -22.11 -29.86 -18.80
N ALA B 151 -21.47 -30.00 -17.65
CA ALA B 151 -21.46 -28.94 -16.63
C ALA B 151 -20.72 -27.70 -17.17
N LYS B 152 -21.18 -26.53 -16.75
CA LYS B 152 -20.66 -25.25 -17.22
C LYS B 152 -20.25 -24.41 -16.05
N PHE B 153 -19.12 -23.72 -16.21
CA PHE B 153 -18.49 -22.98 -15.12
C PHE B 153 -18.21 -21.56 -15.52
N GLY B 154 -18.36 -20.66 -14.57
CA GLY B 154 -18.03 -19.26 -14.81
C GLY B 154 -18.10 -18.43 -13.55
N VAL B 155 -17.26 -17.39 -13.52
CA VAL B 155 -17.21 -16.48 -12.39
C VAL B 155 -17.26 -15.07 -12.99
N THR B 156 -18.33 -14.35 -12.69
CA THR B 156 -18.74 -13.19 -13.46
C THR B 156 -18.82 -11.81 -12.78
N PRO B 157 -18.15 -11.61 -11.61
CA PRO B 157 -18.29 -10.28 -10.99
C PRO B 157 -17.82 -9.15 -11.89
N GLY B 158 -16.85 -9.45 -12.73
CA GLY B 158 -16.39 -8.51 -13.73
C GLY B 158 -17.42 -8.00 -14.71
N LYS B 159 -18.45 -8.80 -14.98
CA LYS B 159 -19.56 -8.38 -15.87
C LYS B 159 -20.49 -7.34 -15.25
N LEU B 160 -20.34 -7.10 -13.94
CA LEU B 160 -21.19 -6.19 -13.20
C LEU B 160 -20.50 -4.98 -12.60
N GLY B 161 -19.17 -4.97 -12.56
CA GLY B 161 -18.41 -3.96 -11.84
C GLY B 161 -18.06 -4.32 -10.40
N LEU B 162 -18.20 -5.59 -10.04
CA LEU B 162 -17.86 -6.08 -8.69
C LEU B 162 -16.47 -6.68 -8.71
N VAL B 163 -16.02 -7.10 -7.54
CA VAL B 163 -14.77 -7.87 -7.39
C VAL B 163 -15.01 -9.13 -6.56
N TYR B 164 -14.42 -10.23 -7.01
CA TYR B 164 -14.53 -11.53 -6.33
C TYR B 164 -13.82 -11.39 -4.98
N PRO B 165 -14.44 -11.87 -3.88
CA PRO B 165 -13.79 -11.66 -2.58
C PRO B 165 -12.46 -12.38 -2.39
N ALA B 166 -11.79 -12.00 -1.33
CA ALA B 166 -10.50 -12.54 -0.99
C ALA B 166 -10.52 -14.06 -0.79
N GLY B 167 -11.45 -14.54 0.01
CA GLY B 167 -11.54 -15.98 0.32
C GLY B 167 -11.82 -16.80 -0.94
N ASP B 168 -12.81 -16.36 -1.72
CA ASP B 168 -13.20 -17.04 -2.96
C ASP B 168 -12.02 -17.04 -3.96
N THR B 169 -11.33 -15.90 -4.05
CA THR B 169 -10.18 -15.75 -4.95
C THR B 169 -9.02 -16.67 -4.50
N ARG B 170 -8.76 -16.70 -3.18
CA ARG B 170 -7.71 -17.54 -2.58
C ARG B 170 -7.93 -19.02 -2.97
N ARG B 171 -9.14 -19.47 -2.75
CA ARG B 171 -9.51 -20.87 -3.00
C ARG B 171 -9.39 -21.20 -4.48
N LEU B 172 -9.77 -20.26 -5.34
CA LEU B 172 -9.65 -20.45 -6.79
C LEU B 172 -8.16 -20.54 -7.20
N LEU B 173 -7.38 -19.56 -6.75
CA LEU B 173 -5.92 -19.51 -6.99
C LEU B 173 -5.20 -20.81 -6.60
N ALA B 174 -5.52 -21.31 -5.43
CA ALA B 174 -4.87 -22.50 -4.92
C ALA B 174 -5.11 -23.71 -5.81
N ALA B 175 -6.24 -23.75 -6.47
CA ALA B 175 -6.59 -24.86 -7.35
C ALA B 175 -6.03 -24.72 -8.76
N VAL B 176 -6.14 -23.53 -9.33
CA VAL B 176 -5.84 -23.38 -10.76
C VAL B 176 -4.61 -22.55 -11.09
N GLY B 177 -4.06 -21.83 -10.10
CA GLY B 177 -2.90 -20.98 -10.35
C GLY B 177 -3.24 -19.58 -10.88
N PRO B 178 -2.24 -18.68 -10.93
CA PRO B 178 -2.52 -17.26 -11.19
C PRO B 178 -3.01 -17.00 -12.60
N GLY B 179 -2.40 -17.63 -13.60
CA GLY B 179 -2.77 -17.36 -14.99
C GLY B 179 -4.22 -17.70 -15.28
N ALA B 180 -4.60 -18.92 -14.90
CA ALA B 180 -5.96 -19.40 -15.09
C ALA B 180 -6.98 -18.60 -14.29
N THR B 181 -6.62 -18.22 -13.08
CA THR B 181 -7.51 -17.41 -12.23
C THR B 181 -7.78 -16.05 -12.88
N LYS B 182 -6.72 -15.44 -13.43
CA LYS B 182 -6.84 -14.18 -14.15
C LYS B 182 -7.70 -14.32 -15.40
N ASP B 183 -7.49 -15.39 -16.15
CA ASP B 183 -8.33 -15.67 -17.33
C ASP B 183 -9.83 -15.71 -16.95
N ILE B 184 -10.14 -16.56 -15.98
CA ILE B 184 -11.52 -16.77 -15.49
C ILE B 184 -12.16 -15.44 -15.06
N LEU B 185 -11.45 -14.70 -14.23
CA LEU B 185 -12.01 -13.48 -13.62
C LEU B 185 -11.95 -12.27 -14.55
N PHE B 186 -10.88 -12.14 -15.33
CA PHE B 186 -10.76 -11.01 -16.27
C PHE B 186 -11.80 -11.08 -17.41
N THR B 187 -12.19 -12.30 -17.83
CA THR B 187 -13.13 -12.46 -18.95
C THR B 187 -14.57 -12.68 -18.48
N GLY B 188 -14.72 -13.32 -17.33
CA GLY B 188 -16.03 -13.78 -16.87
C GLY B 188 -16.65 -14.83 -17.80
N ARG B 189 -15.82 -15.51 -18.58
CA ARG B 189 -16.32 -16.43 -19.60
C ARG B 189 -16.83 -17.72 -18.99
N ILE B 190 -17.81 -18.32 -19.68
CA ILE B 190 -18.37 -19.59 -19.32
C ILE B 190 -17.55 -20.66 -20.03
N PHE B 191 -17.09 -21.66 -19.27
CA PHE B 191 -16.28 -22.72 -19.83
C PHE B 191 -16.80 -24.11 -19.44
N THR B 192 -16.34 -25.11 -20.19
CA THR B 192 -16.86 -26.46 -20.08
C THR B 192 -16.23 -27.20 -18.91
N ALA B 193 -16.89 -28.27 -18.53
CA ALA B 193 -16.35 -29.22 -17.55
C ALA B 193 -14.99 -29.77 -17.96
N GLY B 194 -14.86 -30.08 -19.24
CA GLY B 194 -13.57 -30.55 -19.81
C GLY B 194 -12.44 -29.58 -19.56
N GLU B 195 -12.70 -28.31 -19.80
CA GLU B 195 -11.69 -27.28 -19.52
C GLU B 195 -11.44 -27.13 -18.00
N ALA B 196 -12.52 -27.18 -17.24
CA ALA B 196 -12.42 -27.09 -15.78
C ALA B 196 -11.51 -28.17 -15.22
N LYS B 197 -11.68 -29.39 -15.75
CA LYS B 197 -10.83 -30.51 -15.36
C LYS B 197 -9.36 -30.21 -15.71
N SER B 198 -9.17 -29.79 -16.93
CA SER B 198 -7.86 -29.46 -17.47
C SER B 198 -7.16 -28.37 -16.65
N LEU B 199 -7.91 -27.36 -16.25
CA LEU B 199 -7.36 -26.26 -15.42
C LEU B 199 -7.06 -26.67 -13.97
N GLY B 200 -7.62 -27.78 -13.51
CA GLY B 200 -7.53 -28.20 -12.09
C GLY B 200 -8.62 -27.64 -11.20
N LEU B 201 -9.64 -27.01 -11.78
CA LEU B 201 -10.73 -26.45 -11.02
C LEU B 201 -11.57 -27.54 -10.36
N ILE B 202 -11.82 -28.58 -11.12
CA ILE B 202 -12.44 -29.80 -10.61
C ILE B 202 -11.38 -30.89 -10.56
N ASP B 203 -11.63 -31.87 -9.70
CA ASP B 203 -10.69 -32.96 -9.46
C ASP B 203 -11.00 -34.20 -10.29
N ARG B 204 -12.30 -34.40 -10.59
CA ARG B 204 -12.74 -35.52 -11.42
C ARG B 204 -13.83 -35.17 -12.39
N LEU B 205 -13.69 -35.71 -13.59
CA LEU B 205 -14.62 -35.51 -14.67
C LEU B 205 -15.21 -36.86 -15.00
N VAL B 206 -16.53 -36.93 -14.97
CA VAL B 206 -17.23 -38.17 -15.19
C VAL B 206 -18.32 -37.95 -16.22
N GLU B 207 -18.87 -39.06 -16.67
CA GLU B 207 -19.98 -39.09 -17.60
C GLU B 207 -21.15 -38.24 -17.09
N LYS B 208 -21.78 -37.49 -18.01
CA LYS B 208 -22.93 -36.64 -17.71
C LYS B 208 -24.00 -37.40 -16.92
N GLY B 209 -24.53 -36.77 -15.89
CA GLY B 209 -25.52 -37.40 -15.04
C GLY B 209 -25.01 -38.41 -14.02
N THR B 210 -23.69 -38.62 -13.93
CA THR B 210 -23.16 -39.60 -12.96
C THR B 210 -22.35 -39.00 -11.83
N ALA B 211 -22.32 -37.67 -11.74
CA ALA B 211 -21.47 -36.98 -10.74
C ALA B 211 -21.86 -37.30 -9.29
N LEU B 212 -23.16 -37.33 -9.03
CA LEU B 212 -23.65 -37.64 -7.69
C LEU B 212 -23.25 -39.06 -7.24
N GLU B 213 -23.49 -40.03 -8.11
CA GLU B 213 -23.09 -41.41 -7.84
C GLU B 213 -21.56 -41.51 -7.63
N ALA B 214 -20.80 -40.80 -8.46
CA ALA B 214 -19.36 -40.83 -8.36
C ALA B 214 -18.90 -40.22 -7.04
N ALA B 215 -19.56 -39.13 -6.61
CA ALA B 215 -19.25 -38.51 -5.34
C ALA B 215 -19.57 -39.43 -4.17
N ARG B 216 -20.69 -40.13 -4.26
CA ARG B 216 -21.09 -41.10 -3.22
C ARG B 216 -20.12 -42.26 -3.08
N VAL B 217 -19.71 -42.83 -4.21
CA VAL B 217 -18.70 -43.92 -4.17
C VAL B 217 -17.33 -43.43 -3.66
N TRP B 218 -16.91 -42.25 -4.11
CA TRP B 218 -15.67 -41.65 -3.65
C TRP B 218 -15.73 -41.44 -2.12
N ALA B 219 -16.85 -40.86 -1.66
CA ALA B 219 -17.10 -40.69 -0.24
C ALA B 219 -17.09 -42.02 0.52
N GLY B 220 -17.68 -43.04 -0.09
CA GLY B 220 -17.63 -44.42 0.46
C GLY B 220 -16.22 -44.89 0.72
N GLU B 221 -15.33 -44.64 -0.24
CA GLU B 221 -13.93 -45.05 -0.10
C GLU B 221 -13.27 -44.34 1.07
N ILE B 222 -13.56 -43.06 1.24
CA ILE B 222 -12.96 -42.27 2.31
C ILE B 222 -13.54 -42.67 3.66
N ALA B 223 -14.86 -42.88 3.69
CA ALA B 223 -15.57 -43.42 4.85
C ALA B 223 -15.02 -44.74 5.40
N ALA B 224 -14.49 -45.58 4.53
CA ALA B 224 -13.97 -46.91 4.92
C ALA B 224 -12.66 -46.86 5.67
N ILE B 225 -11.91 -45.76 5.56
CA ILE B 225 -10.61 -45.69 6.24
C ILE B 225 -10.77 -44.99 7.59
N SER B 226 -9.65 -44.68 8.26
CA SER B 226 -9.73 -44.01 9.56
C SER B 226 -10.22 -42.57 9.48
N GLN B 227 -11.33 -42.27 10.15
CA GLN B 227 -11.87 -40.92 10.16
C GLN B 227 -11.03 -40.02 11.04
N TRP B 228 -10.35 -40.60 12.02
CA TRP B 228 -9.34 -39.83 12.76
C TRP B 228 -8.29 -39.29 11.76
N SER B 229 -7.78 -40.16 10.91
CA SER B 229 -6.78 -39.78 9.89
C SER B 229 -7.30 -38.76 8.88
N VAL B 230 -8.52 -39.00 8.40
CA VAL B 230 -9.12 -38.13 7.39
C VAL B 230 -9.19 -36.70 7.93
N ARG B 231 -9.70 -36.56 9.15
CA ARG B 231 -9.91 -35.24 9.74
C ARG B 231 -8.60 -34.57 10.10
N ALA B 232 -7.66 -35.37 10.59
CA ALA B 232 -6.31 -34.88 10.92
C ALA B 232 -5.61 -34.41 9.66
N THR B 233 -5.79 -35.16 8.58
CA THR B 233 -5.19 -34.81 7.28
C THR B 233 -5.70 -33.45 6.81
N LYS B 234 -7.01 -33.26 6.87
CA LYS B 234 -7.61 -31.99 6.50
C LYS B 234 -7.06 -30.82 7.33
N ARG B 235 -6.95 -31.01 8.64
CA ARG B 235 -6.34 -30.00 9.54
C ARG B 235 -4.88 -29.72 9.16
N MSE B 236 -4.12 -30.79 8.87
CA MSE B 236 -2.72 -30.63 8.49
C MSE B 236 -2.57 -29.81 7.25
O MSE B 236 -1.74 -28.90 7.19
CB MSE B 236 -2.04 -31.99 8.31
CG MSE B 236 -0.54 -31.88 8.02
SE MSE B 236 0.47 -31.40 9.65
CE MSE B 236 0.51 -33.19 10.47
N ILE B 237 -3.40 -30.11 6.26
CA ILE B 237 -3.36 -29.40 4.98
C ILE B 237 -3.73 -27.93 5.16
N ARG B 238 -4.87 -27.68 5.79
CA ARG B 238 -5.34 -26.31 6.06
C ARG B 238 -4.22 -25.57 6.83
N GLY B 239 -3.64 -26.24 7.83
CA GLY B 239 -2.54 -25.67 8.62
C GLY B 239 -1.39 -25.23 7.75
N LEU B 240 -0.93 -26.13 6.88
CA LEU B 240 0.18 -25.85 5.96
C LEU B 240 -0.13 -24.70 4.98
N GLN B 241 -1.39 -24.61 4.54
CA GLN B 241 -1.83 -23.51 3.68
C GLN B 241 -1.84 -22.16 4.41
N THR B 242 -2.13 -22.16 5.70
CA THR B 242 -2.12 -20.94 6.53
C THR B 242 -0.86 -20.74 7.35
N GLY B 243 0.29 -21.21 6.85
CA GLY B 243 1.59 -20.85 7.41
C GLY B 243 2.35 -21.83 8.30
N TRP B 244 1.75 -22.97 8.67
CA TRP B 244 2.47 -23.98 9.46
C TRP B 244 3.71 -24.45 8.75
N THR B 245 4.78 -24.67 9.50
CA THR B 245 5.99 -25.33 9.01
C THR B 245 6.14 -26.65 9.72
N ASP B 246 7.18 -27.38 9.36
CA ASP B 246 7.50 -28.66 9.99
C ASP B 246 7.76 -28.47 11.51
N GLU B 247 8.29 -27.32 11.88
CA GLU B 247 8.58 -26.97 13.28
C GLU B 247 7.37 -26.50 14.10
N THR B 248 6.31 -26.03 13.44
CA THR B 248 5.11 -25.54 14.16
C THR B 248 4.60 -26.55 15.19
N PRO B 249 4.50 -26.17 16.48
CA PRO B 249 4.06 -27.09 17.53
C PRO B 249 2.78 -27.88 17.25
N GLU B 250 1.78 -27.18 16.72
CA GLU B 250 0.47 -27.81 16.39
C GLU B 250 0.62 -28.92 15.33
N ALA B 251 1.54 -28.72 14.38
CA ALA B 251 1.85 -29.71 13.33
C ALA B 251 2.54 -30.93 13.92
N GLN B 252 3.46 -30.69 14.84
CA GLN B 252 4.18 -31.78 15.55
C GLN B 252 3.25 -32.58 16.44
N SER B 253 2.40 -31.89 17.21
CA SER B 253 1.50 -32.61 18.12
C SER B 253 0.41 -33.35 17.36
N LEU B 254 -0.05 -32.77 16.24
CA LEU B 254 -1.00 -33.47 15.39
C LEU B 254 -0.41 -34.79 14.90
N PHE B 255 0.84 -34.75 14.43
CA PHE B 255 1.55 -35.95 13.99
C PHE B 255 1.67 -37.01 15.12
N LEU B 256 2.09 -36.56 16.28
CA LEU B 256 2.28 -37.48 17.43
C LEU B 256 0.97 -38.07 17.91
N ASN B 257 -0.12 -37.30 17.81
CA ASN B 257 -1.46 -37.84 18.11
C ASN B 257 -1.87 -38.97 17.18
N GLY B 258 -1.25 -39.03 16.01
CA GLY B 258 -1.35 -40.18 15.13
C GLY B 258 -1.09 -41.53 15.81
N PHE B 259 -0.15 -41.57 16.74
CA PHE B 259 0.21 -42.81 17.41
C PHE B 259 -0.60 -43.09 18.66
N ALA B 260 -1.38 -42.12 19.10
CA ALA B 260 -2.09 -42.22 20.37
C ALA B 260 -3.62 -42.28 20.29
N ASN B 261 -4.19 -42.40 19.11
CA ASN B 261 -5.64 -42.26 18.95
C ASN B 261 -6.24 -43.67 18.85
N GLU B 262 -7.54 -43.77 19.05
CA GLU B 262 -8.21 -45.08 19.05
C GLU B 262 -8.17 -45.83 17.71
N ASP B 263 -8.16 -45.10 16.62
CA ASP B 263 -8.11 -45.74 15.29
C ASP B 263 -6.75 -46.41 15.07
N PHE B 264 -5.65 -45.73 15.39
CA PHE B 264 -4.33 -46.33 15.22
C PHE B 264 -4.15 -47.62 16.01
N LYS B 265 -4.65 -47.62 17.24
CA LYS B 265 -4.65 -48.85 18.09
C LYS B 265 -5.27 -50.06 17.33
N GLU B 266 -6.38 -49.80 16.67
CA GLU B 266 -7.10 -50.80 15.85
C GLU B 266 -6.38 -51.09 14.53
N GLY B 267 -5.89 -50.04 13.89
CA GLY B 267 -5.16 -50.19 12.63
C GLY B 267 -3.96 -51.10 12.81
N TYR B 268 -3.22 -50.86 13.90
CA TYR B 268 -2.03 -51.64 14.27
C TYR B 268 -2.38 -53.09 14.46
N ARG B 269 -3.42 -53.34 15.26
CA ARG B 269 -3.93 -54.69 15.46
C ARG B 269 -4.34 -55.39 14.16
N ALA B 270 -5.07 -54.68 13.33
CA ALA B 270 -5.60 -55.23 12.07
C ALA B 270 -4.49 -55.61 11.08
N PHE B 271 -3.43 -54.77 11.01
CA PHE B 271 -2.22 -55.04 10.20
C PHE B 271 -1.50 -56.34 10.67
N LEU B 272 -1.40 -56.52 12.00
CA LEU B 272 -0.78 -57.74 12.58
C LEU B 272 -1.65 -59.00 12.44
N ASP B 273 -2.95 -58.89 12.71
CA ASP B 273 -3.91 -60.00 12.55
C ASP B 273 -4.25 -60.34 11.10
N LYS B 274 -3.84 -59.50 10.16
CA LYS B 274 -4.11 -59.68 8.73
C LYS B 274 -5.61 -59.74 8.40
N ARG B 275 -6.34 -58.75 8.92
CA ARG B 275 -7.78 -58.54 8.68
C ARG B 275 -8.06 -57.06 8.35
N PRO B 276 -9.25 -56.76 7.80
CA PRO B 276 -9.59 -55.35 7.57
C PRO B 276 -9.71 -54.58 8.88
N ALA B 277 -9.23 -53.33 8.88
CA ALA B 277 -9.43 -52.43 10.01
C ALA B 277 -10.91 -52.10 10.13
N LYS B 278 -11.43 -52.13 11.36
CA LYS B 278 -12.78 -51.67 11.65
C LYS B 278 -12.65 -50.48 12.60
N PHE B 279 -12.55 -49.31 11.99
CA PHE B 279 -12.21 -48.10 12.73
C PHE B 279 -13.44 -47.57 13.47
N THR B 280 -13.22 -47.14 14.70
CA THR B 280 -14.30 -46.74 15.61
C THR B 280 -14.39 -45.24 15.89
N TYR B 281 -13.34 -44.46 15.62
CA TYR B 281 -13.36 -43.01 15.90
C TYR B 281 -14.46 -42.28 15.13
N ARG B 282 -15.28 -41.51 15.86
CA ARG B 282 -16.45 -40.83 15.27
C ARG B 282 -16.46 -39.39 15.75
N THR C 24 14.63 3.37 -35.92
CA THR C 24 14.34 1.99 -35.44
C THR C 24 14.60 1.83 -33.92
N LEU C 25 13.71 2.38 -33.08
CA LEU C 25 13.74 2.10 -31.62
C LEU C 25 13.74 0.58 -31.42
N PRO C 26 14.65 0.05 -30.56
CA PRO C 26 14.66 -1.41 -30.35
C PRO C 26 13.46 -1.97 -29.57
N ILE C 27 12.72 -1.10 -28.89
CA ILE C 27 11.45 -1.43 -28.22
C ILE C 27 10.56 -0.18 -28.24
N ARG C 28 9.27 -0.35 -28.45
CA ARG C 28 8.37 0.79 -28.51
C ARG C 28 6.99 0.48 -28.00
N LEU C 29 6.19 1.54 -27.82
CA LEU C 29 4.81 1.40 -27.45
C LEU C 29 3.91 1.90 -28.57
N ASP C 30 3.11 1.00 -29.12
CA ASP C 30 2.07 1.37 -30.08
C ASP C 30 0.75 1.49 -29.35
N ILE C 31 0.00 2.55 -29.64
CA ILE C 31 -1.32 2.76 -29.08
C ILE C 31 -2.34 2.50 -30.18
N ALA C 32 -3.30 1.63 -29.90
CA ALA C 32 -4.45 1.43 -30.76
C ALA C 32 -5.64 1.06 -29.88
N ALA C 33 -6.28 2.09 -29.36
CA ALA C 33 -7.30 1.94 -28.34
C ALA C 33 -8.30 0.83 -28.70
N PRO C 34 -8.67 -0.07 -27.78
CA PRO C 34 -8.34 -0.02 -26.35
C PRO C 34 -7.02 -0.72 -25.95
N LEU C 35 -6.15 -0.98 -26.92
CA LEU C 35 -4.89 -1.66 -26.66
C LEU C 35 -3.69 -0.73 -26.70
N ALA C 36 -2.69 -1.08 -25.91
CA ALA C 36 -1.32 -0.60 -26.10
C ALA C 36 -0.44 -1.81 -26.28
N GLU C 37 0.55 -1.72 -27.16
CA GLU C 37 1.36 -2.87 -27.50
C GLU C 37 2.82 -2.52 -27.31
N ILE C 38 3.49 -3.24 -26.42
CA ILE C 38 4.94 -3.13 -26.24
C ILE C 38 5.57 -4.05 -27.27
N VAL C 39 6.24 -3.46 -28.24
CA VAL C 39 6.72 -4.21 -29.40
C VAL C 39 8.24 -4.24 -29.38
N LEU C 40 8.78 -5.45 -29.30
CA LEU C 40 10.22 -5.64 -29.34
C LEU C 40 10.66 -5.61 -30.79
N ASN C 41 11.76 -4.93 -31.04
CA ASN C 41 12.08 -4.55 -32.43
C ASN C 41 13.56 -4.44 -32.71
N LYS C 42 14.22 -5.54 -32.44
CA LYS C 42 15.58 -5.75 -32.86
C LYS C 42 15.62 -7.04 -33.69
N PRO C 43 14.99 -7.01 -34.87
CA PRO C 43 14.86 -8.22 -35.66
C PRO C 43 16.19 -8.88 -36.04
N GLU C 44 17.21 -8.07 -36.27
CA GLU C 44 18.54 -8.58 -36.66
C GLU C 44 19.25 -9.42 -35.59
N ARG C 45 18.75 -9.35 -34.36
CA ARG C 45 19.22 -10.20 -33.27
C ARG C 45 18.12 -11.09 -32.70
N ARG C 46 17.05 -11.22 -33.45
CA ARG C 46 15.85 -11.92 -33.03
C ARG C 46 15.34 -11.45 -31.66
N ASN C 47 15.33 -10.12 -31.48
CA ASN C 47 14.86 -9.44 -30.29
C ASN C 47 15.60 -9.80 -29.00
N ALA C 48 16.88 -10.17 -29.14
CA ALA C 48 17.76 -10.39 -27.99
C ALA C 48 17.77 -9.12 -27.15
N LEU C 49 17.63 -9.26 -25.85
CA LEU C 49 17.36 -8.13 -24.98
C LEU C 49 18.63 -7.40 -24.54
N SER C 50 18.65 -6.10 -24.76
CA SER C 50 19.78 -5.23 -24.44
C SER C 50 19.45 -4.30 -23.27
N VAL C 51 20.47 -3.65 -22.76
CA VAL C 51 20.37 -2.64 -21.68
C VAL C 51 19.31 -1.61 -21.98
N ASP C 52 19.37 -1.00 -23.16
CA ASP C 52 18.45 0.08 -23.52
C ASP C 52 16.99 -0.43 -23.66
N MSE C 53 16.79 -1.69 -24.04
CA MSE C 53 15.44 -2.28 -24.07
C MSE C 53 14.91 -2.39 -22.63
O MSE C 53 13.81 -1.94 -22.34
CB MSE C 53 15.43 -3.63 -24.79
CG MSE C 53 15.53 -3.39 -26.31
SE MSE C 53 16.20 -4.97 -27.23
CE MSE C 53 14.49 -5.94 -27.48
N TRP C 54 15.68 -3.02 -21.76
CA TRP C 54 15.30 -3.21 -20.36
C TRP C 54 15.02 -1.86 -19.68
N ALA C 55 15.88 -0.88 -19.96
CA ALA C 55 15.79 0.46 -19.37
C ALA C 55 14.53 1.22 -19.76
N ALA C 56 14.04 0.96 -20.97
CA ALA C 56 12.86 1.62 -21.52
C ALA C 56 11.53 1.07 -21.00
N ILE C 57 11.52 -0.16 -20.51
CA ILE C 57 10.27 -0.87 -20.24
C ILE C 57 9.40 -0.19 -19.16
N PRO C 58 10.01 0.20 -18.02
CA PRO C 58 9.16 0.83 -17.02
C PRO C 58 8.43 2.09 -17.52
N GLY C 59 9.11 2.86 -18.37
CA GLY C 59 8.50 4.04 -18.98
C GLY C 59 7.35 3.72 -19.93
N LEU C 60 7.52 2.66 -20.72
CA LEU C 60 6.47 2.23 -21.65
C LEU C 60 5.24 1.76 -20.89
N VAL C 61 5.48 0.99 -19.85
CA VAL C 61 4.38 0.47 -19.01
C VAL C 61 3.65 1.66 -18.36
N ALA C 62 4.41 2.59 -17.80
CA ALA C 62 3.84 3.79 -17.20
C ALA C 62 2.99 4.58 -18.21
N GLU C 63 3.49 4.72 -19.43
CA GLU C 63 2.78 5.47 -20.46
C GLU C 63 1.42 4.82 -20.78
N ALA C 64 1.43 3.50 -20.96
CA ALA C 64 0.22 2.74 -21.22
C ALA C 64 -0.80 2.89 -20.07
N ASN C 65 -0.31 2.77 -18.85
CA ASN C 65 -1.17 2.89 -17.67
C ASN C 65 -1.75 4.29 -17.46
N ALA C 66 -1.04 5.32 -17.90
CA ALA C 66 -1.51 6.71 -17.71
C ALA C 66 -2.50 7.12 -18.78
N ASN C 67 -2.50 6.43 -19.91
CA ASN C 67 -3.35 6.79 -21.06
C ASN C 67 -4.74 6.20 -20.87
N PRO C 68 -5.77 7.05 -20.65
CA PRO C 68 -7.11 6.55 -20.36
C PRO C 68 -7.81 5.81 -21.51
N ASP C 69 -7.34 5.97 -22.74
CA ASP C 69 -7.87 5.18 -23.87
C ASP C 69 -7.38 3.73 -23.89
N VAL C 70 -6.32 3.45 -23.14
CA VAL C 70 -5.74 2.11 -23.06
C VAL C 70 -6.37 1.31 -21.92
N LYS C 71 -6.88 0.13 -22.25
CA LYS C 71 -7.39 -0.81 -21.25
C LYS C 71 -6.48 -1.99 -20.98
N LEU C 72 -5.88 -2.52 -22.05
CA LEU C 72 -4.99 -3.67 -21.97
C LEU C 72 -3.70 -3.42 -22.69
N ILE C 73 -2.65 -4.06 -22.18
CA ILE C 73 -1.31 -3.99 -22.74
C ILE C 73 -0.97 -5.36 -23.29
N LEU C 74 -0.42 -5.36 -24.50
CA LEU C 74 0.15 -6.57 -25.10
C LEU C 74 1.68 -6.43 -25.14
N ILE C 75 2.38 -7.55 -25.06
CA ILE C 75 3.81 -7.57 -25.33
C ILE C 75 4.11 -8.65 -26.38
N HIS C 76 4.78 -8.26 -27.45
CA HIS C 76 5.11 -9.19 -28.54
C HIS C 76 6.35 -8.79 -29.33
N GLY C 77 6.81 -9.72 -30.18
CA GLY C 77 8.05 -9.55 -30.95
C GLY C 77 7.95 -8.89 -32.32
N GLY C 78 6.81 -8.26 -32.60
CA GLY C 78 6.51 -7.66 -33.90
C GLY C 78 6.63 -8.61 -35.08
N ASP C 79 7.43 -8.22 -36.08
CA ASP C 79 7.71 -9.06 -37.27
C ASP C 79 9.15 -9.60 -37.27
N ALA C 80 9.80 -9.67 -36.10
CA ALA C 80 11.15 -10.27 -35.99
C ALA C 80 11.18 -11.79 -36.21
N GLY C 81 10.01 -12.44 -36.18
CA GLY C 81 9.91 -13.89 -36.19
C GLY C 81 10.29 -14.55 -34.86
N ALA C 82 10.49 -13.75 -33.82
CA ALA C 82 10.85 -14.25 -32.50
C ALA C 82 10.29 -13.32 -31.46
N PHE C 83 10.00 -13.85 -30.29
CA PHE C 83 9.61 -13.03 -29.14
C PHE C 83 10.86 -12.34 -28.54
N ALA C 84 11.78 -13.14 -28.00
CA ALA C 84 13.10 -12.63 -27.58
C ALA C 84 14.09 -13.79 -27.49
N ALA C 85 15.20 -13.68 -28.22
CA ALA C 85 16.17 -14.78 -28.38
C ALA C 85 17.28 -14.64 -27.34
N GLY C 86 16.89 -14.57 -26.09
CA GLY C 86 17.86 -14.47 -25.02
C GLY C 86 18.47 -13.09 -24.84
N ALA C 87 19.60 -13.06 -24.13
CA ALA C 87 20.40 -11.84 -23.96
C ALA C 87 21.31 -11.52 -25.17
N ASP C 88 21.54 -10.23 -25.38
CA ASP C 88 22.43 -9.77 -26.45
C ASP C 88 23.89 -9.99 -26.04
N ILE C 89 24.54 -10.88 -26.77
CA ILE C 89 25.92 -11.26 -26.51
C ILE C 89 26.93 -10.12 -26.65
N SER C 90 26.64 -9.18 -27.53
CA SER C 90 27.53 -8.03 -27.76
C SER C 90 27.67 -7.10 -26.55
N GLU C 91 26.72 -7.12 -25.63
CA GLU C 91 26.82 -6.28 -24.40
C GLU C 91 27.33 -7.05 -23.14
N PHE C 92 27.46 -8.37 -23.28
CA PHE C 92 27.98 -9.23 -22.22
C PHE C 92 29.26 -8.68 -21.57
N GLU C 93 30.19 -8.25 -22.40
CA GLU C 93 31.48 -7.74 -21.94
C GLU C 93 31.37 -6.50 -21.06
N THR C 94 30.45 -5.63 -21.43
CA THR C 94 30.18 -4.39 -20.70
C THR C 94 29.46 -4.66 -19.39
N ILE C 95 28.29 -5.31 -19.49
CA ILE C 95 27.45 -5.64 -18.32
C ILE C 95 28.15 -6.42 -17.21
N TYR C 96 29.03 -7.33 -17.61
CA TYR C 96 29.73 -8.20 -16.66
C TYR C 96 31.21 -7.85 -16.45
N ALA C 97 31.62 -6.68 -16.92
CA ALA C 97 33.00 -6.20 -16.75
C ALA C 97 33.37 -6.09 -15.28
N THR C 98 32.43 -5.62 -14.48
CA THR C 98 32.61 -5.46 -13.02
C THR C 98 31.41 -5.99 -12.20
N GLU C 99 31.62 -6.17 -10.89
CA GLU C 99 30.54 -6.56 -9.92
C GLU C 99 29.45 -5.49 -9.96
N ASP C 100 29.88 -4.24 -9.99
CA ASP C 100 28.99 -3.09 -10.00
C ASP C 100 28.10 -3.01 -11.26
N ALA C 101 28.69 -3.20 -12.44
CA ALA C 101 27.93 -3.22 -13.69
C ALA C 101 26.89 -4.36 -13.69
N ALA C 102 27.33 -5.53 -13.23
CA ALA C 102 26.47 -6.72 -13.17
C ALA C 102 25.29 -6.51 -12.21
N LYS C 103 25.58 -5.93 -11.05
CA LYS C 103 24.54 -5.58 -10.10
C LYS C 103 23.52 -4.57 -10.67
N ALA C 104 24.02 -3.54 -11.34
CA ALA C 104 23.15 -2.56 -12.04
C ALA C 104 22.29 -3.18 -13.15
N SER C 105 22.87 -4.13 -13.87
CA SER C 105 22.12 -4.89 -14.85
C SER C 105 20.94 -5.61 -14.20
N GLY C 106 21.21 -6.32 -13.13
CA GLY C 106 20.20 -7.04 -12.38
C GLY C 106 19.07 -6.15 -11.92
N GLN C 107 19.43 -4.96 -11.43
CA GLN C 107 18.44 -4.00 -10.91
C GLN C 107 17.57 -3.48 -12.01
N ARG C 108 18.20 -3.15 -13.11
CA ARG C 108 17.53 -2.68 -14.30
CA ARG C 108 17.53 -2.68 -14.30
C ARG C 108 16.50 -3.68 -14.85
N ILE C 109 16.91 -4.94 -14.93
CA ILE C 109 16.05 -6.00 -15.41
C ILE C 109 14.90 -6.20 -14.41
N ALA C 110 15.23 -6.27 -13.13
CA ALA C 110 14.19 -6.46 -12.08
C ALA C 110 13.14 -5.36 -12.13
N GLN C 111 13.59 -4.11 -12.28
CA GLN C 111 12.70 -2.97 -12.43
C GLN C 111 11.74 -3.14 -13.63
N ALA C 112 12.28 -3.57 -14.75
CA ALA C 112 11.46 -3.79 -15.96
C ALA C 112 10.40 -4.86 -15.71
N LEU C 113 10.84 -5.99 -15.18
CA LEU C 113 9.93 -7.11 -14.95
C LEU C 113 8.89 -6.80 -13.91
N ASP C 114 9.30 -6.18 -12.81
CA ASP C 114 8.36 -5.76 -11.76
C ASP C 114 7.35 -4.74 -12.27
N ALA C 115 7.81 -3.83 -13.12
CA ALA C 115 6.88 -2.86 -13.73
C ALA C 115 5.79 -3.56 -14.56
N ILE C 116 6.18 -4.53 -15.36
CA ILE C 116 5.22 -5.31 -16.14
C ILE C 116 4.26 -6.06 -15.19
N GLU C 117 4.84 -6.81 -14.23
CA GLU C 117 4.06 -7.63 -13.28
C GLU C 117 3.05 -6.81 -12.50
N ASN C 118 3.49 -5.67 -12.00
CA ASN C 118 2.64 -4.75 -11.23
C ASN C 118 1.79 -3.77 -12.01
N SER C 119 1.87 -3.81 -13.35
CA SER C 119 1.00 -2.96 -14.19
C SER C 119 -0.42 -3.02 -13.69
N GLU C 120 -0.98 -1.85 -13.42
CA GLU C 120 -2.39 -1.78 -13.06
C GLU C 120 -3.28 -2.47 -14.12
N LYS C 121 -3.00 -2.17 -15.38
CA LYS C 121 -3.73 -2.74 -16.48
C LYS C 121 -3.15 -4.09 -16.81
N PRO C 122 -4.00 -5.07 -17.16
CA PRO C 122 -3.44 -6.38 -17.50
C PRO C 122 -2.56 -6.39 -18.71
N VAL C 123 -1.61 -7.33 -18.70
CA VAL C 123 -0.62 -7.51 -19.75
C VAL C 123 -0.73 -8.92 -20.30
N ILE C 124 -0.89 -9.00 -21.60
CA ILE C 124 -0.89 -10.28 -22.31
C ILE C 124 0.34 -10.39 -23.23
N ALA C 125 1.11 -11.48 -23.06
CA ALA C 125 2.21 -11.77 -23.95
C ALA C 125 1.74 -12.62 -25.11
N ALA C 126 2.08 -12.19 -26.32
CA ALA C 126 1.81 -12.96 -27.55
C ALA C 126 3.14 -13.44 -28.13
N ILE C 127 3.33 -14.76 -28.10
CA ILE C 127 4.65 -15.39 -28.32
C ILE C 127 4.66 -16.19 -29.61
N GLU C 128 5.59 -15.85 -30.50
CA GLU C 128 5.93 -16.65 -31.69
C GLU C 128 7.45 -16.90 -31.67
N GLY C 129 7.86 -18.07 -32.18
CA GLY C 129 9.28 -18.36 -32.34
C GLY C 129 10.02 -18.37 -31.01
N ALA C 130 11.27 -17.91 -31.04
CA ALA C 130 12.15 -18.06 -29.89
C ALA C 130 11.69 -17.19 -28.71
N CYS C 131 11.58 -17.84 -27.56
CA CYS C 131 11.28 -17.19 -26.30
C CYS C 131 12.21 -17.76 -25.24
N VAL C 132 13.39 -17.18 -25.14
CA VAL C 132 14.50 -17.78 -24.41
C VAL C 132 15.05 -16.75 -23.42
N GLY C 133 15.31 -17.22 -22.21
CA GLY C 133 16.10 -16.50 -21.21
C GLY C 133 15.31 -15.32 -20.69
N GLY C 134 15.81 -14.12 -20.96
CA GLY C 134 15.05 -12.89 -20.76
C GLY C 134 13.66 -12.89 -21.36
N GLY C 135 13.50 -13.59 -22.47
CA GLY C 135 12.19 -13.79 -23.12
C GLY C 135 11.17 -14.50 -22.25
N VAL C 136 11.60 -15.57 -21.61
CA VAL C 136 10.74 -16.27 -20.67
C VAL C 136 10.44 -15.34 -19.49
N SER C 137 11.45 -14.65 -18.99
CA SER C 137 11.26 -13.72 -17.86
C SER C 137 10.20 -12.65 -18.20
N LEU C 138 10.31 -12.07 -19.38
CA LEU C 138 9.29 -11.11 -19.88
C LEU C 138 7.89 -11.71 -19.92
N ALA C 139 7.80 -12.90 -20.53
CA ALA C 139 6.54 -13.62 -20.67
C ALA C 139 5.89 -13.95 -19.33
N MSE C 140 6.69 -14.35 -18.36
CA MSE C 140 6.18 -14.71 -17.02
C MSE C 140 5.79 -13.50 -16.19
O MSE C 140 5.00 -13.63 -15.25
CB MSE C 140 7.18 -15.54 -16.23
CG MSE C 140 7.62 -16.87 -16.86
SE MSE C 140 6.11 -17.86 -17.64
CE MSE C 140 5.17 -18.13 -15.97
N ALA C 141 6.34 -12.34 -16.52
CA ALA C 141 5.93 -11.07 -15.87
C ALA C 141 4.55 -10.64 -16.33
N ALA C 142 4.21 -10.97 -17.57
CA ALA C 142 2.85 -10.72 -18.06
C ALA C 142 1.82 -11.52 -17.25
N ASP C 143 0.57 -11.06 -17.29
CA ASP C 143 -0.53 -11.79 -16.62
C ASP C 143 -0.90 -13.08 -17.37
N LEU C 144 -0.92 -13.00 -18.68
CA LEU C 144 -1.46 -14.04 -19.54
C LEU C 144 -0.53 -14.24 -20.73
N ARG C 145 -0.44 -15.49 -21.17
CA ARG C 145 0.47 -15.87 -22.26
C ARG C 145 -0.23 -16.72 -23.30
N VAL C 146 -0.15 -16.27 -24.55
CA VAL C 146 -0.58 -17.07 -25.70
C VAL C 146 0.58 -17.22 -26.66
N ALA C 147 0.79 -18.44 -27.11
CA ALA C 147 1.89 -18.77 -28.01
C ALA C 147 1.40 -19.51 -29.20
N GLY C 148 2.05 -19.23 -30.32
CA GLY C 148 1.87 -19.99 -31.55
C GLY C 148 2.65 -21.30 -31.53
N GLU C 149 2.13 -22.30 -32.20
CA GLU C 149 2.89 -23.55 -32.39
C GLU C 149 4.21 -23.20 -33.08
N GLY C 150 5.23 -23.99 -32.81
CA GLY C 150 6.56 -23.68 -33.30
C GLY C 150 7.38 -22.72 -32.44
N ALA C 151 6.75 -22.05 -31.48
CA ALA C 151 7.50 -21.27 -30.50
C ALA C 151 8.37 -22.20 -29.67
N LYS C 152 9.52 -21.68 -29.27
CA LYS C 152 10.51 -22.44 -28.49
C LYS C 152 10.87 -21.70 -27.21
N PHE C 153 11.01 -22.46 -26.14
CA PHE C 153 11.19 -21.90 -24.80
C PHE C 153 12.39 -22.49 -24.12
N GLY C 154 13.06 -21.67 -23.35
CA GLY C 154 14.20 -22.13 -22.58
C GLY C 154 14.70 -21.09 -21.62
N VAL C 155 15.25 -21.56 -20.51
CA VAL C 155 15.87 -20.68 -19.52
C VAL C 155 17.24 -21.26 -19.23
N THR C 156 18.27 -20.50 -19.59
CA THR C 156 19.65 -21.04 -19.73
C THR C 156 20.78 -20.47 -18.83
N PRO C 157 20.45 -19.78 -17.71
CA PRO C 157 21.59 -19.27 -16.91
C PRO C 157 22.56 -20.35 -16.49
N GLY C 158 22.06 -21.56 -16.31
CA GLY C 158 22.89 -22.72 -16.00
C GLY C 158 23.95 -23.05 -17.01
N LYS C 159 23.71 -22.73 -18.26
CA LYS C 159 24.71 -22.93 -19.32
C LYS C 159 25.88 -21.93 -19.29
N LEU C 160 25.78 -20.90 -18.46
CA LEU C 160 26.80 -19.87 -18.32
C LEU C 160 27.47 -19.79 -16.95
N GLY C 161 26.93 -20.46 -15.94
CA GLY C 161 27.41 -20.33 -14.57
C GLY C 161 26.69 -19.27 -13.76
N LEU C 162 25.52 -18.82 -14.25
CA LEU C 162 24.70 -17.83 -13.57
C LEU C 162 23.56 -18.52 -12.84
N VAL C 163 22.79 -17.73 -12.10
CA VAL C 163 21.60 -18.19 -11.45
C VAL C 163 20.43 -17.28 -11.83
N TYR C 164 19.29 -17.90 -12.08
CA TYR C 164 18.05 -17.19 -12.38
C TYR C 164 17.63 -16.41 -11.13
N PRO C 165 17.32 -15.11 -11.28
CA PRO C 165 16.95 -14.36 -10.06
C PRO C 165 15.71 -14.84 -9.31
N ALA C 166 15.59 -14.32 -8.10
CA ALA C 166 14.49 -14.65 -7.23
C ALA C 166 13.10 -14.35 -7.85
N GLY C 167 12.93 -13.13 -8.36
CA GLY C 167 11.63 -12.71 -8.94
C GLY C 167 11.24 -13.60 -10.14
N ASP C 168 12.20 -13.81 -11.04
CA ASP C 168 11.99 -14.61 -12.25
C ASP C 168 11.66 -16.06 -11.88
N THR C 169 12.40 -16.58 -10.90
CA THR C 169 12.19 -17.93 -10.40
C THR C 169 10.80 -18.07 -9.73
N ARG C 170 10.44 -17.10 -8.92
CA ARG C 170 9.12 -17.06 -8.25
C ARG C 170 7.98 -17.18 -9.26
N ARG C 171 8.05 -16.33 -10.27
CA ARG C 171 7.02 -16.26 -11.31
C ARG C 171 6.93 -17.57 -12.10
N LEU C 172 8.09 -18.17 -12.36
CA LEU C 172 8.13 -19.48 -13.04
C LEU C 172 7.51 -20.57 -12.18
N LEU C 173 7.97 -20.66 -10.93
CA LEU C 173 7.41 -21.59 -9.93
C LEU C 173 5.90 -21.55 -9.80
N ALA C 174 5.37 -20.35 -9.69
CA ALA C 174 3.94 -20.15 -9.50
C ALA C 174 3.12 -20.70 -10.66
N ALA C 175 3.69 -20.71 -11.86
CA ALA C 175 3.02 -21.22 -13.05
C ALA C 175 3.17 -22.71 -13.25
N VAL C 176 4.39 -23.24 -13.06
CA VAL C 176 4.68 -24.63 -13.44
C VAL C 176 5.01 -25.60 -12.31
N GLY C 177 5.24 -25.10 -11.10
CA GLY C 177 5.52 -25.97 -9.95
C GLY C 177 7.00 -26.29 -9.81
N PRO C 178 7.40 -26.90 -8.67
CA PRO C 178 8.80 -27.07 -8.38
C PRO C 178 9.51 -28.05 -9.30
N GLY C 179 8.90 -29.19 -9.60
CA GLY C 179 9.55 -30.21 -10.44
C GLY C 179 9.89 -29.69 -11.83
N ALA C 180 8.90 -29.11 -12.48
CA ALA C 180 9.06 -28.54 -13.82
C ALA C 180 10.05 -27.36 -13.83
N THR C 181 9.99 -26.52 -12.81
CA THR C 181 10.93 -25.41 -12.69
C THR C 181 12.38 -25.95 -12.60
N LYS C 182 12.58 -26.99 -11.78
CA LYS C 182 13.90 -27.62 -11.64
C LYS C 182 14.37 -28.24 -12.94
N ASP C 183 13.47 -28.92 -13.64
CA ASP C 183 13.79 -29.49 -14.96
C ASP C 183 14.29 -28.41 -15.91
N ILE C 184 13.50 -27.37 -16.06
CA ILE C 184 13.82 -26.23 -16.93
C ILE C 184 15.18 -25.61 -16.61
N LEU C 185 15.40 -25.30 -15.34
CA LEU C 185 16.60 -24.58 -14.91
C LEU C 185 17.83 -25.48 -14.75
N PHE C 186 17.65 -26.69 -14.26
CA PHE C 186 18.77 -27.66 -14.14
C PHE C 186 19.34 -28.12 -15.49
N THR C 187 18.49 -28.22 -16.51
CA THR C 187 18.95 -28.64 -17.85
C THR C 187 19.30 -27.49 -18.79
N GLY C 188 18.60 -26.36 -18.63
CA GLY C 188 18.65 -25.29 -19.61
C GLY C 188 18.16 -25.71 -20.97
N ARG C 189 17.33 -26.77 -21.05
CA ARG C 189 16.91 -27.32 -22.33
C ARG C 189 15.86 -26.44 -23.02
N ILE C 190 15.88 -26.49 -24.36
CA ILE C 190 14.91 -25.80 -25.19
C ILE C 190 13.74 -26.73 -25.43
N PHE C 191 12.53 -26.25 -25.17
CA PHE C 191 11.33 -27.08 -25.31
C PHE C 191 10.25 -26.40 -26.14
N THR C 192 9.32 -27.20 -26.62
CA THR C 192 8.33 -26.76 -27.58
C THR C 192 7.16 -26.05 -26.91
N ALA C 193 6.42 -25.31 -27.73
CA ALA C 193 5.20 -24.65 -27.28
C ALA C 193 4.20 -25.66 -26.72
N GLY C 194 4.12 -26.81 -27.37
CA GLY C 194 3.25 -27.88 -26.90
C GLY C 194 3.58 -28.30 -25.47
N GLU C 195 4.87 -28.48 -25.18
CA GLU C 195 5.29 -28.84 -23.82
C GLU C 195 5.05 -27.67 -22.85
N ALA C 196 5.32 -26.46 -23.31
CA ALA C 196 5.07 -25.25 -22.49
C ALA C 196 3.62 -25.16 -22.07
N LYS C 197 2.73 -25.45 -23.01
CA LYS C 197 1.27 -25.49 -22.70
C LYS C 197 0.98 -26.54 -21.65
N SER C 198 1.51 -27.71 -21.89
CA SER C 198 1.34 -28.85 -21.02
C SER C 198 1.83 -28.59 -19.58
N LEU C 199 2.97 -27.92 -19.47
CA LEU C 199 3.55 -27.57 -18.17
C LEU C 199 2.80 -26.46 -17.43
N GLY C 200 1.96 -25.72 -18.14
CA GLY C 200 1.30 -24.54 -17.59
C GLY C 200 2.09 -23.24 -17.73
N LEU C 201 3.19 -23.27 -18.48
CA LEU C 201 4.03 -22.09 -18.66
C LEU C 201 3.30 -21.02 -19.48
N ILE C 202 2.62 -21.47 -20.53
CA ILE C 202 1.70 -20.65 -21.30
C ILE C 202 0.27 -21.07 -21.02
N ASP C 203 -0.65 -20.14 -21.24
CA ASP C 203 -2.06 -20.34 -20.94
C ASP C 203 -2.85 -20.81 -22.13
N ARG C 204 -2.43 -20.39 -23.32
CA ARG C 204 -3.07 -20.78 -24.57
C ARG C 204 -2.09 -21.09 -25.67
N LEU C 205 -2.43 -22.15 -26.41
CA LEU C 205 -1.64 -22.59 -27.54
C LEU C 205 -2.50 -22.49 -28.78
N VAL C 206 -2.00 -21.78 -29.77
CA VAL C 206 -2.75 -21.53 -30.99
C VAL C 206 -1.89 -21.87 -32.20
N GLU C 207 -2.55 -21.88 -33.35
CA GLU C 207 -1.90 -22.08 -34.61
C GLU C 207 -0.73 -21.10 -34.83
N LYS C 208 0.36 -21.63 -35.37
CA LYS C 208 1.55 -20.84 -35.69
C LYS C 208 1.23 -19.58 -36.47
N GLY C 209 1.85 -18.48 -36.09
CA GLY C 209 1.57 -17.19 -36.70
C GLY C 209 0.26 -16.49 -36.30
N THR C 210 -0.52 -17.06 -35.40
CA THR C 210 -1.80 -16.44 -34.99
C THR C 210 -1.84 -15.91 -33.55
N ALA C 211 -0.71 -15.96 -32.85
CA ALA C 211 -0.68 -15.60 -31.41
C ALA C 211 -1.08 -14.14 -31.16
N LEU C 212 -0.58 -13.25 -32.01
CA LEU C 212 -0.87 -11.82 -31.87
C LEU C 212 -2.35 -11.52 -32.06
N GLU C 213 -2.94 -12.08 -33.11
CA GLU C 213 -4.40 -11.95 -33.34
C GLU C 213 -5.21 -12.58 -32.18
N ALA C 214 -4.77 -13.74 -31.69
CA ALA C 214 -5.43 -14.37 -30.58
C ALA C 214 -5.37 -13.49 -29.31
N ALA C 215 -4.21 -12.88 -29.08
CA ALA C 215 -4.01 -12.00 -27.91
C ALA C 215 -4.92 -10.77 -28.01
N ARG C 216 -5.02 -10.22 -29.21
CA ARG C 216 -5.87 -9.07 -29.46
C ARG C 216 -7.36 -9.36 -29.19
N VAL C 217 -7.84 -10.51 -29.70
CA VAL C 217 -9.22 -10.91 -29.47
C VAL C 217 -9.48 -11.19 -27.99
N TRP C 218 -8.55 -11.85 -27.34
CA TRP C 218 -8.64 -12.12 -25.88
C TRP C 218 -8.70 -10.80 -25.11
N ALA C 219 -7.81 -9.89 -25.46
CA ALA C 219 -7.79 -8.55 -24.88
C ALA C 219 -9.11 -7.79 -25.12
N GLY C 220 -9.65 -7.95 -26.33
CA GLY C 220 -10.99 -7.43 -26.66
C GLY C 220 -12.09 -7.89 -25.70
N GLU C 221 -12.09 -9.18 -25.40
CA GLU C 221 -13.08 -9.74 -24.46
C GLU C 221 -12.97 -9.11 -23.06
N ILE C 222 -11.74 -8.92 -22.60
CA ILE C 222 -11.50 -8.35 -21.28
C ILE C 222 -11.86 -6.86 -21.27
N ALA C 223 -11.49 -6.17 -22.34
CA ALA C 223 -11.85 -4.75 -22.57
C ALA C 223 -13.35 -4.46 -22.52
N ALA C 224 -14.17 -5.44 -22.92
CA ALA C 224 -15.62 -5.26 -22.96
C ALA C 224 -16.28 -5.26 -21.60
N ILE C 225 -15.63 -5.77 -20.58
CA ILE C 225 -16.28 -5.83 -19.26
C ILE C 225 -15.82 -4.62 -18.40
N SER C 226 -16.15 -4.61 -17.11
CA SER C 226 -15.75 -3.50 -16.22
C SER C 226 -14.25 -3.47 -16.02
N GLN C 227 -13.61 -2.37 -16.41
CA GLN C 227 -12.19 -2.21 -16.14
C GLN C 227 -11.89 -1.95 -14.67
N TRP C 228 -12.86 -1.37 -13.94
CA TRP C 228 -12.72 -1.30 -12.48
C TRP C 228 -12.52 -2.72 -11.90
N SER C 229 -13.38 -3.64 -12.33
CA SER C 229 -13.30 -5.05 -11.89
C SER C 229 -12.01 -5.75 -12.29
N VAL C 230 -11.61 -5.54 -13.55
CA VAL C 230 -10.40 -6.16 -14.08
C VAL C 230 -9.18 -5.78 -13.24
N ARG C 231 -9.03 -4.49 -12.99
CA ARG C 231 -7.89 -3.97 -12.22
C ARG C 231 -7.92 -4.32 -10.73
N ALA C 232 -9.10 -4.30 -10.15
CA ALA C 232 -9.31 -4.72 -8.77
C ALA C 232 -9.00 -6.21 -8.59
N THR C 233 -9.41 -7.00 -9.59
CA THR C 233 -9.13 -8.44 -9.59
C THR C 233 -7.62 -8.70 -9.55
N LYS C 234 -6.91 -8.00 -10.41
CA LYS C 234 -5.45 -8.13 -10.47
C LYS C 234 -4.80 -7.76 -9.13
N ARG C 235 -5.22 -6.65 -8.53
CA ARG C 235 -4.73 -6.24 -7.19
C ARG C 235 -5.04 -7.27 -6.11
N MSE C 236 -6.26 -7.81 -6.13
CA MSE C 236 -6.63 -8.85 -5.18
C MSE C 236 -5.73 -10.06 -5.29
O MSE C 236 -5.28 -10.61 -4.27
CB MSE C 236 -8.10 -9.28 -5.37
CG MSE C 236 -8.58 -10.27 -4.31
SE MSE C 236 -8.83 -9.37 -2.56
CE MSE C 236 -10.59 -8.60 -2.97
N ILE C 237 -5.48 -10.52 -6.52
CA ILE C 237 -4.66 -11.70 -6.76
C ILE C 237 -3.22 -11.44 -6.30
N ARG C 238 -2.63 -10.35 -6.77
CA ARG C 238 -1.26 -9.98 -6.39
C ARG C 238 -1.17 -9.86 -4.85
N GLY C 239 -2.19 -9.24 -4.24
CA GLY C 239 -2.28 -9.14 -2.79
C GLY C 239 -2.23 -10.50 -2.09
N LEU C 240 -3.07 -11.42 -2.54
CA LEU C 240 -3.12 -12.79 -2.00
C LEU C 240 -1.81 -13.56 -2.17
N GLN C 241 -1.14 -13.35 -3.30
CA GLN C 241 0.18 -13.96 -3.56
C GLN C 241 1.27 -13.40 -2.63
N THR C 242 1.19 -12.13 -2.28
CA THR C 242 2.14 -11.48 -1.38
C THR C 242 1.69 -11.38 0.08
N GLY C 243 0.87 -12.32 0.55
CA GLY C 243 0.58 -12.46 1.97
C GLY C 243 -0.74 -11.93 2.55
N TRP C 244 -1.57 -11.28 1.75
CA TRP C 244 -2.94 -10.95 2.21
C TRP C 244 -3.74 -12.17 2.61
N THR C 245 -4.52 -12.03 3.66
CA THR C 245 -5.52 -13.03 4.06
C THR C 245 -6.90 -12.42 3.88
N ASP C 246 -7.92 -13.22 4.17
CA ASP C 246 -9.30 -12.74 4.14
C ASP C 246 -9.53 -11.58 5.14
N GLU C 247 -8.77 -11.58 6.24
CA GLU C 247 -8.84 -10.52 7.27
C GLU C 247 -8.08 -9.22 6.93
N THR C 248 -7.09 -9.29 6.04
CA THR C 248 -6.29 -8.12 5.69
C THR C 248 -7.17 -6.91 5.33
N PRO C 249 -7.02 -5.77 6.03
CA PRO C 249 -7.85 -4.59 5.76
C PRO C 249 -7.96 -4.15 4.30
N GLU C 250 -6.83 -4.15 3.61
CA GLU C 250 -6.80 -3.76 2.18
C GLU C 250 -7.66 -4.69 1.32
N ALA C 251 -7.68 -5.98 1.66
CA ALA C 251 -8.49 -6.98 0.95
C ALA C 251 -9.98 -6.74 1.21
N GLN C 252 -10.32 -6.42 2.46
CA GLN C 252 -11.70 -6.11 2.84
C GLN C 252 -12.18 -4.83 2.16
N SER C 253 -11.36 -3.78 2.18
CA SER C 253 -11.78 -2.51 1.59
C SER C 253 -11.85 -2.60 0.07
N LEU C 254 -10.96 -3.38 -0.53
CA LEU C 254 -11.03 -3.61 -1.98
C LEU C 254 -12.37 -4.25 -2.36
N PHE C 255 -12.77 -5.26 -1.59
CA PHE C 255 -14.07 -5.93 -1.78
C PHE C 255 -15.26 -4.96 -1.63
N LEU C 256 -15.24 -4.17 -0.56
CA LEU C 256 -16.31 -3.20 -0.31
C LEU C 256 -16.36 -2.11 -1.37
N ASN C 257 -15.20 -1.72 -1.90
CA ASN C 257 -15.17 -0.77 -3.03
C ASN C 257 -15.84 -1.28 -4.28
N GLY C 258 -15.96 -2.60 -4.40
CA GLY C 258 -16.79 -3.24 -5.40
C GLY C 258 -18.21 -2.75 -5.49
N PHE C 259 -18.80 -2.40 -4.35
CA PHE C 259 -20.16 -1.83 -4.31
C PHE C 259 -20.24 -0.31 -4.45
N ALA C 260 -19.11 0.39 -4.40
CA ALA C 260 -19.04 1.87 -4.35
C ALA C 260 -18.00 2.35 -5.39
N ASN C 261 -18.07 1.83 -6.60
CA ASN C 261 -17.33 2.41 -7.72
C ASN C 261 -18.25 2.78 -8.87
N GLU C 262 -17.75 3.61 -9.79
CA GLU C 262 -18.61 4.13 -10.88
C GLU C 262 -19.12 3.04 -11.84
N ASP C 263 -18.34 2.00 -12.04
CA ASP C 263 -18.78 0.86 -12.90
C ASP C 263 -19.93 0.08 -12.26
N PHE C 264 -19.81 -0.28 -10.98
CA PHE C 264 -20.92 -0.97 -10.32
C PHE C 264 -22.20 -0.12 -10.30
N LYS C 265 -22.05 1.16 -10.01
CA LYS C 265 -23.17 2.11 -10.02
C LYS C 265 -23.91 2.04 -11.33
N GLU C 266 -23.17 1.98 -12.44
CA GLU C 266 -23.71 1.78 -13.79
C GLU C 266 -24.26 0.36 -14.01
N GLY C 267 -23.53 -0.65 -13.53
CA GLY C 267 -23.95 -2.04 -13.65
C GLY C 267 -25.29 -2.29 -12.96
N TYR C 268 -25.39 -1.76 -11.76
CA TYR C 268 -26.64 -1.80 -10.98
C TYR C 268 -27.82 -1.09 -11.69
N ARG C 269 -27.58 0.13 -12.14
CA ARG C 269 -28.58 0.87 -12.97
C ARG C 269 -29.01 0.11 -14.22
N ALA C 270 -28.04 -0.44 -14.94
CA ALA C 270 -28.31 -1.17 -16.18
C ALA C 270 -29.17 -2.40 -15.93
N PHE C 271 -28.91 -3.09 -14.83
CA PHE C 271 -29.73 -4.21 -14.43
C PHE C 271 -31.20 -3.85 -14.16
N LEU C 272 -31.40 -2.75 -13.45
CA LEU C 272 -32.73 -2.23 -13.12
C LEU C 272 -33.47 -1.69 -14.36
N ASP C 273 -32.76 -0.92 -15.19
CA ASP C 273 -33.32 -0.41 -16.47
C ASP C 273 -33.48 -1.47 -17.59
N LYS C 274 -32.92 -2.66 -17.39
CA LYS C 274 -32.98 -3.78 -18.36
C LYS C 274 -32.36 -3.42 -19.70
N ARG C 275 -31.14 -2.88 -19.63
CA ARG C 275 -30.31 -2.51 -20.78
C ARG C 275 -28.86 -2.99 -20.58
N PRO C 276 -28.04 -3.03 -21.66
CA PRO C 276 -26.63 -3.39 -21.47
C PRO C 276 -25.90 -2.35 -20.65
N ALA C 277 -24.97 -2.82 -19.80
CA ALA C 277 -24.09 -1.92 -19.07
C ALA C 277 -23.14 -1.26 -20.03
N LYS C 278 -22.91 0.03 -19.82
CA LYS C 278 -21.90 0.78 -20.57
C LYS C 278 -20.91 1.37 -19.58
N PHE C 279 -19.84 0.62 -19.32
CA PHE C 279 -18.91 0.94 -18.23
C PHE C 279 -18.02 2.10 -18.61
N THR C 280 -17.81 3.01 -17.67
CA THR C 280 -17.08 4.27 -17.91
C THR C 280 -15.71 4.38 -17.20
N TYR C 281 -15.46 3.55 -16.20
CA TYR C 281 -14.21 3.69 -15.43
C TYR C 281 -12.99 3.49 -16.33
N ARG C 282 -12.05 4.41 -16.29
CA ARG C 282 -10.82 4.23 -17.07
C ARG C 282 -9.62 4.82 -16.35
N GLY D 10 -44.20 52.86 -8.00
CA GLY D 10 -45.44 52.34 -7.35
C GLY D 10 -45.35 52.16 -5.84
N VAL D 11 -44.29 51.57 -5.28
CA VAL D 11 -44.32 51.02 -3.91
C VAL D 11 -44.43 52.08 -2.79
N ASP D 12 -45.30 51.82 -1.81
CA ASP D 12 -45.56 52.75 -0.69
C ASP D 12 -44.26 53.23 0.02
N LEU D 13 -44.10 54.54 0.16
CA LEU D 13 -42.90 55.14 0.79
C LEU D 13 -42.85 55.05 2.32
N GLY D 14 -43.91 54.64 2.96
CA GLY D 14 -43.86 54.34 4.38
C GLY D 14 -43.77 55.56 5.28
N THR D 15 -43.27 55.32 6.47
CA THR D 15 -43.28 56.26 7.56
C THR D 15 -41.84 56.52 8.04
N GLU D 16 -41.67 57.65 8.71
CA GLU D 16 -40.39 57.97 9.32
C GLU D 16 -39.92 56.90 10.31
N ASN D 17 -40.82 56.41 11.15
CA ASN D 17 -40.45 55.39 12.13
C ASN D 17 -39.88 54.14 11.53
N LEU D 18 -40.50 53.63 10.47
CA LEU D 18 -39.95 52.48 9.74
C LEU D 18 -38.60 52.75 9.12
N TYR D 19 -38.47 53.93 8.52
CA TYR D 19 -37.22 54.34 7.95
C TYR D 19 -36.13 54.35 9.06
N PHE D 20 -36.39 55.05 10.16
CA PHE D 20 -35.40 55.16 11.22
C PHE D 20 -35.01 53.81 11.79
N GLN D 21 -36.01 52.96 11.99
CA GLN D 21 -35.75 51.56 12.38
C GLN D 21 -34.78 50.84 11.47
N SER D 22 -34.96 50.98 10.15
CA SER D 22 -34.10 50.28 9.18
C SER D 22 -32.65 50.81 9.15
N MSE D 23 -32.47 52.11 9.42
CA MSE D 23 -31.14 52.73 9.50
C MSE D 23 -30.40 52.44 10.78
O MSE D 23 -29.16 52.45 10.84
CB MSE D 23 -31.25 54.26 9.39
CG MSE D 23 -31.86 54.77 8.09
SE MSE D 23 -30.77 54.25 6.54
CE MSE D 23 -31.93 52.82 5.82
N THR D 24 -31.15 52.28 11.87
CA THR D 24 -30.59 52.05 13.17
C THR D 24 -30.43 50.59 13.46
N LEU D 25 -30.75 49.67 12.54
CA LEU D 25 -30.48 48.24 12.79
C LEU D 25 -28.98 48.05 13.09
N PRO D 26 -28.63 47.27 14.14
CA PRO D 26 -27.22 47.33 14.64
C PRO D 26 -26.25 46.58 13.75
N ILE D 27 -26.86 45.92 12.77
CA ILE D 27 -26.14 45.35 11.64
C ILE D 27 -27.10 45.38 10.44
N ARG D 28 -26.57 45.64 9.26
CA ARG D 28 -27.40 45.70 8.06
C ARG D 28 -26.69 45.19 6.83
N LEU D 29 -27.48 44.98 5.78
CA LEU D 29 -26.95 44.57 4.49
C LEU D 29 -27.19 45.68 3.47
N ASP D 30 -26.10 46.24 2.95
CA ASP D 30 -26.14 47.20 1.86
C ASP D 30 -25.86 46.47 0.56
N ILE D 31 -26.69 46.74 -0.45
CA ILE D 31 -26.53 46.15 -1.76
C ILE D 31 -26.02 47.23 -2.67
N ALA D 32 -24.91 46.96 -3.34
CA ALA D 32 -24.39 47.81 -4.39
C ALA D 32 -23.70 46.91 -5.40
N ALA D 33 -24.51 46.35 -6.30
CA ALA D 33 -24.06 45.32 -7.25
C ALA D 33 -22.72 45.69 -7.90
N PRO D 34 -21.72 44.79 -7.95
CA PRO D 34 -21.87 43.36 -7.64
C PRO D 34 -21.56 42.99 -6.19
N LEU D 35 -21.55 43.97 -5.29
CA LEU D 35 -21.27 43.73 -3.89
C LEU D 35 -22.50 43.78 -2.99
N ALA D 36 -22.44 42.99 -1.93
CA ALA D 36 -23.30 43.19 -0.77
C ALA D 36 -22.37 43.41 0.40
N GLU D 37 -22.74 44.32 1.30
CA GLU D 37 -21.88 44.65 2.43
C GLU D 37 -22.64 44.47 3.72
N ILE D 38 -22.14 43.56 4.56
CA ILE D 38 -22.66 43.40 5.91
C ILE D 38 -21.97 44.45 6.75
N VAL D 39 -22.73 45.44 7.20
CA VAL D 39 -22.14 46.59 7.88
C VAL D 39 -22.52 46.53 9.34
N LEU D 40 -21.53 46.40 10.19
CA LEU D 40 -21.76 46.47 11.64
C LEU D 40 -21.98 47.93 11.95
N ASN D 41 -23.04 48.14 12.72
CA ASN D 41 -23.64 49.47 12.83
C ASN D 41 -24.14 49.72 14.26
N LYS D 42 -23.26 49.49 15.24
CA LYS D 42 -23.40 50.11 16.57
C LYS D 42 -22.17 50.98 16.83
N PRO D 43 -22.00 52.06 16.02
CA PRO D 43 -20.80 52.89 16.20
C PRO D 43 -20.56 53.46 17.59
N GLU D 44 -21.63 53.80 18.27
CA GLU D 44 -21.57 54.34 19.65
C GLU D 44 -21.02 53.35 20.71
N ARG D 45 -20.96 52.06 20.36
CA ARG D 45 -20.32 51.01 21.20
C ARG D 45 -19.12 50.34 20.51
N ARG D 46 -18.60 51.00 19.48
CA ARG D 46 -17.49 50.48 18.66
C ARG D 46 -17.75 49.07 18.10
N ASN D 47 -19.01 48.88 17.71
CA ASN D 47 -19.50 47.63 17.15
C ASN D 47 -19.34 46.38 18.04
N ALA D 48 -19.34 46.59 19.36
CA ALA D 48 -19.34 45.47 20.31
C ALA D 48 -20.55 44.59 20.01
N LEU D 49 -20.34 43.30 19.94
CA LEU D 49 -21.33 42.41 19.36
C LEU D 49 -22.37 42.07 20.41
N SER D 50 -23.61 42.27 20.02
CA SER D 50 -24.77 41.97 20.86
C SER D 50 -25.58 40.81 20.28
N VAL D 51 -26.52 40.33 21.10
CA VAL D 51 -27.44 39.25 20.70
C VAL D 51 -28.08 39.50 19.37
N ASP D 52 -28.65 40.68 19.22
CA ASP D 52 -29.43 41.01 18.00
C ASP D 52 -28.56 41.07 16.76
N MSE D 53 -27.30 41.47 16.92
CA MSE D 53 -26.34 41.43 15.80
C MSE D 53 -26.07 40.00 15.35
O MSE D 53 -26.25 39.64 14.18
CB MSE D 53 -25.06 42.15 16.19
CG MSE D 53 -25.31 43.64 16.19
SE MSE D 53 -23.96 44.60 17.30
CE MSE D 53 -22.63 44.79 15.88
N TRP D 54 -25.70 39.16 16.30
CA TRP D 54 -25.46 37.75 15.99
C TRP D 54 -26.68 37.07 15.35
N ALA D 55 -27.85 37.36 15.92
CA ALA D 55 -29.14 36.74 15.48
C ALA D 55 -29.50 37.08 14.05
N ALA D 56 -29.12 38.28 13.63
CA ALA D 56 -29.44 38.79 12.29
C ALA D 56 -28.54 38.23 11.17
N ILE D 57 -27.35 37.76 11.52
CA ILE D 57 -26.32 37.47 10.50
C ILE D 57 -26.75 36.38 9.50
N PRO D 58 -27.26 35.24 9.98
CA PRO D 58 -27.65 34.21 8.99
C PRO D 58 -28.63 34.70 7.95
N GLY D 59 -29.58 35.53 8.37
CA GLY D 59 -30.55 36.14 7.44
C GLY D 59 -29.92 37.07 6.41
N LEU D 60 -28.95 37.86 6.85
CA LEU D 60 -28.24 38.78 5.93
C LEU D 60 -27.42 38.02 4.91
N VAL D 61 -26.76 36.97 5.37
CA VAL D 61 -25.96 36.12 4.49
C VAL D 61 -26.86 35.41 3.47
N ALA D 62 -27.99 34.87 3.94
CA ALA D 62 -28.99 34.26 3.03
C ALA D 62 -29.54 35.24 2.00
N GLU D 63 -29.81 36.47 2.41
CA GLU D 63 -30.29 37.49 1.50
C GLU D 63 -29.28 37.76 0.38
N ALA D 64 -28.03 37.99 0.77
CA ALA D 64 -26.96 38.25 -0.18
C ALA D 64 -26.81 37.10 -1.19
N ASN D 65 -26.85 35.88 -0.67
CA ASN D 65 -26.70 34.69 -1.50
C ASN D 65 -27.87 34.44 -2.45
N ALA D 66 -29.06 34.88 -2.06
CA ALA D 66 -30.26 34.71 -2.91
C ALA D 66 -30.40 35.80 -3.96
N ASN D 67 -29.73 36.93 -3.78
CA ASN D 67 -29.80 38.04 -4.71
C ASN D 67 -28.82 37.81 -5.88
N PRO D 68 -29.35 37.56 -7.10
CA PRO D 68 -28.46 37.28 -8.24
C PRO D 68 -27.52 38.43 -8.69
N ASP D 69 -27.83 39.66 -8.32
CA ASP D 69 -26.95 40.80 -8.63
C ASP D 69 -25.70 40.84 -7.75
N VAL D 70 -25.73 40.11 -6.64
CA VAL D 70 -24.63 40.06 -5.69
C VAL D 70 -23.68 38.93 -6.04
N LYS D 71 -22.43 39.27 -6.23
CA LYS D 71 -21.36 38.26 -6.46
C LYS D 71 -20.47 38.02 -5.26
N LEU D 72 -20.13 39.10 -4.57
CA LEU D 72 -19.28 39.04 -3.37
C LEU D 72 -19.89 39.79 -2.20
N ILE D 73 -19.58 39.28 -1.01
CA ILE D 73 -20.05 39.83 0.26
C ILE D 73 -18.83 40.39 0.96
N LEU D 74 -18.98 41.60 1.48
CA LEU D 74 -18.00 42.22 2.36
C LEU D 74 -18.57 42.28 3.78
N ILE D 75 -17.69 42.23 4.77
CA ILE D 75 -18.07 42.50 6.14
C ILE D 75 -17.14 43.55 6.73
N HIS D 76 -17.73 44.63 7.26
CA HIS D 76 -16.92 45.72 7.82
C HIS D 76 -17.65 46.53 8.88
N GLY D 77 -16.89 47.39 9.57
CA GLY D 77 -17.40 48.17 10.69
C GLY D 77 -17.99 49.53 10.38
N GLY D 78 -18.28 49.81 9.12
CA GLY D 78 -18.78 51.10 8.67
C GLY D 78 -17.87 52.27 9.08
N ASP D 79 -18.45 53.27 9.72
CA ASP D 79 -17.70 54.45 10.21
C ASP D 79 -17.58 54.50 11.72
N ALA D 80 -17.69 53.35 12.36
CA ALA D 80 -17.53 53.26 13.81
C ALA D 80 -16.10 53.49 14.28
N GLY D 81 -15.13 53.43 13.37
CA GLY D 81 -13.71 53.43 13.73
C GLY D 81 -13.22 52.12 14.37
N ALA D 82 -14.06 51.08 14.33
CA ALA D 82 -13.68 49.75 14.80
C ALA D 82 -14.43 48.72 13.99
N PHE D 83 -13.84 47.55 13.86
CA PHE D 83 -14.51 46.41 13.25
C PHE D 83 -15.51 45.88 14.27
N ALA D 84 -15.00 45.40 15.39
CA ALA D 84 -15.85 44.95 16.52
C ALA D 84 -15.01 44.88 17.78
N ALA D 85 -15.46 45.63 18.79
CA ALA D 85 -14.73 45.79 20.03
C ALA D 85 -15.12 44.76 21.06
N GLY D 86 -15.06 43.49 20.68
CA GLY D 86 -15.42 42.43 21.59
C GLY D 86 -16.91 42.36 21.86
N ALA D 87 -17.23 41.67 22.92
CA ALA D 87 -18.62 41.48 23.33
C ALA D 87 -19.14 42.69 24.10
N ASP D 88 -20.44 42.91 24.01
CA ASP D 88 -21.08 43.96 24.72
C ASP D 88 -21.25 43.55 26.22
N ILE D 89 -20.51 44.20 27.13
CA ILE D 89 -20.57 43.86 28.58
C ILE D 89 -21.97 44.15 29.22
N SER D 90 -22.74 45.09 28.65
CA SER D 90 -24.10 45.36 29.14
C SER D 90 -25.10 44.17 28.99
N GLU D 91 -24.81 43.22 28.12
CA GLU D 91 -25.65 42.01 27.93
C GLU D 91 -25.19 40.78 28.71
N PHE D 92 -24.00 40.86 29.30
CA PHE D 92 -23.42 39.78 30.13
C PHE D 92 -24.41 39.19 31.10
N GLU D 93 -25.09 40.08 31.83
CA GLU D 93 -26.07 39.70 32.88
C GLU D 93 -27.24 38.88 32.32
N THR D 94 -27.68 39.22 31.10
CA THR D 94 -28.76 38.51 30.41
C THR D 94 -28.29 37.17 29.82
N ILE D 95 -27.29 37.22 28.94
CA ILE D 95 -26.78 35.98 28.27
C ILE D 95 -26.25 34.90 29.24
N TYR D 96 -25.71 35.30 30.38
CA TYR D 96 -25.14 34.35 31.36
C TYR D 96 -25.98 34.17 32.65
N ALA D 97 -27.20 34.69 32.65
CA ALA D 97 -28.11 34.60 33.81
C ALA D 97 -28.38 33.15 34.16
N THR D 98 -28.53 32.32 33.13
CA THR D 98 -28.76 30.88 33.29
C THR D 98 -27.88 30.04 32.35
N GLU D 99 -27.81 28.74 32.63
CA GLU D 99 -27.13 27.77 31.78
C GLU D 99 -27.79 27.73 30.38
N ASP D 100 -29.12 27.81 30.37
CA ASP D 100 -29.91 27.85 29.12
C ASP D 100 -29.64 29.05 28.24
N ALA D 101 -29.60 30.23 28.84
CA ALA D 101 -29.31 31.45 28.11
C ALA D 101 -27.90 31.42 27.50
N ALA D 102 -26.96 30.92 28.29
CA ALA D 102 -25.56 30.80 27.87
C ALA D 102 -25.42 29.82 26.70
N LYS D 103 -26.09 28.69 26.81
CA LYS D 103 -26.13 27.71 25.73
C LYS D 103 -26.71 28.30 24.45
N ALA D 104 -27.83 29.03 24.60
CA ALA D 104 -28.48 29.69 23.45
C ALA D 104 -27.57 30.74 22.79
N SER D 105 -26.81 31.46 23.61
CA SER D 105 -25.81 32.39 23.11
C SER D 105 -24.77 31.72 22.22
N GLY D 106 -24.20 30.63 22.74
CA GLY D 106 -23.27 29.81 21.98
C GLY D 106 -23.82 29.32 20.64
N GLN D 107 -25.07 28.87 20.65
CA GLN D 107 -25.72 28.36 19.41
C GLN D 107 -25.94 29.47 18.39
N ARG D 108 -26.40 30.60 18.90
CA ARG D 108 -26.68 31.78 18.09
C ARG D 108 -25.40 32.27 17.37
N ILE D 109 -24.31 32.31 18.11
CA ILE D 109 -23.00 32.73 17.57
C ILE D 109 -22.49 31.73 16.55
N ALA D 110 -22.52 30.44 16.90
CA ALA D 110 -22.11 29.39 15.96
C ALA D 110 -22.89 29.44 14.64
N GLN D 111 -24.19 29.64 14.75
CA GLN D 111 -25.03 29.76 13.54
C GLN D 111 -24.61 30.92 12.65
N ALA D 112 -24.33 32.06 13.26
CA ALA D 112 -23.87 33.24 12.52
C ALA D 112 -22.56 32.99 11.80
N LEU D 113 -21.61 32.45 12.54
CA LEU D 113 -20.27 32.20 11.99
C LEU D 113 -20.25 31.13 10.91
N ASP D 114 -20.97 30.05 11.18
CA ASP D 114 -21.15 28.98 10.16
C ASP D 114 -21.85 29.48 8.89
N ALA D 115 -22.82 30.36 9.06
CA ALA D 115 -23.50 30.93 7.91
C ALA D 115 -22.54 31.73 7.03
N ILE D 116 -21.70 32.54 7.66
CA ILE D 116 -20.67 33.31 6.93
C ILE D 116 -19.69 32.35 6.23
N GLU D 117 -19.16 31.41 7.00
CA GLU D 117 -18.17 30.47 6.48
C GLU D 117 -18.68 29.69 5.25
N ASN D 118 -19.90 29.20 5.37
CA ASN D 118 -20.51 28.36 4.34
C ASN D 118 -21.23 29.13 3.25
N SER D 119 -21.20 30.46 3.31
CA SER D 119 -21.73 31.29 2.24
C SER D 119 -21.24 30.77 0.89
N GLU D 120 -22.19 30.52 0.00
CA GLU D 120 -21.90 30.13 -1.42
C GLU D 120 -20.96 31.16 -2.04
N LYS D 121 -21.32 32.41 -1.85
CA LYS D 121 -20.54 33.53 -2.39
C LYS D 121 -19.41 33.88 -1.43
N PRO D 122 -18.23 34.28 -1.97
CA PRO D 122 -17.11 34.60 -1.07
C PRO D 122 -17.37 35.82 -0.22
N VAL D 123 -16.76 35.80 0.96
CA VAL D 123 -16.88 36.86 1.95
C VAL D 123 -15.48 37.43 2.25
N ILE D 124 -15.36 38.74 2.13
CA ILE D 124 -14.14 39.46 2.44
C ILE D 124 -14.37 40.38 3.63
N ALA D 125 -13.55 40.23 4.66
CA ALA D 125 -13.60 41.12 5.82
C ALA D 125 -12.64 42.28 5.63
N ALA D 126 -13.14 43.49 5.86
CA ALA D 126 -12.34 44.72 5.79
C ALA D 126 -12.27 45.30 7.19
N ILE D 127 -11.07 45.28 7.75
CA ILE D 127 -10.85 45.50 9.17
C ILE D 127 -10.07 46.81 9.42
N GLU D 128 -10.67 47.69 10.22
CA GLU D 128 -9.99 48.89 10.77
C GLU D 128 -10.19 48.92 12.27
N GLY D 129 -9.20 49.44 12.98
CA GLY D 129 -9.31 49.58 14.44
C GLY D 129 -9.51 48.25 15.17
N ALA D 130 -10.28 48.30 16.25
CA ALA D 130 -10.41 47.13 17.14
C ALA D 130 -11.11 45.97 16.45
N CYS D 131 -10.46 44.81 16.52
CA CYS D 131 -11.01 43.54 16.05
C CYS D 131 -10.71 42.48 17.10
N VAL D 132 -11.61 42.41 18.07
CA VAL D 132 -11.36 41.67 19.31
C VAL D 132 -12.49 40.71 19.61
N GLY D 133 -12.11 39.49 19.99
CA GLY D 133 -13.03 38.48 20.51
C GLY D 133 -13.93 37.97 19.41
N GLY D 134 -15.23 38.24 19.55
CA GLY D 134 -16.17 37.99 18.46
C GLY D 134 -15.77 38.60 17.13
N GLY D 135 -15.05 39.72 17.17
CA GLY D 135 -14.51 40.36 15.97
C GLY D 135 -13.55 39.49 15.18
N VAL D 136 -12.64 38.84 15.89
CA VAL D 136 -11.74 37.88 15.26
C VAL D 136 -12.53 36.70 14.71
N SER D 137 -13.47 36.20 15.49
CA SER D 137 -14.29 35.08 15.04
C SER D 137 -15.00 35.43 13.74
N LEU D 138 -15.60 36.62 13.68
CA LEU D 138 -16.24 37.08 12.46
C LEU D 138 -15.28 37.10 11.29
N ALA D 139 -14.11 37.72 11.52
CA ALA D 139 -13.08 37.87 10.49
C ALA D 139 -12.61 36.52 9.96
N MSE D 140 -12.44 35.56 10.84
CA MSE D 140 -11.95 34.22 10.45
C MSE D 140 -12.98 33.38 9.74
O MSE D 140 -12.64 32.44 9.01
CB MSE D 140 -11.43 33.41 11.62
CG MSE D 140 -10.29 34.05 12.41
SE MSE D 140 -8.90 34.84 11.26
CE MSE D 140 -8.36 33.16 10.40
N ALA D 141 -14.26 33.69 9.97
CA ALA D 141 -15.35 33.05 9.23
C ALA D 141 -15.38 33.49 7.78
N ALA D 142 -14.95 34.72 7.53
CA ALA D 142 -14.80 35.20 6.15
C ALA D 142 -13.73 34.39 5.41
N ASP D 143 -13.80 34.42 4.09
CA ASP D 143 -12.78 33.76 3.26
C ASP D 143 -11.45 34.49 3.26
N LEU D 144 -11.52 35.82 3.21
CA LEU D 144 -10.37 36.67 2.99
C LEU D 144 -10.45 37.87 3.92
N ARG D 145 -9.28 38.36 4.34
CA ARG D 145 -9.17 39.43 5.30
C ARG D 145 -8.17 40.47 4.89
N VAL D 146 -8.63 41.72 4.85
CA VAL D 146 -7.73 42.86 4.66
C VAL D 146 -7.91 43.80 5.83
N ALA D 147 -6.80 44.26 6.37
CA ALA D 147 -6.82 45.19 7.50
C ALA D 147 -5.96 46.40 7.25
N GLY D 148 -6.41 47.52 7.81
CA GLY D 148 -5.64 48.76 7.83
C GLY D 148 -4.62 48.73 8.95
N GLU D 149 -3.50 49.41 8.73
CA GLU D 149 -2.54 49.60 9.82
C GLU D 149 -3.23 50.29 10.98
N GLY D 150 -2.79 50.00 12.19
CA GLY D 150 -3.46 50.50 13.39
C GLY D 150 -4.59 49.62 13.91
N ALA D 151 -5.05 48.66 13.10
CA ALA D 151 -6.02 47.69 13.59
C ALA D 151 -5.38 46.83 14.68
N LYS D 152 -6.18 46.41 15.64
CA LYS D 152 -5.75 45.63 16.79
C LYS D 152 -6.58 44.36 16.89
N PHE D 153 -5.89 43.27 17.24
CA PHE D 153 -6.48 41.96 17.24
C PHE D 153 -6.27 41.29 18.58
N GLY D 154 -7.25 40.53 19.00
CA GLY D 154 -7.11 39.67 20.17
C GLY D 154 -8.25 38.70 20.31
N VAL D 155 -7.97 37.55 20.93
CA VAL D 155 -8.98 36.54 21.25
C VAL D 155 -8.86 36.17 22.73
N THR D 156 -9.90 36.52 23.49
CA THR D 156 -9.78 36.68 24.95
C THR D 156 -10.67 35.81 25.84
N PRO D 157 -11.22 34.68 25.33
CA PRO D 157 -12.03 33.86 26.26
C PRO D 157 -11.27 33.41 27.50
N GLY D 158 -9.97 33.20 27.36
CA GLY D 158 -9.10 32.93 28.49
C GLY D 158 -9.08 33.97 29.60
N LYS D 159 -9.32 35.22 29.26
CA LYS D 159 -9.43 36.29 30.27
C LYS D 159 -10.78 36.32 31.03
N LEU D 160 -11.72 35.50 30.58
CA LEU D 160 -13.08 35.39 31.14
C LEU D 160 -13.35 34.02 31.86
N GLY D 161 -12.51 32.98 31.61
CA GLY D 161 -12.77 31.61 32.12
C GLY D 161 -13.54 30.76 31.13
N LEU D 162 -13.64 31.24 29.90
CA LEU D 162 -14.33 30.54 28.84
C LEU D 162 -13.33 29.78 27.97
N VAL D 163 -13.86 29.04 27.01
CA VAL D 163 -13.04 28.37 25.99
C VAL D 163 -13.57 28.72 24.58
N TYR D 164 -12.65 28.98 23.67
CA TYR D 164 -12.96 29.33 22.30
C TYR D 164 -13.59 28.09 21.66
N PRO D 165 -14.74 28.24 20.97
CA PRO D 165 -15.38 27.05 20.43
C PRO D 165 -14.58 26.32 19.37
N ALA D 166 -15.04 25.13 19.07
CA ALA D 166 -14.42 24.23 18.11
C ALA D 166 -14.31 24.82 16.70
N GLY D 167 -15.41 25.38 16.21
CA GLY D 167 -15.41 26.02 14.89
C GLY D 167 -14.45 27.21 14.79
N ASP D 168 -14.52 28.09 15.78
CA ASP D 168 -13.67 29.31 15.81
C ASP D 168 -12.19 28.90 15.88
N THR D 169 -11.91 27.90 16.72
CA THR D 169 -10.55 27.40 16.93
C THR D 169 -10.02 26.76 15.64
N ARG D 170 -10.87 25.95 15.00
CA ARG D 170 -10.54 25.32 13.72
C ARG D 170 -10.11 26.35 12.65
N ARG D 171 -10.95 27.36 12.51
CA ARG D 171 -10.70 28.43 11.52
C ARG D 171 -9.39 29.18 11.82
N LEU D 172 -9.13 29.40 13.10
CA LEU D 172 -7.90 30.11 13.52
C LEU D 172 -6.69 29.27 13.22
N LEU D 173 -6.74 28.01 13.65
CA LEU D 173 -5.69 27.01 13.39
C LEU D 173 -5.29 26.89 11.95
N ALA D 174 -6.29 26.79 11.10
CA ALA D 174 -6.06 26.66 9.67
C ALA D 174 -5.31 27.83 9.07
N ALA D 175 -5.49 29.03 9.62
CA ALA D 175 -4.81 30.22 9.12
C ALA D 175 -3.42 30.39 9.69
N VAL D 176 -3.25 30.16 10.99
CA VAL D 176 -1.99 30.56 11.67
C VAL D 176 -1.16 29.43 12.22
N GLY D 177 -1.71 28.22 12.28
CA GLY D 177 -0.97 27.03 12.77
C GLY D 177 -1.08 26.87 14.30
N PRO D 178 -0.63 25.71 14.83
CA PRO D 178 -0.83 25.39 16.24
C PRO D 178 -0.10 26.30 17.22
N GLY D 179 1.16 26.61 16.96
CA GLY D 179 1.95 27.46 17.87
C GLY D 179 1.36 28.86 18.08
N ALA D 180 1.09 29.52 16.96
CA ALA D 180 0.50 30.85 16.98
C ALA D 180 -0.90 30.86 17.59
N THR D 181 -1.69 29.83 17.30
CA THR D 181 -3.02 29.72 17.85
C THR D 181 -2.93 29.62 19.39
N LYS D 182 -1.99 28.80 19.87
CA LYS D 182 -1.77 28.65 21.30
C LYS D 182 -1.29 29.93 21.95
N ASP D 183 -0.39 30.63 21.30
CA ASP D 183 0.05 31.93 21.79
C ASP D 183 -1.15 32.89 21.98
N ILE D 184 -1.91 33.07 20.92
CA ILE D 184 -3.08 33.95 20.91
C ILE D 184 -4.07 33.61 22.02
N LEU D 185 -4.43 32.32 22.13
CA LEU D 185 -5.46 31.88 23.07
C LEU D 185 -4.96 31.72 24.50
N PHE D 186 -3.72 31.26 24.66
CA PHE D 186 -3.14 31.09 26.00
C PHE D 186 -2.87 32.42 26.68
N THR D 187 -2.55 33.46 25.91
CA THR D 187 -2.28 34.80 26.48
C THR D 187 -3.45 35.77 26.47
N GLY D 188 -4.31 35.62 25.48
CA GLY D 188 -5.38 36.58 25.24
C GLY D 188 -4.85 37.96 24.87
N ARG D 189 -3.61 38.04 24.38
CA ARG D 189 -2.95 39.33 24.20
C ARG D 189 -3.46 40.05 22.97
N ILE D 190 -3.45 41.38 23.03
CA ILE D 190 -3.84 42.23 21.93
C ILE D 190 -2.60 42.51 21.08
N PHE D 191 -2.70 42.24 19.78
CA PHE D 191 -1.56 42.43 18.89
C PHE D 191 -1.90 43.30 17.68
N THR D 192 -0.86 43.77 17.02
CA THR D 192 -1.02 44.71 15.94
C THR D 192 -1.38 44.04 14.62
N ALA D 193 -1.86 44.86 13.70
CA ALA D 193 -2.12 44.44 12.31
C ALA D 193 -0.87 43.89 11.64
N GLY D 194 0.26 44.55 11.90
CA GLY D 194 1.56 44.09 11.39
C GLY D 194 1.86 42.65 11.82
N GLU D 195 1.64 42.35 13.10
CA GLU D 195 1.86 40.98 13.59
C GLU D 195 0.81 40.02 13.02
N ALA D 196 -0.43 40.47 12.94
CA ALA D 196 -1.50 39.65 12.35
C ALA D 196 -1.15 39.23 10.93
N LYS D 197 -0.62 40.17 10.17
CA LYS D 197 -0.19 39.89 8.79
C LYS D 197 0.93 38.85 8.80
N SER D 198 1.90 39.09 9.66
CA SER D 198 3.04 38.21 9.80
C SER D 198 2.64 36.77 10.19
N LEU D 199 1.67 36.64 11.09
CA LEU D 199 1.17 35.33 11.52
C LEU D 199 0.31 34.60 10.48
N GLY D 200 -0.17 35.32 9.47
CA GLY D 200 -1.10 34.78 8.49
C GLY D 200 -2.57 34.91 8.88
N LEU D 201 -2.85 35.64 9.95
CA LEU D 201 -4.22 35.83 10.43
C LEU D 201 -5.03 36.65 9.43
N ILE D 202 -4.40 37.69 8.91
CA ILE D 202 -4.96 38.49 7.82
C ILE D 202 -4.13 38.23 6.58
N ASP D 203 -4.77 38.46 5.44
CA ASP D 203 -4.17 38.14 4.16
C ASP D 203 -3.51 39.35 3.51
N ARG D 204 -4.05 40.54 3.81
CA ARG D 204 -3.50 41.79 3.30
C ARG D 204 -3.48 42.89 4.30
N LEU D 205 -2.38 43.64 4.29
CA LEU D 205 -2.16 44.75 5.20
C LEU D 205 -2.01 45.98 4.34
N VAL D 206 -2.83 46.98 4.62
CA VAL D 206 -2.86 48.19 3.82
C VAL D 206 -2.78 49.39 4.73
N GLU D 207 -2.58 50.53 4.11
CA GLU D 207 -2.57 51.80 4.78
C GLU D 207 -3.86 52.07 5.61
N LYS D 208 -3.68 52.62 6.81
CA LYS D 208 -4.75 52.91 7.74
C LYS D 208 -5.88 53.66 7.06
N GLY D 209 -7.12 53.28 7.34
CA GLY D 209 -8.27 53.88 6.69
C GLY D 209 -8.57 53.45 5.25
N THR D 210 -7.78 52.55 4.65
CA THR D 210 -8.00 52.16 3.25
C THR D 210 -8.46 50.71 3.09
N ALA D 211 -8.73 50.01 4.19
CA ALA D 211 -9.11 48.58 4.12
C ALA D 211 -10.39 48.33 3.31
N LEU D 212 -11.40 49.18 3.53
CA LEU D 212 -12.68 49.01 2.83
C LEU D 212 -12.52 49.17 1.31
N GLU D 213 -11.84 50.23 0.91
CA GLU D 213 -11.55 50.43 -0.52
C GLU D 213 -10.73 49.28 -1.11
N ALA D 214 -9.74 48.81 -0.36
CA ALA D 214 -8.93 47.69 -0.82
C ALA D 214 -9.78 46.44 -0.98
N ALA D 215 -10.70 46.23 -0.05
CA ALA D 215 -11.61 45.05 -0.12
C ALA D 215 -12.51 45.13 -1.33
N ARG D 216 -12.99 46.33 -1.60
CA ARG D 216 -13.89 46.58 -2.75
C ARG D 216 -13.20 46.32 -4.07
N VAL D 217 -11.99 46.84 -4.21
CA VAL D 217 -11.17 46.58 -5.42
C VAL D 217 -10.84 45.07 -5.59
N TRP D 218 -10.47 44.43 -4.51
CA TRP D 218 -10.18 42.98 -4.52
C TRP D 218 -11.42 42.19 -4.94
N ALA D 219 -12.54 42.54 -4.34
CA ALA D 219 -13.82 41.96 -4.70
C ALA D 219 -14.16 42.19 -6.19
N GLY D 220 -13.87 43.39 -6.67
CA GLY D 220 -14.04 43.73 -8.10
C GLY D 220 -13.28 42.79 -9.03
N GLU D 221 -12.04 42.46 -8.66
CA GLU D 221 -11.23 41.51 -9.44
C GLU D 221 -11.87 40.13 -9.50
N ILE D 222 -12.40 39.67 -8.37
CA ILE D 222 -13.00 38.33 -8.29
C ILE D 222 -14.33 38.32 -9.06
N ALA D 223 -15.10 39.40 -8.90
CA ALA D 223 -16.35 39.61 -9.64
C ALA D 223 -16.23 39.54 -11.16
N ALA D 224 -15.07 39.95 -11.67
CA ALA D 224 -14.82 39.97 -13.12
C ALA D 224 -14.65 38.59 -13.76
N ILE D 225 -14.34 37.57 -12.97
CA ILE D 225 -14.11 36.23 -13.56
C ILE D 225 -15.40 35.37 -13.45
N SER D 226 -15.31 34.08 -13.74
CA SER D 226 -16.49 33.21 -13.67
C SER D 226 -16.93 32.98 -12.23
N GLN D 227 -18.17 33.34 -11.91
CA GLN D 227 -18.71 33.12 -10.58
C GLN D 227 -19.05 31.66 -10.35
N TRP D 228 -19.33 30.92 -11.41
CA TRP D 228 -19.39 29.47 -11.28
C TRP D 228 -18.06 28.94 -10.71
N SER D 229 -16.95 29.36 -11.30
CA SER D 229 -15.63 28.92 -10.86
C SER D 229 -15.31 29.34 -9.43
N VAL D 230 -15.63 30.59 -9.11
CA VAL D 230 -15.36 31.14 -7.79
C VAL D 230 -16.05 30.27 -6.72
N ARG D 231 -17.32 30.00 -6.94
CA ARG D 231 -18.11 29.25 -5.96
C ARG D 231 -17.69 27.79 -5.87
N ALA D 232 -17.37 27.22 -7.02
CA ALA D 232 -16.90 25.82 -7.10
C ALA D 232 -15.56 25.67 -6.41
N THR D 233 -14.70 26.67 -6.59
CA THR D 233 -13.42 26.72 -5.92
C THR D 233 -13.59 26.70 -4.40
N LYS D 234 -14.50 27.53 -3.91
CA LYS D 234 -14.78 27.57 -2.49
C LYS D 234 -15.28 26.21 -1.97
N ARG D 235 -16.18 25.58 -2.68
CA ARG D 235 -16.68 24.24 -2.32
C ARG D 235 -15.54 23.19 -2.34
N MSE D 236 -14.69 23.25 -3.35
CA MSE D 236 -13.53 22.32 -3.44
C MSE D 236 -12.61 22.46 -2.26
O MSE D 236 -12.23 21.46 -1.64
CB MSE D 236 -12.75 22.54 -4.74
CG MSE D 236 -11.63 21.51 -4.93
SE MSE D 236 -12.35 19.74 -5.40
CE MSE D 236 -12.66 20.16 -7.31
N ILE D 237 -12.31 23.69 -1.89
CA ILE D 237 -11.44 23.95 -0.74
C ILE D 237 -12.08 23.47 0.56
N ARG D 238 -13.31 23.90 0.83
CA ARG D 238 -14.06 23.49 2.03
C ARG D 238 -14.12 21.95 2.07
N GLY D 239 -14.41 21.34 0.93
CA GLY D 239 -14.41 19.87 0.81
C GLY D 239 -13.10 19.20 1.21
N LEU D 240 -12.00 19.70 0.66
CA LEU D 240 -10.64 19.22 1.01
C LEU D 240 -10.27 19.44 2.50
N GLN D 241 -10.72 20.55 3.08
CA GLN D 241 -10.54 20.80 4.50
C GLN D 241 -11.32 19.82 5.39
N THR D 242 -12.50 19.43 4.95
CA THR D 242 -13.36 18.51 5.70
C THR D 242 -13.25 17.04 5.26
N GLY D 243 -12.09 16.63 4.75
CA GLY D 243 -11.80 15.21 4.49
C GLY D 243 -11.86 14.65 3.07
N TRP D 244 -12.31 15.42 2.08
CA TRP D 244 -12.29 14.95 0.69
C TRP D 244 -10.88 14.56 0.25
N THR D 245 -10.79 13.49 -0.52
CA THR D 245 -9.57 13.13 -1.25
C THR D 245 -9.83 13.25 -2.76
N ASP D 246 -8.79 13.01 -3.55
CA ASP D 246 -8.87 13.08 -5.01
C ASP D 246 -9.90 12.05 -5.52
N GLU D 247 -10.07 10.95 -4.80
CA GLU D 247 -11.03 9.90 -5.13
C GLU D 247 -12.49 10.19 -4.72
N THR D 248 -12.71 11.08 -3.76
CA THR D 248 -14.06 11.40 -3.28
C THR D 248 -15.01 11.75 -4.46
N PRO D 249 -16.15 11.03 -4.61
CA PRO D 249 -17.05 11.26 -5.75
C PRO D 249 -17.46 12.73 -5.96
N GLU D 250 -17.78 13.41 -4.88
CA GLU D 250 -18.18 14.84 -4.94
C GLU D 250 -17.07 15.71 -5.54
N ALA D 251 -15.82 15.40 -5.22
CA ALA D 251 -14.64 16.13 -5.73
C ALA D 251 -14.47 15.88 -7.22
N GLN D 252 -14.67 14.64 -7.63
CA GLN D 252 -14.62 14.26 -9.05
C GLN D 252 -15.75 14.87 -9.86
N SER D 253 -16.97 14.81 -9.35
CA SER D 253 -18.11 15.39 -10.07
C SER D 253 -18.05 16.93 -10.12
N LEU D 254 -17.54 17.55 -9.06
CA LEU D 254 -17.33 19.01 -9.06
C LEU D 254 -16.37 19.42 -10.18
N PHE D 255 -15.26 18.70 -10.29
CA PHE D 255 -14.31 18.91 -11.38
C PHE D 255 -14.94 18.75 -12.78
N LEU D 256 -15.68 17.65 -12.97
CA LEU D 256 -16.33 17.37 -14.27
C LEU D 256 -17.43 18.38 -14.60
N ASN D 257 -18.11 18.91 -13.59
CA ASN D 257 -19.06 20.00 -13.79
C ASN D 257 -18.41 21.27 -14.30
N GLY D 258 -17.10 21.40 -14.09
CA GLY D 258 -16.29 22.44 -14.74
C GLY D 258 -16.44 22.53 -16.24
N PHE D 259 -16.61 21.37 -16.90
CA PHE D 259 -16.79 21.33 -18.36
C PHE D 259 -18.24 21.44 -18.82
N ALA D 260 -19.19 21.39 -17.90
CA ALA D 260 -20.61 21.32 -18.23
C ALA D 260 -21.48 22.49 -17.77
N ASN D 261 -20.88 23.54 -17.26
CA ASN D 261 -21.64 24.65 -16.67
C ASN D 261 -21.77 25.78 -17.67
N GLU D 262 -22.73 26.69 -17.42
CA GLU D 262 -23.04 27.74 -18.40
C GLU D 262 -21.89 28.73 -18.62
N ASP D 263 -21.08 28.96 -17.59
CA ASP D 263 -19.91 29.83 -17.73
C ASP D 263 -18.86 29.20 -18.67
N PHE D 264 -18.53 27.93 -18.47
CA PHE D 264 -17.55 27.27 -19.38
C PHE D 264 -18.03 27.19 -20.85
N LYS D 265 -19.32 26.88 -21.02
CA LYS D 265 -19.99 26.96 -22.34
C LYS D 265 -19.72 28.28 -23.02
N GLU D 266 -19.89 29.38 -22.28
CA GLU D 266 -19.59 30.74 -22.74
C GLU D 266 -18.09 30.98 -22.93
N GLY D 267 -17.29 30.54 -21.97
CA GLY D 267 -15.83 30.68 -22.05
C GLY D 267 -15.28 30.04 -23.31
N TYR D 268 -15.74 28.82 -23.56
CA TYR D 268 -15.37 28.05 -24.75
C TYR D 268 -15.79 28.77 -26.07
N ARG D 269 -17.05 29.21 -26.14
CA ARG D 269 -17.56 30.02 -27.26
C ARG D 269 -16.73 31.29 -27.49
N ALA D 270 -16.44 32.01 -26.40
CA ALA D 270 -15.67 33.26 -26.47
C ALA D 270 -14.27 33.03 -27.03
N PHE D 271 -13.64 31.95 -26.61
CA PHE D 271 -12.34 31.58 -27.16
C PHE D 271 -12.35 31.34 -28.69
N LEU D 272 -13.38 30.63 -29.14
CA LEU D 272 -13.55 30.31 -30.56
C LEU D 272 -13.95 31.54 -31.39
N ASP D 273 -14.86 32.35 -30.88
CA ASP D 273 -15.23 33.63 -31.50
C ASP D 273 -14.19 34.76 -31.41
N LYS D 274 -13.15 34.56 -30.62
CA LYS D 274 -12.06 35.54 -30.41
C LYS D 274 -12.57 36.87 -29.83
N ARG D 275 -13.36 36.76 -28.76
CA ARG D 275 -13.92 37.89 -28.01
C ARG D 275 -13.75 37.66 -26.49
N PRO D 276 -13.85 38.73 -25.68
CA PRO D 276 -13.90 38.50 -24.23
C PRO D 276 -15.09 37.63 -23.81
N ALA D 277 -14.86 36.77 -22.81
CA ALA D 277 -15.95 36.05 -22.15
C ALA D 277 -16.86 37.02 -21.36
N LYS D 278 -18.16 36.81 -21.49
CA LYS D 278 -19.15 37.55 -20.70
C LYS D 278 -19.96 36.51 -19.88
N PHE D 279 -19.48 36.25 -18.66
CA PHE D 279 -20.03 35.15 -17.86
C PHE D 279 -21.38 35.51 -17.29
N THR D 280 -22.30 34.55 -17.36
CA THR D 280 -23.71 34.75 -16.99
C THR D 280 -24.19 34.05 -15.72
N TYR D 281 -23.44 33.05 -15.25
CA TYR D 281 -23.86 32.31 -14.07
C TYR D 281 -24.02 33.23 -12.88
N ARG D 282 -25.22 33.25 -12.30
CA ARG D 282 -25.56 34.15 -11.20
C ARG D 282 -26.10 33.36 -10.01
N THR E 24 14.25 18.22 -30.47
CA THR E 24 12.91 18.01 -31.15
C THR E 24 11.76 17.72 -30.10
N LEU E 25 12.04 16.79 -29.20
CA LEU E 25 11.04 16.36 -28.20
C LEU E 25 10.56 17.54 -27.35
N PRO E 26 9.23 17.71 -27.19
CA PRO E 26 8.77 18.83 -26.37
C PRO E 26 9.01 18.68 -24.86
N ILE E 27 9.30 17.46 -24.40
CA ILE E 27 9.71 17.18 -23.02
C ILE E 27 10.64 15.97 -23.08
N ARG E 28 11.68 15.97 -22.25
CA ARG E 28 12.62 14.85 -22.25
C ARG E 28 13.22 14.59 -20.87
N LEU E 29 13.90 13.45 -20.76
CA LEU E 29 14.65 13.10 -19.56
C LEU E 29 16.13 13.05 -19.85
N ASP E 30 16.88 13.94 -19.21
CA ASP E 30 18.35 13.91 -19.24
C ASP E 30 18.85 13.19 -18.01
N ILE E 31 19.80 12.28 -18.21
CA ILE E 31 20.43 11.55 -17.12
C ILE E 31 21.84 12.09 -16.93
N ALA E 32 22.17 12.50 -15.71
CA ALA E 32 23.51 12.86 -15.34
C ALA E 32 23.70 12.50 -13.89
N ALA E 33 24.04 11.24 -13.68
CA ALA E 33 24.09 10.64 -12.33
C ALA E 33 24.82 11.55 -11.33
N PRO E 34 24.30 11.76 -10.12
CA PRO E 34 23.12 11.12 -9.57
C PRO E 34 21.76 11.79 -9.87
N LEU E 35 21.71 12.67 -10.86
CA LEU E 35 20.48 13.36 -11.22
C LEU E 35 19.84 12.85 -12.50
N ALA E 36 18.52 12.96 -12.54
CA ALA E 36 17.77 12.92 -13.78
C ALA E 36 16.99 14.22 -13.87
N GLU E 37 16.86 14.77 -15.07
CA GLU E 37 16.23 16.08 -15.25
C GLU E 37 15.14 15.96 -16.27
N ILE E 38 13.91 16.26 -15.84
CA ILE E 38 12.79 16.35 -16.76
C ILE E 38 12.82 17.77 -17.31
N VAL E 39 13.11 17.90 -18.59
CA VAL E 39 13.33 19.20 -19.21
C VAL E 39 12.21 19.52 -20.19
N LEU E 40 11.50 20.60 -19.91
CA LEU E 40 10.41 21.04 -20.79
C LEU E 40 11.06 21.79 -21.92
N ASN E 41 10.57 21.56 -23.13
CA ASN E 41 11.32 22.03 -24.31
C ASN E 41 10.48 22.40 -25.51
N LYS E 42 9.57 23.31 -25.27
CA LYS E 42 8.80 23.92 -26.30
C LYS E 42 9.01 25.42 -26.22
N PRO E 43 10.24 25.87 -26.52
CA PRO E 43 10.60 27.25 -26.24
C PRO E 43 9.77 28.26 -27.03
N GLU E 44 9.38 27.90 -28.23
CA GLU E 44 8.53 28.74 -29.09
C GLU E 44 7.12 29.04 -28.54
N ARG E 45 6.68 28.26 -27.55
CA ARG E 45 5.43 28.53 -26.82
C ARG E 45 5.67 28.78 -25.32
N ARG E 46 6.92 29.09 -24.97
CA ARG E 46 7.36 29.26 -23.58
C ARG E 46 6.91 28.08 -22.70
N ASN E 47 7.08 26.87 -23.24
CA ASN E 47 6.80 25.60 -22.56
C ASN E 47 5.35 25.41 -22.15
N ALA E 48 4.44 26.04 -22.90
CA ALA E 48 2.99 25.83 -22.71
C ALA E 48 2.71 24.34 -22.85
N LEU E 49 1.94 23.79 -21.92
CA LEU E 49 1.82 22.35 -21.78
C LEU E 49 0.78 21.77 -22.74
N SER E 50 1.20 20.78 -23.50
CA SER E 50 0.35 20.09 -24.49
C SER E 50 0.03 18.67 -24.06
N VAL E 51 -0.93 18.06 -24.75
CA VAL E 51 -1.35 16.68 -24.55
C VAL E 51 -0.16 15.74 -24.52
N ASP E 52 0.70 15.83 -25.53
CA ASP E 52 1.83 14.90 -25.65
C ASP E 52 2.85 15.11 -24.51
N MSE E 53 2.99 16.32 -23.99
CA MSE E 53 3.88 16.56 -22.85
C MSE E 53 3.32 15.86 -21.63
O MSE E 53 4.02 15.13 -20.95
CB MSE E 53 4.07 18.07 -22.61
CG MSE E 53 5.05 18.65 -23.65
SE MSE E 53 4.83 20.58 -23.84
CE MSE E 53 6.02 21.19 -22.40
N TRP E 54 2.06 16.13 -21.32
CA TRP E 54 1.39 15.50 -20.19
C TRP E 54 1.45 13.98 -20.29
N ALA E 55 1.22 13.46 -21.49
CA ALA E 55 1.16 12.00 -21.73
C ALA E 55 2.51 11.31 -21.53
N ALA E 56 3.59 12.05 -21.78
CA ALA E 56 4.96 11.55 -21.63
C ALA E 56 5.49 11.52 -20.19
N ILE E 57 4.91 12.34 -19.30
CA ILE E 57 5.47 12.52 -17.97
C ILE E 57 5.53 11.22 -17.13
N PRO E 58 4.43 10.47 -17.06
CA PRO E 58 4.53 9.26 -16.23
C PRO E 58 5.69 8.32 -16.66
N GLY E 59 5.91 8.20 -17.96
CA GLY E 59 7.00 7.39 -18.52
C GLY E 59 8.39 7.90 -18.17
N LEU E 60 8.55 9.22 -18.21
CA LEU E 60 9.83 9.85 -17.80
C LEU E 60 10.12 9.65 -16.31
N VAL E 61 9.10 9.82 -15.50
CA VAL E 61 9.22 9.59 -14.05
C VAL E 61 9.58 8.13 -13.77
N ALA E 62 8.87 7.21 -14.43
CA ALA E 62 9.13 5.77 -14.28
C ALA E 62 10.57 5.43 -14.68
N GLU E 63 11.04 6.04 -15.77
CA GLU E 63 12.40 5.78 -16.24
C GLU E 63 13.44 6.21 -15.20
N ALA E 64 13.26 7.42 -14.68
CA ALA E 64 14.16 7.94 -13.65
C ALA E 64 14.17 7.04 -12.41
N ASN E 65 12.99 6.62 -11.98
CA ASN E 65 12.85 5.78 -10.80
C ASN E 65 13.43 4.36 -10.98
N ALA E 66 13.41 3.86 -12.20
CA ALA E 66 13.95 2.52 -12.48
C ALA E 66 15.47 2.49 -12.64
N ASN E 67 16.06 3.64 -12.91
CA ASN E 67 17.49 3.74 -13.17
C ASN E 67 18.24 3.86 -11.86
N PRO E 68 19.04 2.82 -11.49
CA PRO E 68 19.70 2.84 -10.18
C PRO E 68 20.80 3.90 -10.00
N ASP E 69 21.31 4.47 -11.09
CA ASP E 69 22.26 5.60 -11.00
C ASP E 69 21.60 6.92 -10.61
N VAL E 70 20.27 7.01 -10.75
CA VAL E 70 19.52 8.22 -10.45
C VAL E 70 19.09 8.20 -8.99
N LYS E 71 19.42 9.26 -8.26
CA LYS E 71 18.92 9.45 -6.89
C LYS E 71 17.84 10.52 -6.76
N LEU E 72 18.00 11.63 -7.49
CA LEU E 72 17.05 12.73 -7.49
C LEU E 72 16.64 13.14 -8.88
N ILE E 73 15.40 13.62 -8.96
CA ILE E 73 14.80 14.10 -10.20
C ILE E 73 14.63 15.60 -10.08
N LEU E 74 15.01 16.31 -11.12
CA LEU E 74 14.74 17.74 -11.25
C LEU E 74 13.70 17.95 -12.36
N ILE E 75 12.92 19.01 -12.25
CA ILE E 75 12.02 19.44 -13.32
C ILE E 75 12.24 20.92 -13.59
N HIS E 76 12.53 21.25 -14.85
CA HIS E 76 12.81 22.64 -15.22
C HIS E 76 12.53 22.95 -16.69
N GLY E 77 12.53 24.24 -17.02
CA GLY E 77 12.17 24.72 -18.35
C GLY E 77 13.28 24.83 -19.39
N GLY E 78 14.41 24.22 -19.10
CA GLY E 78 15.61 24.32 -19.95
C GLY E 78 16.04 25.75 -20.23
N ASP E 79 16.18 26.08 -21.50
CA ASP E 79 16.59 27.44 -21.95
C ASP E 79 15.43 28.15 -22.70
N ALA E 80 14.19 27.74 -22.44
CA ALA E 80 13.00 28.45 -22.97
C ALA E 80 12.76 29.84 -22.36
N GLY E 81 13.44 30.16 -21.25
CA GLY E 81 13.19 31.39 -20.49
C GLY E 81 11.89 31.36 -19.68
N ALA E 82 11.25 30.19 -19.61
CA ALA E 82 10.03 30.01 -18.83
C ALA E 82 9.98 28.58 -18.33
N PHE E 83 9.32 28.39 -17.17
CA PHE E 83 9.06 27.04 -16.66
C PHE E 83 7.92 26.40 -17.47
N ALA E 84 6.73 26.98 -17.39
CA ALA E 84 5.62 26.61 -18.28
C ALA E 84 4.59 27.75 -18.31
N ALA E 85 4.29 28.24 -19.51
CA ALA E 85 3.44 29.40 -19.72
C ALA E 85 1.98 28.97 -19.92
N GLY E 86 1.47 28.21 -18.98
CA GLY E 86 0.09 27.75 -19.04
C GLY E 86 -0.16 26.65 -20.03
N ALA E 87 -1.43 26.47 -20.38
CA ALA E 87 -1.85 25.52 -21.40
C ALA E 87 -1.67 26.04 -22.85
N ASP E 88 -1.42 25.11 -23.76
CA ASP E 88 -1.28 25.40 -25.17
C ASP E 88 -2.65 25.68 -25.78
N ILE E 89 -2.84 26.93 -26.16
CA ILE E 89 -4.11 27.40 -26.71
C ILE E 89 -4.53 26.69 -27.99
N SER E 90 -3.55 26.27 -28.79
CA SER E 90 -3.81 25.61 -30.06
C SER E 90 -4.52 24.26 -29.94
N GLU E 91 -4.45 23.62 -28.77
CA GLU E 91 -5.18 22.36 -28.54
C GLU E 91 -6.51 22.51 -27.74
N PHE E 92 -6.77 23.72 -27.27
CA PHE E 92 -8.02 24.07 -26.55
C PHE E 92 -9.28 23.55 -27.25
N GLU E 93 -9.34 23.80 -28.54
CA GLU E 93 -10.51 23.40 -29.34
C GLU E 93 -10.74 21.90 -29.37
N THR E 94 -9.65 21.15 -29.44
CA THR E 94 -9.69 19.69 -29.48
C THR E 94 -10.06 19.14 -28.09
N ILE E 95 -9.27 19.48 -27.08
CA ILE E 95 -9.45 19.00 -25.71
C ILE E 95 -10.83 19.26 -25.12
N TYR E 96 -11.40 20.39 -25.47
CA TYR E 96 -12.70 20.82 -24.91
C TYR E 96 -13.87 20.73 -25.91
N ALA E 97 -13.64 20.07 -27.05
CA ALA E 97 -14.69 19.88 -28.06
C ALA E 97 -15.90 19.14 -27.49
N THR E 98 -15.62 18.13 -26.67
CA THR E 98 -16.65 17.29 -26.03
C THR E 98 -16.37 17.09 -24.54
N GLU E 99 -17.39 16.63 -23.83
CA GLU E 99 -17.27 16.27 -22.42
C GLU E 99 -16.28 15.13 -22.23
N ASP E 100 -16.33 14.18 -23.15
CA ASP E 100 -15.42 13.03 -23.15
C ASP E 100 -13.94 13.42 -23.34
N ALA E 101 -13.66 14.29 -24.30
CA ALA E 101 -12.29 14.77 -24.53
C ALA E 101 -11.75 15.52 -23.29
N ALA E 102 -12.60 16.36 -22.72
CA ALA E 102 -12.26 17.17 -21.56
C ALA E 102 -11.96 16.29 -20.35
N LYS E 103 -12.79 15.27 -20.15
CA LYS E 103 -12.59 14.29 -19.10
C LYS E 103 -11.25 13.55 -19.28
N ALA E 104 -10.97 13.12 -20.48
CA ALA E 104 -9.69 12.45 -20.79
C ALA E 104 -8.48 13.34 -20.55
N SER E 105 -8.62 14.62 -20.89
CA SER E 105 -7.58 15.61 -20.61
C SER E 105 -7.28 15.69 -19.12
N GLY E 106 -8.33 15.80 -18.33
CA GLY E 106 -8.23 15.79 -16.89
C GLY E 106 -7.56 14.56 -16.31
N GLN E 107 -7.89 13.39 -16.85
CA GLN E 107 -7.28 12.12 -16.41
C GLN E 107 -5.80 12.07 -16.74
N ARG E 108 -5.47 12.48 -17.94
CA ARG E 108 -4.11 12.51 -18.42
C ARG E 108 -3.21 13.41 -17.55
N ILE E 109 -3.73 14.58 -17.25
CA ILE E 109 -3.02 15.55 -16.42
C ILE E 109 -2.86 15.00 -15.00
N ALA E 110 -3.94 14.48 -14.43
CA ALA E 110 -3.91 13.90 -13.10
C ALA E 110 -2.89 12.76 -12.98
N GLN E 111 -2.85 11.89 -13.98
CA GLN E 111 -1.84 10.84 -14.06
C GLN E 111 -0.41 11.37 -14.05
N ALA E 112 -0.14 12.39 -14.85
CA ALA E 112 1.18 13.02 -14.88
C ALA E 112 1.56 13.59 -13.50
N LEU E 113 0.64 14.37 -12.93
CA LEU E 113 0.91 15.04 -11.66
C LEU E 113 1.06 14.06 -10.50
N ASP E 114 0.18 13.08 -10.45
CA ASP E 114 0.27 12.01 -9.45
C ASP E 114 1.56 11.20 -9.58
N ALA E 115 1.98 10.95 -10.81
CA ALA E 115 3.23 10.25 -11.04
C ALA E 115 4.40 11.03 -10.44
N ILE E 116 4.43 12.32 -10.68
CA ILE E 116 5.49 13.17 -10.10
C ILE E 116 5.39 13.12 -8.57
N GLU E 117 4.20 13.39 -8.04
CA GLU E 117 3.99 13.47 -6.58
C GLU E 117 4.39 12.19 -5.86
N ASN E 118 3.99 11.06 -6.43
CA ASN E 118 4.28 9.75 -5.85
C ASN E 118 5.62 9.14 -6.22
N SER E 119 6.42 9.84 -7.04
CA SER E 119 7.76 9.41 -7.37
C SER E 119 8.46 8.94 -6.11
N GLU E 120 8.95 7.71 -6.15
CA GLU E 120 9.75 7.18 -5.04
C GLU E 120 10.94 8.11 -4.73
N LYS E 121 11.61 8.54 -5.78
CA LYS E 121 12.75 9.44 -5.67
C LYS E 121 12.26 10.88 -5.58
N PRO E 122 12.90 11.72 -4.75
CA PRO E 122 12.41 13.10 -4.64
C PRO E 122 12.57 13.89 -5.90
N VAL E 123 11.68 14.86 -6.04
CA VAL E 123 11.60 15.71 -7.22
C VAL E 123 11.72 17.16 -6.80
N ILE E 124 12.67 17.87 -7.41
CA ILE E 124 12.85 19.29 -7.18
C ILE E 124 12.54 20.07 -8.45
N ALA E 125 11.65 21.06 -8.32
CA ALA E 125 11.35 21.96 -9.42
C ALA E 125 12.26 23.17 -9.36
N ALA E 126 12.90 23.49 -10.49
CA ALA E 126 13.72 24.70 -10.63
C ALA E 126 13.04 25.64 -11.60
N ILE E 127 12.59 26.76 -11.08
CA ILE E 127 11.64 27.66 -11.76
C ILE E 127 12.28 29.00 -12.11
N GLU E 128 12.25 29.34 -13.40
CA GLU E 128 12.58 30.67 -13.92
C GLU E 128 11.42 31.16 -14.78
N GLY E 129 11.21 32.46 -14.79
CA GLY E 129 10.21 33.06 -15.68
C GLY E 129 8.79 32.56 -15.40
N ALA E 130 7.99 32.46 -16.45
CA ALA E 130 6.58 32.15 -16.29
C ALA E 130 6.34 30.73 -15.76
N CYS E 131 5.53 30.67 -14.71
CA CYS E 131 5.08 29.44 -14.10
C CYS E 131 3.59 29.55 -13.82
N VAL E 132 2.79 29.23 -14.82
CA VAL E 132 1.38 29.57 -14.84
C VAL E 132 0.57 28.32 -15.13
N GLY E 133 -0.52 28.16 -14.38
CA GLY E 133 -1.58 27.21 -14.69
C GLY E 133 -1.07 25.82 -14.46
N GLY E 134 -0.99 25.04 -15.53
CA GLY E 134 -0.31 23.75 -15.50
C GLY E 134 1.10 23.80 -14.93
N GLY E 135 1.79 24.93 -15.14
CA GLY E 135 3.11 25.17 -14.56
C GLY E 135 3.13 25.12 -13.04
N VAL E 136 2.16 25.78 -12.42
CA VAL E 136 2.04 25.74 -10.97
C VAL E 136 1.72 24.31 -10.54
N SER E 137 0.81 23.67 -11.25
CA SER E 137 0.42 22.29 -10.92
C SER E 137 1.65 21.39 -10.94
N LEU E 138 2.45 21.51 -11.99
CA LEU E 138 3.70 20.74 -12.07
C LEU E 138 4.63 20.99 -10.88
N ALA E 139 4.84 22.27 -10.59
CA ALA E 139 5.71 22.71 -9.49
C ALA E 139 5.24 22.18 -8.14
N MSE E 140 3.92 22.23 -7.90
CA MSE E 140 3.37 21.77 -6.62
C MSE E 140 3.38 20.24 -6.48
O MSE E 140 3.30 19.72 -5.37
CB MSE E 140 1.95 22.25 -6.39
CG MSE E 140 1.75 23.76 -6.40
SE MSE E 140 3.12 24.69 -5.35
CE MSE E 140 2.68 23.90 -3.65
N ALA E 141 3.42 19.53 -7.61
CA ALA E 141 3.55 18.07 -7.60
C ALA E 141 4.96 17.65 -7.16
N ALA E 142 5.95 18.47 -7.49
CA ALA E 142 7.31 18.26 -6.98
C ALA E 142 7.35 18.31 -5.45
N ASP E 143 8.38 17.71 -4.88
CA ASP E 143 8.57 17.78 -3.42
C ASP E 143 9.06 19.15 -2.95
N LEU E 144 9.95 19.75 -3.74
CA LEU E 144 10.65 20.98 -3.36
C LEU E 144 10.70 21.91 -4.55
N ARG E 145 10.67 23.21 -4.27
CA ARG E 145 10.64 24.23 -5.29
C ARG E 145 11.63 25.35 -5.02
N VAL E 146 12.48 25.61 -6.00
CA VAL E 146 13.36 26.77 -5.96
C VAL E 146 13.11 27.60 -7.23
N ALA E 147 12.96 28.90 -7.02
CA ALA E 147 12.68 29.82 -8.12
C ALA E 147 13.66 30.97 -8.11
N GLY E 148 13.99 31.42 -9.31
CA GLY E 148 14.74 32.63 -9.52
C GLY E 148 13.86 33.86 -9.37
N GLU E 149 14.46 34.95 -8.92
CA GLU E 149 13.75 36.23 -8.96
C GLU E 149 13.31 36.51 -10.38
N GLY E 150 12.21 37.23 -10.53
CA GLY E 150 11.65 37.49 -11.84
C GLY E 150 10.69 36.42 -12.34
N ALA E 151 10.66 35.26 -11.70
CA ALA E 151 9.66 34.25 -12.01
C ALA E 151 8.27 34.76 -11.66
N LYS E 152 7.27 34.34 -12.44
CA LYS E 152 5.88 34.82 -12.30
C LYS E 152 4.94 33.62 -12.19
N PHE E 153 3.97 33.75 -11.29
CA PHE E 153 3.13 32.63 -10.89
C PHE E 153 1.68 33.00 -11.03
N GLY E 154 0.87 32.05 -11.43
CA GLY E 154 -0.56 32.26 -11.48
C GLY E 154 -1.33 30.99 -11.79
N VAL E 155 -2.56 30.94 -11.28
CA VAL E 155 -3.44 29.80 -11.51
C VAL E 155 -4.79 30.36 -11.94
N THR E 156 -5.16 30.05 -13.18
CA THR E 156 -6.21 30.81 -13.90
C THR E 156 -7.49 30.07 -14.39
N PRO E 157 -7.83 28.88 -13.83
CA PRO E 157 -9.08 28.25 -14.34
C PRO E 157 -10.33 29.11 -14.16
N GLY E 158 -10.33 29.94 -13.12
CA GLY E 158 -11.39 30.91 -12.92
C GLY E 158 -11.62 31.87 -14.06
N LYS E 159 -10.56 32.19 -14.80
CA LYS E 159 -10.69 33.11 -15.95
C LYS E 159 -11.41 32.49 -17.14
N LEU E 160 -11.66 31.18 -17.08
CA LEU E 160 -12.28 30.43 -18.15
C LEU E 160 -13.61 29.76 -17.83
N GLY E 161 -13.99 29.71 -16.56
CA GLY E 161 -15.16 28.99 -16.11
C GLY E 161 -14.89 27.55 -15.69
N LEU E 162 -13.62 27.22 -15.50
CA LEU E 162 -13.22 25.90 -15.06
C LEU E 162 -13.02 25.91 -13.53
N VAL E 163 -12.72 24.73 -12.99
CA VAL E 163 -12.32 24.57 -11.60
C VAL E 163 -11.00 23.78 -11.50
N TYR E 164 -10.11 24.25 -10.63
CA TYR E 164 -8.83 23.61 -10.38
C TYR E 164 -9.12 22.24 -9.74
N PRO E 165 -8.48 21.17 -10.22
CA PRO E 165 -8.85 19.85 -9.69
C PRO E 165 -8.51 19.64 -8.23
N ALA E 166 -9.08 18.57 -7.70
CA ALA E 166 -8.93 18.21 -6.29
C ALA E 166 -7.45 18.04 -5.90
N GLY E 167 -6.72 17.25 -6.69
CA GLY E 167 -5.32 16.98 -6.42
C GLY E 167 -4.46 18.25 -6.42
N ASP E 168 -4.65 19.04 -7.47
CA ASP E 168 -3.88 20.30 -7.63
C ASP E 168 -4.22 21.27 -6.48
N THR E 169 -5.50 21.36 -6.15
CA THR E 169 -5.97 22.22 -5.06
C THR E 169 -5.39 21.76 -3.71
N ARG E 170 -5.44 20.46 -3.47
CA ARG E 170 -4.90 19.85 -2.25
C ARG E 170 -3.44 20.26 -2.04
N ARG E 171 -2.65 20.05 -3.09
CA ARG E 171 -1.21 20.33 -3.04
C ARG E 171 -0.96 21.82 -2.79
N LEU E 172 -1.77 22.67 -3.40
CA LEU E 172 -1.63 24.11 -3.21
C LEU E 172 -1.97 24.50 -1.78
N LEU E 173 -3.14 24.06 -1.31
CA LEU E 173 -3.59 24.24 0.11
C LEU E 173 -2.54 23.86 1.14
N ALA E 174 -1.96 22.69 0.96
CA ALA E 174 -0.99 22.17 1.90
C ALA E 174 0.24 23.06 2.03
N ALA E 175 0.59 23.75 0.96
CA ALA E 175 1.74 24.66 0.96
C ALA E 175 1.42 26.05 1.47
N VAL E 176 0.30 26.62 1.05
CA VAL E 176 0.04 28.04 1.30
C VAL E 176 -1.15 28.37 2.23
N GLY E 177 -1.98 27.39 2.55
CA GLY E 177 -3.12 27.59 3.44
C GLY E 177 -4.36 28.09 2.71
N PRO E 178 -5.50 28.13 3.42
CA PRO E 178 -6.79 28.36 2.77
C PRO E 178 -6.94 29.77 2.23
N GLY E 179 -6.54 30.77 3.00
CA GLY E 179 -6.69 32.17 2.57
C GLY E 179 -5.94 32.47 1.29
N ALA E 180 -4.66 32.11 1.27
CA ALA E 180 -3.81 32.33 0.11
C ALA E 180 -4.24 31.51 -1.11
N THR E 181 -4.71 30.29 -0.87
CA THR E 181 -5.25 29.46 -1.96
C THR E 181 -6.49 30.11 -2.60
N LYS E 182 -7.39 30.60 -1.75
CA LYS E 182 -8.57 31.32 -2.22
C LYS E 182 -8.21 32.59 -2.99
N ASP E 183 -7.25 33.34 -2.49
CA ASP E 183 -6.78 34.55 -3.20
C ASP E 183 -6.31 34.21 -4.61
N ILE E 184 -5.40 33.27 -4.69
CA ILE E 184 -4.82 32.79 -5.95
C ILE E 184 -5.89 32.33 -6.95
N LEU E 185 -6.80 31.48 -6.49
CA LEU E 185 -7.78 30.88 -7.36
C LEU E 185 -8.99 31.78 -7.64
N PHE E 186 -9.44 32.53 -6.64
CA PHE E 186 -10.56 33.49 -6.84
C PHE E 186 -10.21 34.65 -7.80
N THR E 187 -8.95 35.08 -7.81
CA THR E 187 -8.52 36.21 -8.68
C THR E 187 -7.91 35.77 -9.99
N GLY E 188 -7.25 34.62 -9.97
CA GLY E 188 -6.43 34.20 -11.10
C GLY E 188 -5.29 35.17 -11.40
N ARG E 189 -4.87 35.94 -10.41
CA ARG E 189 -3.87 36.97 -10.62
C ARG E 189 -2.46 36.38 -10.77
N ILE E 190 -1.64 37.09 -11.53
CA ILE E 190 -0.21 36.78 -11.70
C ILE E 190 0.60 37.49 -10.62
N PHE E 191 1.43 36.75 -9.91
CA PHE E 191 2.21 37.30 -8.80
C PHE E 191 3.68 36.94 -8.88
N THR E 192 4.49 37.69 -8.15
CA THR E 192 5.95 37.58 -8.25
C THR E 192 6.51 36.40 -7.44
N ALA E 193 7.74 36.04 -7.77
CA ALA E 193 8.51 35.05 -7.02
C ALA E 193 8.69 35.44 -5.56
N GLY E 194 8.92 36.74 -5.31
CA GLY E 194 8.98 37.26 -3.95
C GLY E 194 7.72 36.99 -3.14
N GLU E 195 6.55 37.24 -3.74
CA GLU E 195 5.29 36.93 -3.07
C GLU E 195 5.09 35.40 -2.91
N ALA E 196 5.44 34.65 -3.95
CA ALA E 196 5.37 33.18 -3.88
C ALA E 196 6.17 32.62 -2.72
N LYS E 197 7.38 33.17 -2.53
CA LYS E 197 8.23 32.77 -1.39
C LYS E 197 7.55 33.10 -0.07
N SER E 198 7.06 34.32 -0.01
CA SER E 198 6.36 34.82 1.17
C SER E 198 5.12 33.99 1.54
N LEU E 199 4.37 33.57 0.53
CA LEU E 199 3.20 32.71 0.73
C LEU E 199 3.51 31.27 1.12
N GLY E 200 4.75 30.83 0.91
CA GLY E 200 5.15 29.43 1.08
C GLY E 200 4.95 28.54 -0.16
N LEU E 201 4.61 29.15 -1.30
CA LEU E 201 4.37 28.40 -2.53
C LEU E 201 5.66 27.76 -3.02
N ILE E 202 6.74 28.54 -2.96
CA ILE E 202 8.08 28.05 -3.22
C ILE E 202 8.85 28.01 -1.92
N ASP E 203 9.87 27.15 -1.89
CA ASP E 203 10.63 26.88 -0.68
C ASP E 203 11.88 27.73 -0.63
N ARG E 204 12.45 28.03 -1.80
CA ARG E 204 13.64 28.86 -1.90
C ARG E 204 13.55 29.86 -3.01
N LEU E 205 14.03 31.06 -2.70
CA LEU E 205 14.10 32.16 -3.66
C LEU E 205 15.57 32.52 -3.85
N VAL E 206 16.01 32.50 -5.10
CA VAL E 206 17.40 32.75 -5.41
C VAL E 206 17.49 33.80 -6.51
N GLU E 207 18.71 34.26 -6.75
CA GLU E 207 18.99 35.19 -7.84
C GLU E 207 18.50 34.71 -9.16
N LYS E 208 17.96 35.63 -9.94
CA LYS E 208 17.47 35.35 -11.29
C LYS E 208 18.51 34.59 -12.12
N GLY E 209 18.06 33.59 -12.84
CA GLY E 209 18.93 32.76 -13.64
C GLY E 209 19.77 31.72 -12.89
N THR E 210 19.65 31.62 -11.57
CA THR E 210 20.45 30.64 -10.79
C THR E 210 19.65 29.47 -10.20
N ALA E 211 18.35 29.38 -10.53
CA ALA E 211 17.47 28.36 -9.91
C ALA E 211 17.92 26.93 -10.21
N LEU E 212 18.32 26.70 -11.46
CA LEU E 212 18.74 25.36 -11.88
C LEU E 212 20.00 24.92 -11.12
N GLU E 213 20.99 25.80 -11.06
CA GLU E 213 22.21 25.51 -10.31
C GLU E 213 21.92 25.27 -8.81
N ALA E 214 21.04 26.10 -8.26
CA ALA E 214 20.66 25.95 -6.86
C ALA E 214 19.98 24.61 -6.63
N ALA E 215 19.12 24.22 -7.55
CA ALA E 215 18.42 22.92 -7.46
C ALA E 215 19.42 21.75 -7.51
N ARG E 216 20.40 21.88 -8.40
CA ARG E 216 21.44 20.84 -8.56
C ARG E 216 22.29 20.66 -7.31
N VAL E 217 22.72 21.79 -6.72
CA VAL E 217 23.46 21.74 -5.46
C VAL E 217 22.61 21.17 -4.31
N TRP E 218 21.35 21.60 -4.22
CA TRP E 218 20.43 21.08 -3.20
C TRP E 218 20.25 19.56 -3.36
N ALA E 219 20.03 19.14 -4.59
CA ALA E 219 19.91 17.72 -4.93
C ALA E 219 21.20 16.94 -4.57
N GLY E 220 22.34 17.55 -4.85
CA GLY E 220 23.63 17.01 -4.41
C GLY E 220 23.71 16.71 -2.92
N GLU E 221 23.23 17.66 -2.11
CA GLU E 221 23.23 17.46 -0.64
C GLU E 221 22.39 16.25 -0.25
N ILE E 222 21.23 16.11 -0.88
CA ILE E 222 20.29 15.02 -0.54
C ILE E 222 20.87 13.68 -1.03
N ALA E 223 21.44 13.71 -2.22
CA ALA E 223 22.15 12.56 -2.79
C ALA E 223 23.26 11.99 -1.91
N ALA E 224 23.91 12.85 -1.13
CA ALA E 224 25.05 12.44 -0.30
C ALA E 224 24.65 11.63 0.93
N ILE E 225 23.40 11.67 1.32
CA ILE E 225 22.97 10.94 2.52
C ILE E 225 22.36 9.56 2.15
N SER E 226 21.75 8.86 3.10
CA SER E 226 21.09 7.56 2.80
C SER E 226 19.84 7.74 1.92
N GLN E 227 19.86 7.11 0.75
CA GLN E 227 18.70 7.14 -0.14
C GLN E 227 17.57 6.26 0.40
N TRP E 228 17.91 5.23 1.18
CA TRP E 228 16.86 4.50 1.88
C TRP E 228 16.05 5.49 2.75
N SER E 229 16.76 6.31 3.52
CA SER E 229 16.13 7.28 4.42
C SER E 229 15.31 8.32 3.69
N VAL E 230 15.90 8.85 2.62
CA VAL E 230 15.25 9.87 1.80
C VAL E 230 13.88 9.36 1.31
N ARG E 231 13.88 8.16 0.74
CA ARG E 231 12.66 7.58 0.19
C ARG E 231 11.64 7.19 1.25
N ALA E 232 12.14 6.63 2.35
CA ALA E 232 11.29 6.30 3.49
C ALA E 232 10.64 7.56 4.10
N THR E 233 11.44 8.63 4.19
CA THR E 233 10.95 9.92 4.70
C THR E 233 9.79 10.41 3.86
N LYS E 234 9.97 10.40 2.55
CA LYS E 234 8.91 10.78 1.61
C LYS E 234 7.63 9.94 1.79
N ARG E 235 7.77 8.62 1.91
CA ARG E 235 6.62 7.74 2.19
C ARG E 235 5.95 8.09 3.52
N MSE E 236 6.75 8.34 4.56
CA MSE E 236 6.19 8.69 5.87
C MSE E 236 5.36 9.96 5.80
O MSE E 236 4.26 10.02 6.35
CB MSE E 236 7.29 8.84 6.91
CG MSE E 236 6.77 9.09 8.32
SE MSE E 236 5.97 7.47 9.11
CE MSE E 236 7.67 6.62 9.64
N ILE E 237 5.90 10.97 5.13
CA ILE E 237 5.23 12.24 5.01
C ILE E 237 3.91 12.07 4.22
N ARG E 238 4.00 11.46 3.04
CA ARG E 238 2.82 11.22 2.20
C ARG E 238 1.77 10.43 3.03
N GLY E 239 2.25 9.42 3.76
CA GLY E 239 1.38 8.64 4.62
C GLY E 239 0.63 9.49 5.64
N LEU E 240 1.37 10.33 6.35
CA LEU E 240 0.80 11.25 7.36
C LEU E 240 -0.20 12.26 6.76
N GLN E 241 0.07 12.70 5.54
CA GLN E 241 -0.84 13.58 4.80
C GLN E 241 -2.15 12.88 4.41
N THR E 242 -2.07 11.60 4.08
CA THR E 242 -3.24 10.81 3.67
C THR E 242 -3.85 10.00 4.80
N GLY E 243 -3.73 10.45 6.05
CA GLY E 243 -4.46 9.86 7.17
C GLY E 243 -3.75 8.92 8.15
N TRP E 244 -2.49 8.55 7.91
CA TRP E 244 -1.75 7.73 8.90
C TRP E 244 -1.65 8.43 10.25
N THR E 245 -1.77 7.66 11.31
CA THR E 245 -1.48 8.12 12.65
C THR E 245 -0.26 7.38 13.17
N ASP E 246 0.16 7.72 14.38
CA ASP E 246 1.31 7.07 15.01
C ASP E 246 1.06 5.55 15.19
N GLU E 247 -0.21 5.19 15.35
CA GLU E 247 -0.62 3.77 15.51
C GLU E 247 -0.73 2.97 14.18
N THR E 248 -0.89 3.65 13.04
CA THR E 248 -1.04 2.98 11.74
C THR E 248 0.06 1.95 11.51
N PRO E 249 -0.31 0.67 11.26
CA PRO E 249 0.71 -0.39 11.09
C PRO E 249 1.83 -0.10 10.10
N GLU E 250 1.47 0.46 8.97
CA GLU E 250 2.44 0.80 7.91
C GLU E 250 3.46 1.85 8.40
N ALA E 251 2.99 2.79 9.22
CA ALA E 251 3.88 3.81 9.82
C ALA E 251 4.84 3.17 10.81
N GLN E 252 4.33 2.25 11.62
CA GLN E 252 5.16 1.51 12.58
C GLN E 252 6.20 0.64 11.89
N SER E 253 5.78 -0.10 10.87
CA SER E 253 6.71 -1.00 10.18
C SER E 253 7.75 -0.22 9.36
N LEU E 254 7.35 0.92 8.79
CA LEU E 254 8.28 1.79 8.11
C LEU E 254 9.40 2.27 9.08
N PHE E 255 8.98 2.68 10.27
CA PHE E 255 9.94 3.06 11.33
C PHE E 255 10.90 1.94 11.73
N LEU E 256 10.33 0.77 11.98
CA LEU E 256 11.13 -0.39 12.34
C LEU E 256 12.07 -0.83 11.23
N ASN E 257 11.65 -0.69 9.96
CA ASN E 257 12.55 -0.97 8.82
C ASN E 257 13.76 -0.06 8.77
N GLY E 258 13.66 1.10 9.42
CA GLY E 258 14.81 1.98 9.67
C GLY E 258 16.01 1.32 10.32
N PHE E 259 15.76 0.37 11.25
CA PHE E 259 16.88 -0.43 11.84
C PHE E 259 17.32 -1.66 11.06
N ALA E 260 16.57 -2.06 10.03
CA ALA E 260 16.77 -3.34 9.32
C ALA E 260 16.80 -3.08 7.80
N ASN E 261 17.52 -2.06 7.37
CA ASN E 261 17.84 -1.87 5.95
C ASN E 261 19.33 -1.82 5.71
N GLU E 262 19.73 -2.00 4.45
CA GLU E 262 21.18 -2.09 4.13
C GLU E 262 21.95 -0.80 4.44
N ASP E 263 21.30 0.36 4.29
CA ASP E 263 21.96 1.64 4.63
C ASP E 263 22.23 1.77 6.12
N PHE E 264 21.25 1.47 6.96
CA PHE E 264 21.47 1.54 8.42
C PHE E 264 22.53 0.56 8.90
N LYS E 265 22.51 -0.63 8.36
CA LYS E 265 23.54 -1.63 8.61
C LYS E 265 24.93 -1.08 8.37
N GLU E 266 25.09 -0.36 7.26
CA GLU E 266 26.34 0.34 6.92
C GLU E 266 26.59 1.55 7.83
N GLY E 267 25.53 2.32 8.08
CA GLY E 267 25.62 3.49 8.94
C GLY E 267 26.10 3.12 10.34
N TYR E 268 25.50 2.08 10.89
CA TYR E 268 25.88 1.52 12.19
C TYR E 268 27.34 1.05 12.22
N ARG E 269 27.74 0.29 11.22
CA ARG E 269 29.15 -0.13 11.05
C ARG E 269 30.13 1.04 10.97
N ALA E 270 29.78 2.02 10.16
CA ALA E 270 30.62 3.19 9.94
C ALA E 270 30.82 3.98 11.24
N PHE E 271 29.76 4.08 12.02
CA PHE E 271 29.84 4.74 13.33
C PHE E 271 30.81 4.05 14.29
N LEU E 272 30.74 2.72 14.32
CA LEU E 272 31.61 1.91 15.17
C LEU E 272 33.06 1.93 14.68
N ASP E 273 33.24 1.79 13.36
CA ASP E 273 34.60 1.85 12.74
C ASP E 273 35.21 3.27 12.68
N LYS E 274 34.42 4.29 12.98
CA LYS E 274 34.84 5.71 12.98
C LYS E 274 35.33 6.17 11.60
N ARG E 275 34.52 5.87 10.60
CA ARG E 275 34.76 6.24 9.20
C ARG E 275 33.48 6.80 8.58
N PRO E 276 33.58 7.49 7.43
CA PRO E 276 32.36 7.95 6.78
C PRO E 276 31.52 6.78 6.31
N ALA E 277 30.20 6.93 6.43
CA ALA E 277 29.27 5.97 5.84
C ALA E 277 29.35 6.05 4.32
N LYS E 278 29.33 4.88 3.70
CA LYS E 278 29.25 4.77 2.24
C LYS E 278 27.99 3.99 1.89
N PHE E 279 26.90 4.73 1.69
CA PHE E 279 25.58 4.11 1.55
C PHE E 279 25.39 3.49 0.18
N THR E 280 24.79 2.31 0.15
CA THR E 280 24.69 1.49 -1.06
C THR E 280 23.27 1.32 -1.60
N TYR E 281 22.26 1.58 -0.80
CA TYR E 281 20.87 1.36 -1.23
C TYR E 281 20.52 2.20 -2.46
N ARG E 282 20.00 1.60 -3.51
CA ARG E 282 19.62 2.39 -4.69
C ARG E 282 18.41 1.80 -5.39
N GLN F 21 22.32 15.76 45.43
CA GLN F 21 21.69 14.66 44.63
C GLN F 21 20.92 15.17 43.39
N SER F 22 20.19 16.28 43.52
CA SER F 22 19.38 16.84 42.41
C SER F 22 20.25 17.37 41.25
N MSE F 23 21.44 17.90 41.58
CA MSE F 23 22.42 18.41 40.59
C MSE F 23 23.19 17.33 39.86
O MSE F 23 23.64 17.54 38.74
CB MSE F 23 23.44 19.34 41.26
CG MSE F 23 22.83 20.58 41.93
SE MSE F 23 21.92 21.75 40.60
CE MSE F 23 20.06 21.34 41.13
N THR F 24 23.39 16.16 40.45
CA THR F 24 23.95 15.03 39.66
C THR F 24 22.98 14.45 38.58
N LEU F 25 21.68 14.59 38.81
CA LEU F 25 20.66 14.02 37.92
C LEU F 25 20.79 14.57 36.50
N PRO F 26 20.77 13.70 35.47
CA PRO F 26 20.95 14.21 34.11
C PRO F 26 19.75 14.98 33.57
N ILE F 27 18.60 14.83 34.21
CA ILE F 27 17.40 15.60 33.92
C ILE F 27 16.64 15.74 35.23
N ARG F 28 16.04 16.89 35.46
CA ARG F 28 15.29 17.10 36.72
C ARG F 28 14.12 18.03 36.55
N LEU F 29 13.28 18.07 37.58
CA LEU F 29 12.17 18.99 37.65
C LEU F 29 12.37 19.99 38.77
N ASP F 30 12.50 21.27 38.41
CA ASP F 30 12.56 22.36 39.39
C ASP F 30 11.18 22.97 39.50
N ILE F 31 10.73 23.19 40.73
CA ILE F 31 9.44 23.82 41.00
C ILE F 31 9.70 25.22 41.51
N ALA F 32 9.09 26.20 40.86
CA ALA F 32 9.12 27.58 41.30
C ALA F 32 7.80 28.21 40.88
N ALA F 33 6.77 27.99 41.70
CA ALA F 33 5.40 28.34 41.38
C ALA F 33 5.31 29.77 40.82
N PRO F 34 4.56 30.02 39.74
CA PRO F 34 3.67 29.05 39.07
C PRO F 34 4.31 28.17 37.98
N LEU F 35 5.64 28.11 37.94
CA LEU F 35 6.35 27.31 36.95
C LEU F 35 6.93 25.99 37.50
N ALA F 36 7.00 25.01 36.64
CA ALA F 36 7.86 23.85 36.79
C ALA F 36 8.79 23.82 35.59
N GLU F 37 10.03 23.48 35.81
CA GLU F 37 11.03 23.51 34.76
C GLU F 37 11.69 22.16 34.65
N ILE F 38 11.54 21.53 33.49
CA ILE F 38 12.28 20.30 33.19
C ILE F 38 13.65 20.76 32.67
N VAL F 39 14.69 20.49 33.44
CA VAL F 39 16.02 21.00 33.13
C VAL F 39 16.95 19.88 32.73
N LEU F 40 17.46 19.95 31.51
CA LEU F 40 18.38 18.93 30.99
C LEU F 40 19.73 19.29 31.57
N ASN F 41 20.45 18.28 32.04
CA ASN F 41 21.64 18.55 32.85
C ASN F 41 22.76 17.53 32.70
N LYS F 42 23.18 17.34 31.48
CA LYS F 42 24.36 16.53 31.16
C LYS F 42 25.35 17.40 30.42
N PRO F 43 25.91 18.40 31.11
CA PRO F 43 26.60 19.49 30.38
C PRO F 43 27.84 18.97 29.67
N GLU F 44 28.46 17.95 30.25
CA GLU F 44 29.63 17.29 29.68
C GLU F 44 29.38 16.53 28.36
N ARG F 45 28.12 16.29 28.02
CA ARG F 45 27.74 15.80 26.68
C ARG F 45 26.83 16.79 25.93
N ARG F 46 26.81 18.05 26.36
CA ARG F 46 25.93 19.11 25.79
C ARG F 46 24.49 18.62 25.69
N ASN F 47 24.07 17.98 26.77
CA ASN F 47 22.69 17.50 26.97
C ASN F 47 22.23 16.51 25.93
N ALA F 48 23.19 15.81 25.35
CA ALA F 48 22.87 14.70 24.46
C ALA F 48 21.96 13.76 25.23
N LEU F 49 20.90 13.32 24.58
CA LEU F 49 19.87 12.56 25.25
C LEU F 49 20.20 11.06 25.40
N SER F 50 20.14 10.60 26.64
CA SER F 50 20.44 9.20 26.99
C SER F 50 19.16 8.48 27.40
N VAL F 51 19.27 7.16 27.50
CA VAL F 51 18.17 6.28 27.89
C VAL F 51 17.51 6.77 29.17
N ASP F 52 18.32 7.05 30.19
CA ASP F 52 17.79 7.46 31.50
C ASP F 52 17.09 8.80 31.47
N MSE F 53 17.54 9.69 30.60
CA MSE F 53 16.84 10.99 30.42
C MSE F 53 15.46 10.78 29.83
O MSE F 53 14.45 11.22 30.37
CB MSE F 53 17.69 11.92 29.58
CG MSE F 53 18.85 12.47 30.42
SE MSE F 53 20.33 13.11 29.28
CE MSE F 53 19.62 14.93 28.94
N TRP F 54 15.41 10.07 28.70
CA TRP F 54 14.13 9.75 28.07
C TRP F 54 13.17 9.05 29.06
N ALA F 55 13.70 8.07 29.80
CA ALA F 55 12.91 7.22 30.69
C ALA F 55 12.28 8.02 31.83
N ALA F 56 12.96 9.08 32.24
CA ALA F 56 12.53 9.94 33.35
C ALA F 56 11.42 10.94 32.97
N ILE F 57 11.29 11.27 31.69
CA ILE F 57 10.45 12.39 31.26
C ILE F 57 8.93 12.22 31.61
N PRO F 58 8.33 11.06 31.30
CA PRO F 58 6.95 10.90 31.67
C PRO F 58 6.65 11.15 33.16
N GLY F 59 7.54 10.70 34.03
CA GLY F 59 7.40 10.93 35.48
C GLY F 59 7.48 12.41 35.86
N LEU F 60 8.41 13.12 35.25
CA LEU F 60 8.58 14.55 35.54
C LEU F 60 7.35 15.34 35.09
N VAL F 61 6.86 15.00 33.91
CA VAL F 61 5.65 15.63 33.38
C VAL F 61 4.48 15.35 34.31
N ALA F 62 4.33 14.10 34.71
CA ALA F 62 3.25 13.71 35.66
C ALA F 62 3.34 14.46 36.99
N GLU F 63 4.55 14.59 37.51
CA GLU F 63 4.76 15.33 38.76
C GLU F 63 4.28 16.79 38.63
N ALA F 64 4.71 17.44 37.55
CA ALA F 64 4.33 18.86 37.29
C ALA F 64 2.82 19.01 37.17
N ASN F 65 2.18 18.09 36.45
CA ASN F 65 0.74 18.12 36.27
C ASN F 65 -0.08 17.82 37.52
N ALA F 66 0.49 17.05 38.43
CA ALA F 66 -0.19 16.75 39.71
C ALA F 66 -0.05 17.83 40.76
N ASN F 67 0.96 18.68 40.64
CA ASN F 67 1.24 19.73 41.62
C ASN F 67 0.36 20.97 41.34
N PRO F 68 -0.62 21.25 42.22
CA PRO F 68 -1.55 22.36 41.96
C PRO F 68 -0.94 23.77 41.95
N ASP F 69 0.24 23.95 42.52
CA ASP F 69 0.94 25.24 42.43
C ASP F 69 1.55 25.50 41.05
N VAL F 70 1.68 24.45 40.25
CA VAL F 70 2.26 24.55 38.93
C VAL F 70 1.19 24.83 37.90
N LYS F 71 1.39 25.88 37.13
CA LYS F 71 0.49 26.21 36.00
C LYS F 71 1.09 25.91 34.65
N LEU F 72 2.37 26.21 34.49
CA LEU F 72 3.10 25.97 33.24
C LEU F 72 4.39 25.24 33.45
N ILE F 73 4.76 24.47 32.42
CA ILE F 73 5.96 23.68 32.39
C ILE F 73 6.88 24.25 31.34
N LEU F 74 8.15 24.42 31.71
CA LEU F 74 9.22 24.85 30.78
C LEU F 74 10.14 23.67 30.55
N ILE F 75 10.73 23.58 29.36
CA ILE F 75 11.84 22.65 29.10
C ILE F 75 13.01 23.45 28.62
N HIS F 76 14.17 23.25 29.24
CA HIS F 76 15.40 23.93 28.77
C HIS F 76 16.67 23.22 29.17
N GLY F 77 17.79 23.70 28.60
CA GLY F 77 19.10 23.06 28.77
C GLY F 77 19.96 23.52 29.93
N GLY F 78 19.37 24.23 30.86
CA GLY F 78 20.06 24.81 32.02
C GLY F 78 21.23 25.70 31.64
N ASP F 79 22.40 25.40 32.20
CA ASP F 79 23.65 26.11 31.90
C ASP F 79 24.66 25.22 31.11
N ALA F 80 24.17 24.19 30.40
CA ALA F 80 25.00 23.35 29.51
C ALA F 80 25.47 24.05 28.23
N GLY F 81 24.87 25.20 27.91
CA GLY F 81 25.18 25.92 26.66
C GLY F 81 24.58 25.26 25.42
N ALA F 82 23.72 24.27 25.64
CA ALA F 82 23.00 23.60 24.57
C ALA F 82 21.67 23.07 25.10
N PHE F 83 20.68 23.00 24.21
CA PHE F 83 19.36 22.46 24.56
C PHE F 83 19.50 20.93 24.61
N ALA F 84 19.88 20.35 23.47
CA ALA F 84 20.26 18.95 23.40
C ALA F 84 21.05 18.69 22.11
N ALA F 85 22.27 18.20 22.28
CA ALA F 85 23.21 17.95 21.18
C ALA F 85 23.11 16.52 20.55
N GLY F 86 24.06 16.22 19.65
CA GLY F 86 24.06 15.03 18.77
C GLY F 86 24.13 13.73 19.52
N ALA F 87 23.43 12.66 19.04
CA ALA F 87 22.82 11.57 19.90
C ALA F 87 23.89 11.15 20.88
N ASP F 88 23.49 10.65 22.07
CA ASP F 88 24.54 10.25 23.06
C ASP F 88 25.18 9.10 22.38
N ILE F 89 26.31 9.42 21.74
CA ILE F 89 27.02 8.49 20.89
C ILE F 89 27.51 7.25 21.62
N SER F 90 27.83 7.42 22.90
CA SER F 90 28.31 6.31 23.73
C SER F 90 27.27 5.20 23.95
N GLU F 91 25.99 5.51 23.78
CA GLU F 91 24.89 4.55 23.92
C GLU F 91 24.38 3.98 22.60
N PHE F 92 24.79 4.57 21.49
CA PHE F 92 24.49 4.08 20.15
C PHE F 92 24.66 2.56 20.02
N GLU F 93 25.79 2.07 20.48
CA GLU F 93 26.15 0.66 20.37
C GLU F 93 25.16 -0.22 21.12
N THR F 94 24.73 0.25 22.29
CA THR F 94 23.83 -0.46 23.18
C THR F 94 22.42 -0.45 22.58
N ILE F 95 21.89 0.75 22.35
CA ILE F 95 20.53 0.96 21.79
C ILE F 95 20.25 0.28 20.45
N TYR F 96 21.24 0.24 19.58
CA TYR F 96 21.12 -0.39 18.25
C TYR F 96 21.85 -1.72 18.08
N ALA F 97 22.31 -2.32 19.18
CA ALA F 97 22.93 -3.65 19.14
C ALA F 97 22.00 -4.71 18.55
N THR F 98 20.72 -4.65 18.92
CA THR F 98 19.71 -5.60 18.45
C THR F 98 18.44 -4.89 18.00
N GLU F 99 17.61 -5.61 17.28
CA GLU F 99 16.29 -5.13 16.88
C GLU F 99 15.44 -4.81 18.13
N ASP F 100 15.56 -5.66 19.15
CA ASP F 100 14.81 -5.49 20.39
C ASP F 100 15.18 -4.22 21.14
N ALA F 101 16.46 -3.98 21.28
CA ALA F 101 16.95 -2.80 21.97
C ALA F 101 16.48 -1.52 21.24
N ALA F 102 16.57 -1.55 19.91
CA ALA F 102 16.18 -0.44 19.07
C ALA F 102 14.69 -0.18 19.20
N LYS F 103 13.89 -1.24 19.18
CA LYS F 103 12.45 -1.13 19.36
C LYS F 103 12.09 -0.51 20.73
N ALA F 104 12.76 -0.99 21.78
CA ALA F 104 12.55 -0.46 23.12
C ALA F 104 12.92 1.03 23.22
N SER F 105 13.99 1.41 22.51
CA SER F 105 14.42 2.78 22.46
C SER F 105 13.32 3.65 21.87
N GLY F 106 12.79 3.20 20.74
CA GLY F 106 11.69 3.87 20.07
C GLY F 106 10.47 4.06 20.93
N GLN F 107 10.09 3.02 21.67
CA GLN F 107 8.94 3.08 22.59
C GLN F 107 9.16 4.07 23.74
N ARG F 108 10.35 4.00 24.32
CA ARG F 108 10.74 4.87 25.42
C ARG F 108 10.69 6.37 25.00
N ILE F 109 11.21 6.66 23.81
CA ILE F 109 11.25 8.01 23.29
C ILE F 109 9.84 8.50 22.95
N ALA F 110 9.05 7.66 22.29
CA ALA F 110 7.65 7.96 21.99
C ALA F 110 6.83 8.27 23.24
N GLN F 111 7.01 7.46 24.27
CA GLN F 111 6.36 7.71 25.57
C GLN F 111 6.71 9.07 26.16
N ALA F 112 8.01 9.40 26.14
CA ALA F 112 8.46 10.71 26.65
C ALA F 112 7.82 11.85 25.87
N LEU F 113 7.90 11.76 24.54
CA LEU F 113 7.39 12.83 23.68
C LEU F 113 5.88 12.98 23.76
N ASP F 114 5.17 11.86 23.74
CA ASP F 114 3.72 11.87 23.91
C ASP F 114 3.30 12.41 25.28
N ALA F 115 4.05 12.10 26.32
CA ALA F 115 3.78 12.65 27.65
C ALA F 115 3.87 14.18 27.65
N ILE F 116 4.90 14.70 27.01
CA ILE F 116 5.06 16.16 26.90
C ILE F 116 3.90 16.75 26.09
N GLU F 117 3.66 16.19 24.90
CA GLU F 117 2.62 16.68 23.99
C GLU F 117 1.25 16.70 24.64
N ASN F 118 0.90 15.63 25.33
CA ASN F 118 -0.38 15.50 25.99
C ASN F 118 -0.50 16.09 27.38
N SER F 119 0.56 16.70 27.89
CA SER F 119 0.54 17.37 29.18
C SER F 119 -0.71 18.24 29.25
N GLU F 120 -1.50 18.05 30.30
CA GLU F 120 -2.65 18.90 30.56
C GLU F 120 -2.25 20.38 30.68
N LYS F 121 -1.15 20.64 31.37
CA LYS F 121 -0.60 21.98 31.48
C LYS F 121 0.28 22.29 30.28
N PRO F 122 0.23 23.53 29.76
CA PRO F 122 1.10 23.84 28.62
C PRO F 122 2.59 23.75 28.91
N VAL F 123 3.33 23.44 27.86
CA VAL F 123 4.78 23.27 27.91
C VAL F 123 5.43 24.23 26.93
N ILE F 124 6.38 24.99 27.42
CA ILE F 124 7.17 25.91 26.61
C ILE F 124 8.64 25.47 26.59
N ALA F 125 9.19 25.29 25.40
CA ALA F 125 10.60 24.99 25.27
C ALA F 125 11.40 26.28 25.09
N ALA F 126 12.46 26.40 25.87
CA ALA F 126 13.38 27.54 25.77
C ALA F 126 14.70 27.00 25.27
N ILE F 127 15.09 27.45 24.09
CA ILE F 127 16.18 26.86 23.33
C ILE F 127 17.35 27.84 23.16
N GLU F 128 18.52 27.42 23.63
CA GLU F 128 19.81 28.10 23.33
C GLU F 128 20.78 27.06 22.76
N GLY F 129 21.64 27.49 21.86
CA GLY F 129 22.70 26.62 21.33
C GLY F 129 22.17 25.42 20.52
N ALA F 130 22.87 24.30 20.62
CA ALA F 130 22.51 23.11 19.83
C ALA F 130 21.16 22.51 20.22
N CYS F 131 20.33 22.33 19.19
CA CYS F 131 19.05 21.67 19.30
C CYS F 131 18.95 20.71 18.11
N VAL F 132 19.49 19.53 18.30
CA VAL F 132 19.69 18.59 17.20
C VAL F 132 19.06 17.24 17.54
N GLY F 133 18.34 16.68 16.56
CA GLY F 133 17.92 15.26 16.59
C GLY F 133 16.82 15.10 17.60
N GLY F 134 17.11 14.36 18.67
CA GLY F 134 16.20 14.26 19.83
C GLY F 134 15.79 15.61 20.39
N GLY F 135 16.72 16.58 20.27
CA GLY F 135 16.45 17.97 20.71
C GLY F 135 15.28 18.61 19.97
N VAL F 136 15.26 18.44 18.65
CA VAL F 136 14.16 18.94 17.85
C VAL F 136 12.86 18.20 18.22
N SER F 137 12.94 16.88 18.37
CA SER F 137 11.81 16.11 18.78
C SER F 137 11.21 16.60 20.12
N LEU F 138 12.08 16.82 21.10
CA LEU F 138 11.64 17.40 22.40
C LEU F 138 10.94 18.72 22.24
N ALA F 139 11.60 19.59 21.51
CA ALA F 139 11.07 20.96 21.26
C ALA F 139 9.70 20.92 20.61
N MSE F 140 9.52 20.01 19.64
CA MSE F 140 8.27 19.96 18.86
C MSE F 140 7.15 19.32 19.64
O MSE F 140 5.96 19.54 19.33
CB MSE F 140 8.42 19.20 17.54
CG MSE F 140 9.43 19.75 16.54
SE MSE F 140 9.30 21.70 16.35
CE MSE F 140 7.49 21.75 15.68
N ALA F 141 7.51 18.54 20.66
CA ALA F 141 6.50 18.00 21.58
C ALA F 141 5.91 19.09 22.47
N ALA F 142 6.70 20.10 22.77
CA ALA F 142 6.19 21.25 23.54
C ALA F 142 5.10 21.99 22.75
N ASP F 143 4.29 22.75 23.46
CA ASP F 143 3.28 23.58 22.83
C ASP F 143 3.85 24.79 22.12
N LEU F 144 4.85 25.41 22.74
CA LEU F 144 5.43 26.67 22.29
C LEU F 144 6.94 26.60 22.37
N ARG F 145 7.61 27.29 21.46
CA ARG F 145 9.06 27.29 21.38
C ARG F 145 9.61 28.69 21.24
N VAL F 146 10.53 29.03 22.13
CA VAL F 146 11.29 30.28 21.99
C VAL F 146 12.78 29.90 21.96
N ALA F 147 13.50 30.51 21.03
CA ALA F 147 14.93 30.26 20.90
C ALA F 147 15.71 31.56 20.85
N GLY F 148 16.91 31.48 21.40
CA GLY F 148 17.88 32.56 21.31
C GLY F 148 18.55 32.53 19.96
N GLU F 149 18.97 33.69 19.49
CA GLU F 149 19.84 33.74 18.31
C GLU F 149 21.10 32.92 18.61
N GLY F 150 21.66 32.35 17.56
CA GLY F 150 22.81 31.44 17.73
C GLY F 150 22.44 29.99 18.03
N ALA F 151 21.19 29.71 18.35
CA ALA F 151 20.73 28.33 18.44
C ALA F 151 20.77 27.68 17.07
N LYS F 152 21.05 26.38 17.07
CA LYS F 152 21.24 25.60 15.83
C LYS F 152 20.30 24.40 15.87
N PHE F 153 19.73 24.09 14.71
CA PHE F 153 18.69 23.06 14.58
C PHE F 153 19.02 22.10 13.48
N GLY F 154 18.68 20.84 13.73
CA GLY F 154 18.85 19.82 12.71
C GLY F 154 18.23 18.52 13.09
N VAL F 155 17.78 17.79 12.07
CA VAL F 155 17.18 16.48 12.27
C VAL F 155 17.88 15.54 11.30
N THR F 156 18.61 14.57 11.85
CA THR F 156 19.63 13.84 11.08
C THR F 156 19.48 12.31 10.88
N PRO F 157 18.28 11.72 11.05
CA PRO F 157 18.22 10.26 10.83
C PRO F 157 18.68 9.83 9.44
N GLY F 158 18.47 10.70 8.46
CA GLY F 158 18.93 10.46 7.11
C GLY F 158 20.42 10.29 6.95
N LYS F 159 21.20 10.89 7.83
CA LYS F 159 22.66 10.71 7.81
C LYS F 159 23.13 9.31 8.27
N LEU F 160 22.22 8.54 8.86
CA LEU F 160 22.53 7.24 9.43
C LEU F 160 21.84 6.05 8.77
N GLY F 161 20.85 6.31 7.91
CA GLY F 161 20.04 5.26 7.34
C GLY F 161 18.74 4.96 8.11
N LEU F 162 18.37 5.85 9.03
CA LEU F 162 17.18 5.67 9.84
C LEU F 162 16.04 6.47 9.22
N VAL F 163 14.87 6.36 9.84
CA VAL F 163 13.73 7.21 9.50
C VAL F 163 13.14 7.85 10.76
N TYR F 164 12.79 9.12 10.64
CA TYR F 164 12.18 9.89 11.73
C TYR F 164 10.79 9.28 12.01
N PRO F 165 10.46 9.04 13.30
CA PRO F 165 9.17 8.38 13.54
C PRO F 165 7.95 9.17 13.12
N ALA F 166 6.83 8.48 13.13
CA ALA F 166 5.55 9.05 12.75
C ALA F 166 5.15 10.26 13.61
N GLY F 167 5.23 10.11 14.92
CA GLY F 167 4.82 11.19 15.85
C GLY F 167 5.68 12.43 15.68
N ASP F 168 6.99 12.23 15.62
CA ASP F 168 7.96 13.32 15.47
C ASP F 168 7.75 14.02 14.12
N THR F 169 7.52 13.23 13.07
CA THR F 169 7.30 13.75 11.73
C THR F 169 5.98 14.54 11.69
N ARG F 170 4.93 14.01 12.32
CA ARG F 170 3.63 14.67 12.41
C ARG F 170 3.75 16.07 13.00
N ARG F 171 4.41 16.12 14.16
CA ARG F 171 4.57 17.37 14.89
C ARG F 171 5.39 18.37 14.11
N LEU F 172 6.42 17.90 13.40
CA LEU F 172 7.23 18.75 12.55
C LEU F 172 6.41 19.31 11.40
N LEU F 173 5.73 18.42 10.67
CA LEU F 173 4.82 18.80 9.57
C LEU F 173 3.81 19.88 9.94
N ALA F 174 3.17 19.70 11.09
CA ALA F 174 2.11 20.59 11.54
C ALA F 174 2.64 22.00 11.72
N ALA F 175 3.91 22.13 12.09
CA ALA F 175 4.53 23.43 12.32
C ALA F 175 5.08 24.07 11.07
N VAL F 176 5.77 23.29 10.22
CA VAL F 176 6.52 23.88 9.11
C VAL F 176 6.00 23.56 7.71
N GLY F 177 5.08 22.60 7.58
CA GLY F 177 4.53 22.25 6.26
C GLY F 177 5.39 21.21 5.52
N PRO F 178 4.86 20.67 4.43
CA PRO F 178 5.50 19.51 3.77
C PRO F 178 6.83 19.83 3.11
N GLY F 179 6.92 20.95 2.42
CA GLY F 179 8.16 21.32 1.73
C GLY F 179 9.34 21.47 2.69
N ALA F 180 9.13 22.27 3.72
CA ALA F 180 10.16 22.48 4.73
C ALA F 180 10.52 21.22 5.50
N THR F 181 9.52 20.40 5.80
CA THR F 181 9.77 19.12 6.50
C THR F 181 10.68 18.21 5.63
N LYS F 182 10.39 18.17 4.34
CA LYS F 182 11.18 17.40 3.38
C LYS F 182 12.60 17.93 3.27
N ASP F 183 12.74 19.25 3.21
CA ASP F 183 14.06 19.88 3.19
C ASP F 183 14.90 19.43 4.42
N ILE F 184 14.34 19.64 5.59
CA ILE F 184 14.98 19.31 6.86
C ILE F 184 15.41 17.82 6.92
N LEU F 185 14.49 16.93 6.61
CA LEU F 185 14.73 15.49 6.72
C LEU F 185 15.52 14.90 5.55
N PHE F 186 15.27 15.37 4.33
CA PHE F 186 16.04 14.88 3.15
C PHE F 186 17.54 15.29 3.19
N THR F 187 17.85 16.46 3.75
CA THR F 187 19.26 16.94 3.81
C THR F 187 19.95 16.62 5.14
N GLY F 188 19.19 16.56 6.22
CA GLY F 188 19.77 16.48 7.56
C GLY F 188 20.63 17.69 7.91
N ARG F 189 20.40 18.81 7.23
CA ARG F 189 21.27 19.97 7.39
C ARG F 189 21.01 20.68 8.73
N ILE F 190 22.07 21.31 9.23
CA ILE F 190 22.01 22.16 10.42
C ILE F 190 21.67 23.57 9.98
N PHE F 191 20.65 24.15 10.59
CA PHE F 191 20.21 25.52 10.23
C PHE F 191 20.08 26.42 11.46
N THR F 192 20.04 27.72 11.20
CA THR F 192 20.09 28.72 12.24
C THR F 192 18.72 28.93 12.87
N ALA F 193 18.75 29.54 14.04
CA ALA F 193 17.54 30.00 14.71
C ALA F 193 16.72 30.97 13.84
N GLY F 194 17.40 31.86 13.15
CA GLY F 194 16.74 32.77 12.19
C GLY F 194 15.92 32.02 11.14
N GLU F 195 16.52 30.99 10.56
CA GLU F 195 15.79 30.18 9.58
C GLU F 195 14.65 29.37 10.24
N ALA F 196 14.93 28.83 11.42
CA ALA F 196 13.91 28.10 12.19
C ALA F 196 12.68 28.96 12.45
N LYS F 197 12.91 30.22 12.81
CA LYS F 197 11.81 31.17 13.00
C LYS F 197 11.03 31.34 11.69
N SER F 198 11.77 31.61 10.64
CA SER F 198 11.23 31.85 9.33
C SER F 198 10.37 30.67 8.83
N LEU F 199 10.85 29.45 9.09
CA LEU F 199 10.13 28.25 8.71
C LEU F 199 8.89 27.95 9.58
N GLY F 200 8.78 28.60 10.73
CA GLY F 200 7.71 28.32 11.70
C GLY F 200 8.03 27.19 12.68
N LEU F 201 9.27 26.72 12.69
CA LEU F 201 9.70 25.65 13.61
C LEU F 201 9.70 26.10 15.06
N ILE F 202 10.18 27.31 15.26
CA ILE F 202 10.03 28.02 16.53
C ILE F 202 9.02 29.15 16.37
N ASP F 203 8.44 29.54 17.50
CA ASP F 203 7.38 30.57 17.54
C ASP F 203 7.91 31.95 17.86
N ARG F 204 9.00 32.01 18.64
CA ARG F 204 9.67 33.28 18.95
C ARG F 204 11.17 33.22 18.93
N LEU F 205 11.75 34.28 18.37
CA LEU F 205 13.17 34.42 18.25
C LEU F 205 13.56 35.61 19.08
N VAL F 206 14.50 35.41 19.99
CA VAL F 206 14.94 36.46 20.87
C VAL F 206 16.45 36.53 20.88
N GLU F 207 16.95 37.59 21.49
CA GLU F 207 18.38 37.78 21.68
C GLU F 207 19.05 36.59 22.33
N LYS F 208 20.25 36.27 21.85
CA LYS F 208 21.05 35.17 22.39
C LYS F 208 21.17 35.26 23.91
N GLY F 209 21.01 34.13 24.57
CA GLY F 209 21.06 34.10 26.02
C GLY F 209 19.82 34.60 26.77
N THR F 210 18.76 35.00 26.07
CA THR F 210 17.56 35.48 26.73
C THR F 210 16.34 34.58 26.58
N ALA F 211 16.50 33.38 25.99
CA ALA F 211 15.36 32.48 25.71
C ALA F 211 14.65 32.00 26.97
N LEU F 212 15.42 31.64 27.99
CA LEU F 212 14.83 31.20 29.26
C LEU F 212 13.98 32.31 29.91
N GLU F 213 14.54 33.51 30.00
CA GLU F 213 13.81 34.66 30.56
C GLU F 213 12.53 34.94 29.73
N ALA F 214 12.66 34.84 28.42
CA ALA F 214 11.51 35.10 27.53
C ALA F 214 10.44 34.05 27.70
N ALA F 215 10.84 32.79 27.88
CA ALA F 215 9.92 31.72 28.19
C ALA F 215 9.20 31.93 29.53
N ARG F 216 9.96 32.34 30.53
CA ARG F 216 9.40 32.63 31.85
C ARG F 216 8.37 33.75 31.84
N VAL F 217 8.67 34.87 31.18
CA VAL F 217 7.74 35.97 31.08
C VAL F 217 6.50 35.59 30.24
N TRP F 218 6.69 34.86 29.16
CA TRP F 218 5.59 34.34 28.34
C TRP F 218 4.69 33.43 29.18
N ALA F 219 5.32 32.53 29.93
CA ALA F 219 4.62 31.67 30.87
C ALA F 219 3.85 32.47 31.94
N GLY F 220 4.48 33.51 32.43
CA GLY F 220 3.84 34.45 33.36
C GLY F 220 2.54 35.04 32.82
N GLU F 221 2.58 35.46 31.56
CA GLU F 221 1.38 35.99 30.90
C GLU F 221 0.25 34.96 30.84
N ILE F 222 0.61 33.72 30.54
CA ILE F 222 -0.39 32.63 30.43
C ILE F 222 -0.91 32.28 31.81
N ALA F 223 -0.01 32.20 32.78
CA ALA F 223 -0.35 31.98 34.19
C ALA F 223 -1.36 32.97 34.78
N ALA F 224 -1.33 34.21 34.29
CA ALA F 224 -2.21 35.29 34.79
C ALA F 224 -3.65 35.17 34.34
N ILE F 225 -3.92 34.42 33.29
CA ILE F 225 -5.31 34.25 32.84
C ILE F 225 -5.94 33.00 33.45
N SER F 226 -7.13 32.63 32.99
CA SER F 226 -7.79 31.43 33.51
C SER F 226 -7.09 30.13 33.10
N GLN F 227 -6.65 29.34 34.09
CA GLN F 227 -6.03 28.06 33.81
C GLN F 227 -7.06 27.05 33.38
N TRP F 228 -8.30 27.21 33.82
CA TRP F 228 -9.38 26.39 33.28
C TRP F 228 -9.42 26.58 31.74
N SER F 229 -9.40 27.83 31.29
CA SER F 229 -9.42 28.14 29.85
C SER F 229 -8.19 27.61 29.11
N VAL F 230 -7.01 27.83 29.70
CA VAL F 230 -5.75 27.43 29.08
C VAL F 230 -5.76 25.93 28.78
N ARG F 231 -6.12 25.15 29.79
CA ARG F 231 -6.15 23.70 29.66
C ARG F 231 -7.23 23.19 28.73
N ALA F 232 -8.40 23.82 28.80
CA ALA F 232 -9.51 23.50 27.92
C ALA F 232 -9.12 23.80 26.47
N THR F 233 -8.45 24.92 26.28
CA THR F 233 -7.98 25.35 24.94
C THR F 233 -7.07 24.30 24.34
N LYS F 234 -6.10 23.85 25.15
CA LYS F 234 -5.17 22.84 24.69
C LYS F 234 -5.89 21.52 24.30
N ARG F 235 -6.83 21.08 25.12
CA ARG F 235 -7.68 19.88 24.83
C ARG F 235 -8.47 20.09 23.54
N MSE F 236 -9.05 21.28 23.37
CA MSE F 236 -9.83 21.60 22.16
C MSE F 236 -8.96 21.47 20.93
O MSE F 236 -9.38 20.88 19.93
CB MSE F 236 -10.48 22.98 22.24
CG MSE F 236 -11.38 23.28 21.06
SE MSE F 236 -13.06 22.28 21.21
CE MSE F 236 -13.97 23.45 22.50
N ILE F 237 -7.78 22.05 20.98
CA ILE F 237 -6.85 22.05 19.84
C ILE F 237 -6.40 20.63 19.48
N ARG F 238 -5.92 19.90 20.49
CA ARG F 238 -5.48 18.52 20.31
C ARG F 238 -6.65 17.70 19.74
N GLY F 239 -7.85 17.91 20.31
CA GLY F 239 -9.04 17.26 19.83
C GLY F 239 -9.27 17.50 18.34
N LEU F 240 -9.23 18.76 17.93
CA LEU F 240 -9.43 19.15 16.52
C LEU F 240 -8.37 18.55 15.57
N GLN F 241 -7.13 18.49 16.06
CA GLN F 241 -6.03 17.88 15.31
C GLN F 241 -6.20 16.35 15.14
N THR F 242 -6.79 15.71 16.13
CA THR F 242 -7.07 14.27 16.07
C THR F 242 -8.50 13.88 15.65
N GLY F 243 -9.15 14.71 14.84
CA GLY F 243 -10.43 14.37 14.20
C GLY F 243 -11.76 14.92 14.74
N TRP F 244 -11.77 15.63 15.87
CA TRP F 244 -13.00 16.26 16.37
C TRP F 244 -13.57 17.22 15.34
N THR F 245 -14.89 17.26 15.25
CA THR F 245 -15.60 18.29 14.48
C THR F 245 -16.41 19.15 15.44
N ASP F 246 -17.08 20.15 14.90
CA ASP F 246 -18.02 20.99 15.68
C ASP F 246 -19.14 20.16 16.34
N GLU F 247 -19.53 19.06 15.69
CA GLU F 247 -20.58 18.15 16.19
C GLU F 247 -20.10 17.13 17.27
N THR F 248 -18.78 16.86 17.35
CA THR F 248 -18.24 15.89 18.33
C THR F 248 -18.71 16.19 19.75
N PRO F 249 -19.37 15.23 20.42
CA PRO F 249 -19.92 15.48 21.78
C PRO F 249 -18.92 16.06 22.79
N GLU F 250 -17.71 15.54 22.79
CA GLU F 250 -16.66 16.00 23.71
C GLU F 250 -16.30 17.49 23.46
N ALA F 251 -16.32 17.92 22.19
CA ALA F 251 -16.10 19.31 21.83
C ALA F 251 -17.24 20.20 22.33
N GLN F 252 -18.47 19.73 22.18
CA GLN F 252 -19.66 20.47 22.64
C GLN F 252 -19.68 20.60 24.16
N SER F 253 -19.40 19.50 24.86
CA SER F 253 -19.46 19.53 26.32
C SER F 253 -18.30 20.35 26.90
N LEU F 254 -17.14 20.29 26.25
CA LEU F 254 -16.03 21.13 26.64
C LEU F 254 -16.42 22.61 26.57
N PHE F 255 -17.05 23.01 25.46
CA PHE F 255 -17.54 24.38 25.31
C PHE F 255 -18.54 24.78 26.40
N LEU F 256 -19.52 23.91 26.66
CA LEU F 256 -20.57 24.21 27.65
C LEU F 256 -20.03 24.26 29.06
N ASN F 257 -19.01 23.44 29.36
CA ASN F 257 -18.30 23.57 30.64
C ASN F 257 -17.61 24.92 30.85
N GLY F 258 -17.34 25.62 29.76
CA GLY F 258 -16.90 27.01 29.81
C GLY F 258 -17.77 27.89 30.70
N PHE F 259 -19.08 27.67 30.67
CA PHE F 259 -20.01 28.53 31.40
C PHE F 259 -20.26 28.06 32.81
N ALA F 260 -19.78 26.88 33.15
CA ALA F 260 -20.07 26.29 34.45
C ALA F 260 -18.90 26.13 35.40
N ASN F 261 -17.73 26.65 35.07
CA ASN F 261 -16.51 26.37 35.83
C ASN F 261 -16.24 27.54 36.78
N GLU F 262 -15.45 27.30 37.81
CA GLU F 262 -15.20 28.30 38.84
C GLU F 262 -14.49 29.57 38.35
N ASP F 263 -13.66 29.44 37.33
CA ASP F 263 -12.98 30.60 36.77
C ASP F 263 -13.98 31.54 36.08
N PHE F 264 -14.88 30.99 35.26
CA PHE F 264 -15.86 31.83 34.56
C PHE F 264 -16.74 32.65 35.52
N LYS F 265 -17.16 32.00 36.60
CA LYS F 265 -17.91 32.69 37.69
C LYS F 265 -17.19 33.98 38.16
N GLU F 266 -15.89 33.85 38.36
CA GLU F 266 -15.00 34.98 38.75
C GLU F 266 -14.73 35.96 37.62
N GLY F 267 -14.49 35.42 36.43
CA GLY F 267 -14.25 36.23 35.25
C GLY F 267 -15.43 37.17 35.00
N TYR F 268 -16.65 36.59 35.07
CA TYR F 268 -17.89 37.32 34.90
C TYR F 268 -18.00 38.45 35.90
N ARG F 269 -17.78 38.12 37.18
CA ARG F 269 -17.80 39.12 38.24
C ARG F 269 -16.78 40.25 38.01
N ALA F 270 -15.56 39.87 37.63
CA ALA F 270 -14.48 40.81 37.45
C ALA F 270 -14.74 41.79 36.30
N PHE F 271 -15.33 41.29 35.20
CA PHE F 271 -15.74 42.11 34.02
C PHE F 271 -16.80 43.16 34.43
N LEU F 272 -17.77 42.74 35.27
CA LEU F 272 -18.84 43.63 35.78
C LEU F 272 -18.31 44.66 36.81
N ASP F 273 -17.50 44.20 37.77
CA ASP F 273 -16.89 45.08 38.80
C ASP F 273 -15.76 45.98 38.28
N LYS F 274 -15.30 45.73 37.06
CA LYS F 274 -14.21 46.48 36.41
C LYS F 274 -12.89 46.41 37.21
N ARG F 275 -12.50 45.19 37.55
CA ARG F 275 -11.27 44.87 38.25
C ARG F 275 -10.57 43.67 37.56
N PRO F 276 -9.27 43.43 37.88
CA PRO F 276 -8.63 42.24 37.34
C PRO F 276 -9.24 40.94 37.87
N ALA F 277 -9.37 39.95 36.99
CA ALA F 277 -9.81 38.62 37.41
C ALA F 277 -8.72 38.01 38.30
N LYS F 278 -9.14 37.37 39.38
CA LYS F 278 -8.24 36.60 40.24
C LYS F 278 -8.73 35.14 40.20
N PHE F 279 -8.20 34.42 39.22
CA PHE F 279 -8.70 33.07 38.89
C PHE F 279 -8.17 32.04 39.86
N THR F 280 -9.05 31.15 40.28
CA THR F 280 -8.77 30.21 41.37
C THR F 280 -8.60 28.75 40.92
N TYR F 281 -9.08 28.40 39.72
CA TYR F 281 -8.99 26.99 39.26
C TYR F 281 -7.55 26.50 39.19
N ARG F 282 -7.29 25.36 39.83
CA ARG F 282 -5.96 24.77 39.91
C ARG F 282 -6.05 23.29 39.62
O1 PG4 G . -0.89 32.82 -19.58
C1 PG4 G . 0.07 32.49 -20.59
C2 PG4 G . 0.15 33.60 -21.65
O2 PG4 G . 0.96 33.17 -22.76
C3 PG4 G . 1.75 34.16 -23.42
C4 PG4 G . 3.22 34.11 -22.98
O3 PG4 G . 3.46 34.54 -21.63
C5 PG4 G . 3.19 35.93 -21.37
C6 PG4 G . 4.35 36.58 -20.64
O4 PG4 G . 4.89 37.66 -21.41
C7 PG4 G . 4.13 38.88 -21.38
C8 PG4 G . 5.06 40.05 -21.71
O5 PG4 G . 4.73 40.72 -22.94
C1 MLT H . -0.30 39.49 -18.85
O1 MLT H . -1.43 38.94 -18.95
O2 MLT H . 0.47 39.58 -19.82
C2 MLT H . 0.16 40.03 -17.52
O3 MLT H . 0.36 38.97 -16.57
C3 MLT H . -0.83 41.01 -16.90
C4 MLT H . -0.43 41.31 -15.46
O4 MLT H . -1.26 41.06 -14.57
O5 MLT H . 0.71 41.77 -15.21
#